data_9ME6
#
_entry.id   9ME6
#
_cell.length_a   1.00
_cell.length_b   1.00
_cell.length_c   1.00
_cell.angle_alpha   90.00
_cell.angle_beta   90.00
_cell.angle_gamma   90.00
#
_symmetry.space_group_name_H-M   'P 1'
#
loop_
_entity.id
_entity.type
_entity.pdbx_description
1 polymer 'Type 1 fimbrin D-mannose specific adhesin'
2 polymer 'mAb475 Heavy Chain Fragment'
3 polymer 'mAb475 Light Chain Fragment'
4 polymer 'mAb824 Heavy Chain Fragment'
5 polymer 'mAb824 Light Chain Fragment'
6 polymer 'mAb21 Heavy Chain Fragment'
7 polymer 'mAb21 Light Chain Fragment'
8 branched alpha-D-mannopyranose-(1-3)-[alpha-D-mannopyranose-(1-6)]alpha-D-mannopyranose-(1-4)-2-acetamido-2-deoxy-beta-D-glucopyranose-(1-4)-2-acetamido-2-deoxy-beta-D-glucopyranose
#
loop_
_entity_poly.entity_id
_entity_poly.type
_entity_poly.pdbx_seq_one_letter_code
_entity_poly.pdbx_strand_id
1 'polypeptide(L)'
;MKRVITLFAVLLMGWSVNAWSFACKTANGTAIPIGGGSANVYVNLAPVVNVGQNLVVDLSTQIFCHNDYPETITDYVTLQ
RGSAYGGVLSNFSGTVKYSGSSYPFPTTSETPRVVYNSRTDKPWPVALYLTPVSSAGGVAIKAGSLIAVLILRQTNNYNS
DDFQFVWNIYANNDVVVPTGGCDVSARDVTVTLPDYPGSVPIPLTVYCAKSQNLGYYLSGTTADAGNSIFTNTASFSPAQ
GVGVQLTRNGTIIPANNTVSLGAVGTSAVSLGLTANYARTGGQVTAGNVQSIIGVTFVYQ
;
A
2 'polypeptide(L)'
;QVQLQQSGAELVRPGSSVKISCKASGYAFSSYWMNWVKQRPGQGLEWIGQIYPRDGDTNYNGKFMDKVTLTADKSSNTAY
MQLSSLTSEDSAVYFCEVGRGFYGMDYWGQGTSVTVSSAKTTPPSVYPLAPGSAAQTNSMVTLGCLVKGYFPEPVTVTWN
SGSLSSGVHTFPAVLQSDLYTLSSSVTVPSSPRPSETVTCNVAHPASSTKVDKKI
;
H
3 'polypeptide(L)'
;ELQMTQSPKFMSTSVGDRVSVTCKASQNVSNVAWYQQKPGQSPKAMIYSASYRYSGVPGRFTGSGSGTDFTLTINNVQSE
DLATYFCQQNSSFPFTFGGGTKLEIKRADAAPTVSIFPPSSEQLTSGGASVVCFLNNFYPKDINVKWKIDGSERQNGVLN
SWTDQDSKDSTYSMSSTLTLTKDEYERHNSYTCEATHKTSTSPIVKSFNRNEC
;
L
4 'polypeptide(L)'
;EIQLQQSGPERMKPGASVKISCKASGYSFTTYYIHWVKQSHGRSLEWIGYIDPFNDDTNYNQKFKGKATLTVDKSSSTAY
MHLSSLTSEDSAVYYCARSYYGSLDYWGQGTTLTVSSAKTTPPSVYPLAPGSAAQTNSMVTLGCLVKGYFPEPVTVTWNS
GSLSSGVHTFPAVLQSDLYTLSSSVTVPSSTWPSETVTCNVAHPASST
;
I
5 'polypeptide(L)'
;DIQMTQTTSSLSASLGDRVTISCRASQGVNNYLNWYQQKPDGSVKLLIYYTSNLHSGAPSRFSGSGSGTDYSLTISNLEQ
EDIATYFCQQANMVPWTFGGGTKLEIKRADAAPTVSIFPPSSEQLTSGGASVVCFLNNFYPKDINVKWKIDGSERQNGVL
NSWTDQDSKDSTYSMSSTLTLTKDEYERHNSYTCEAR
;
M
6 'polypeptide(L)'
;EVLLKQSGPEKVKPGASVKIPCKASGYTFTDYNIDWVKQSHGTSLEWIGHLDPNSGGTVYNQKFRGKATLTVDKSSSTAY
LELRSLTSEDTAVYYCARSTMGVYRSDGYYAMDYWGQGTSVTVSSAKTTPPSVYPLAPGCGDTTGSSVTLGCLVKGYFPE
SVTVTWNSGSLSSSVHTFPALLQSGLYTMSSSVTVPSS
;
J
7 'polypeptide(L)'
;QIVLTQSPAIMSASLGEEITLTCSASSSISYMHWYQQKSGTSPKILIYSTSNQASGVPSRFSGSGSGTFYSLTISSVEAE
DAADYYCHQWSSYPWTFGGGTKLEIKRADAAPTVSIFPPSSEQLTSGGASVVCFLNNFYPKDINVKWKIDGSERQNGVLN
SWTDQDSKDSTYSMSSTLTLTK
;
N
#
# COMPACT_ATOMS: atom_id res chain seq x y z
N PHE A 22 -8.10 -4.47 -16.57
CA PHE A 22 -8.64 -4.04 -15.29
C PHE A 22 -10.16 -3.93 -15.36
N ALA A 23 -10.84 -4.64 -14.47
CA ALA A 23 -12.29 -4.65 -14.42
C ALA A 23 -12.75 -5.01 -13.02
N CYS A 24 -13.82 -4.36 -12.55
CA CYS A 24 -14.30 -4.55 -11.19
C CYS A 24 -15.73 -5.09 -11.20
N LYS A 25 -16.10 -5.79 -10.13
CA LYS A 25 -17.45 -6.33 -9.98
C LYS A 25 -17.86 -6.28 -8.50
N THR A 26 -19.17 -6.46 -8.27
CA THR A 26 -19.74 -6.43 -6.93
C THR A 26 -19.87 -7.84 -6.37
N ALA A 27 -20.35 -7.92 -5.13
CA ALA A 27 -20.48 -9.21 -4.47
C ALA A 27 -21.68 -10.00 -4.96
N ASN A 28 -22.68 -9.33 -5.53
CA ASN A 28 -23.82 -10.04 -6.09
C ASN A 28 -23.63 -10.42 -7.56
N GLY A 29 -22.50 -10.06 -8.17
CA GLY A 29 -22.13 -10.53 -9.48
C GLY A 29 -22.09 -9.47 -10.56
N THR A 30 -22.74 -8.32 -10.36
CA THR A 30 -22.77 -7.30 -11.41
C THR A 30 -21.37 -6.74 -11.62
N ALA A 31 -20.99 -6.61 -12.88
CA ALA A 31 -19.61 -6.30 -13.24
C ALA A 31 -19.56 -5.07 -14.13
N ILE A 32 -18.44 -4.35 -14.03
CA ILE A 32 -18.08 -3.28 -14.96
C ILE A 32 -16.93 -3.77 -15.80
N PRO A 33 -17.02 -3.77 -17.11
CA PRO A 33 -15.96 -4.32 -17.96
C PRO A 33 -14.80 -3.34 -18.11
N ILE A 34 -13.84 -3.73 -18.94
CA ILE A 34 -12.69 -2.89 -19.21
C ILE A 34 -13.13 -1.60 -19.87
N GLY A 35 -12.53 -0.49 -19.44
CA GLY A 35 -12.84 0.82 -19.99
C GLY A 35 -13.73 1.68 -19.12
N GLY A 36 -14.23 1.17 -18.00
CA GLY A 36 -15.09 1.92 -17.11
C GLY A 36 -16.56 1.68 -17.40
N GLY A 37 -17.39 2.27 -16.53
CA GLY A 37 -18.83 2.10 -16.62
C GLY A 37 -19.48 2.41 -15.30
N SER A 38 -20.70 1.92 -15.14
CA SER A 38 -21.52 2.25 -13.98
C SER A 38 -22.23 1.01 -13.47
N ALA A 39 -22.50 1.00 -12.17
CA ALA A 39 -23.19 -0.11 -11.51
C ALA A 39 -23.88 0.40 -10.26
N ASN A 40 -24.68 -0.46 -9.65
CA ASN A 40 -25.45 -0.14 -8.46
C ASN A 40 -25.09 -1.11 -7.34
N VAL A 41 -25.01 -0.58 -6.12
CA VAL A 41 -24.68 -1.36 -4.93
C VAL A 41 -25.72 -1.10 -3.87
N TYR A 42 -26.20 -2.16 -3.22
CA TYR A 42 -27.22 -2.07 -2.18
C TYR A 42 -26.61 -2.58 -0.88
N VAL A 43 -26.51 -1.70 0.10
CA VAL A 43 -25.78 -1.98 1.34
C VAL A 43 -26.75 -2.02 2.51
N ASN A 44 -26.49 -2.93 3.44
CA ASN A 44 -27.31 -3.07 4.64
C ASN A 44 -26.74 -2.21 5.76
N LEU A 45 -27.53 -1.25 6.23
CA LEU A 45 -27.10 -0.32 7.26
C LEU A 45 -27.66 -0.73 8.61
N ALA A 46 -27.05 -0.20 9.67
CA ALA A 46 -27.56 -0.41 11.02
C ALA A 46 -28.85 0.39 11.20
N PRO A 47 -29.94 -0.24 11.65
CA PRO A 47 -31.24 0.45 11.65
C PRO A 47 -31.31 1.67 12.56
N VAL A 48 -30.45 1.78 13.56
CA VAL A 48 -30.45 2.91 14.48
C VAL A 48 -29.03 3.44 14.60
N VAL A 49 -28.90 4.76 14.64
CA VAL A 49 -27.65 5.42 15.00
C VAL A 49 -27.95 6.48 16.07
N ASN A 50 -27.15 6.49 17.12
CA ASN A 50 -27.31 7.44 18.21
C ASN A 50 -26.53 8.72 17.92
N VAL A 51 -26.90 9.79 18.62
CA VAL A 51 -26.14 11.03 18.52
C VAL A 51 -24.75 10.80 19.12
N GLY A 52 -23.73 11.19 18.38
CA GLY A 52 -22.36 10.94 18.79
C GLY A 52 -21.81 9.59 18.40
N GLN A 53 -22.56 8.79 17.64
CA GLN A 53 -22.11 7.50 17.16
C GLN A 53 -21.93 7.55 15.65
N ASN A 54 -21.41 6.46 15.09
CA ASN A 54 -21.06 6.40 13.67
C ASN A 54 -21.97 5.43 12.93
N LEU A 55 -22.35 5.82 11.71
CA LEU A 55 -22.95 4.91 10.75
C LEU A 55 -21.85 4.44 9.80
N VAL A 56 -21.57 3.14 9.80
CA VAL A 56 -20.45 2.58 9.07
C VAL A 56 -20.97 1.96 7.77
N VAL A 57 -20.44 2.42 6.64
CA VAL A 57 -20.76 1.87 5.33
C VAL A 57 -19.46 1.31 4.78
N ASP A 58 -19.29 0.00 4.85
CA ASP A 58 -18.03 -0.67 4.52
C ASP A 58 -18.17 -1.31 3.15
N LEU A 59 -17.42 -0.79 2.17
CA LEU A 59 -17.50 -1.26 0.80
C LEU A 59 -16.33 -2.15 0.41
N SER A 60 -15.41 -2.42 1.33
CA SER A 60 -14.34 -3.36 1.06
C SER A 60 -14.85 -4.79 0.93
N THR A 61 -16.08 -5.04 1.41
CA THR A 61 -16.71 -6.33 1.25
C THR A 61 -17.67 -6.39 0.07
N GLN A 62 -17.75 -5.32 -0.72
CA GLN A 62 -18.68 -5.25 -1.83
C GLN A 62 -18.02 -5.14 -3.19
N ILE A 63 -17.00 -4.31 -3.32
CA ILE A 63 -16.35 -4.04 -4.60
C ILE A 63 -14.99 -4.72 -4.61
N PHE A 64 -14.72 -5.47 -5.67
CA PHE A 64 -13.43 -6.15 -5.86
C PHE A 64 -12.99 -5.94 -7.30
N CYS A 65 -11.66 -5.86 -7.47
CA CYS A 65 -11.07 -5.68 -8.83
C CYS A 65 -9.81 -6.55 -8.96
N HIS A 66 -9.13 -6.48 -10.10
CA HIS A 66 -7.94 -7.26 -10.42
C HIS A 66 -7.24 -6.66 -11.62
N ASN A 67 -5.99 -7.09 -11.81
CA ASN A 67 -5.15 -6.69 -12.94
C ASN A 67 -5.15 -7.84 -13.95
N ASP A 68 -5.53 -7.53 -15.19
CA ASP A 68 -5.61 -8.56 -16.22
C ASP A 68 -4.26 -9.01 -16.73
N TYR A 69 -3.25 -8.14 -16.71
CA TYR A 69 -1.92 -8.43 -17.23
C TYR A 69 -0.87 -8.05 -16.20
N PRO A 70 -0.80 -8.77 -15.08
CA PRO A 70 0.09 -8.35 -13.99
C PRO A 70 1.56 -8.62 -14.26
N GLU A 71 1.90 -9.42 -15.26
CA GLU A 71 3.30 -9.73 -15.55
C GLU A 71 4.04 -8.56 -16.15
N THR A 72 3.34 -7.61 -16.78
CA THR A 72 3.98 -6.54 -17.51
C THR A 72 3.41 -5.16 -17.24
N ILE A 73 2.24 -5.05 -16.61
CA ILE A 73 1.59 -3.77 -16.39
C ILE A 73 1.27 -3.62 -14.91
N THR A 74 1.43 -2.40 -14.40
CA THR A 74 1.00 -2.04 -13.05
C THR A 74 -0.17 -1.08 -13.17
N ASP A 75 -1.24 -1.35 -12.42
CA ASP A 75 -2.44 -0.52 -12.44
C ASP A 75 -2.51 0.33 -11.18
N TYR A 76 -2.84 1.61 -11.34
CA TYR A 76 -2.97 2.54 -10.23
C TYR A 76 -4.42 2.97 -10.11
N VAL A 77 -4.94 2.97 -8.89
CA VAL A 77 -6.34 3.27 -8.62
C VAL A 77 -6.42 4.33 -7.54
N THR A 78 -7.31 5.31 -7.74
CA THR A 78 -7.60 6.33 -6.75
C THR A 78 -9.09 6.51 -6.61
N LEU A 79 -9.50 7.15 -5.53
CA LEU A 79 -10.87 7.65 -5.37
C LEU A 79 -10.89 9.09 -5.86
N GLN A 80 -11.45 9.31 -7.05
CA GLN A 80 -11.43 10.62 -7.66
C GLN A 80 -12.43 11.58 -7.00
N ARG A 81 -13.61 11.08 -6.65
CA ARG A 81 -14.64 11.93 -6.07
C ARG A 81 -15.63 11.09 -5.30
N GLY A 82 -16.13 11.66 -4.19
CA GLY A 82 -17.20 11.07 -3.43
C GLY A 82 -18.24 12.10 -3.04
N SER A 83 -19.49 11.88 -3.44
CA SER A 83 -20.56 12.85 -3.20
C SER A 83 -21.67 12.22 -2.37
N ALA A 84 -22.34 13.04 -1.58
CA ALA A 84 -23.42 12.60 -0.73
C ALA A 84 -24.77 12.99 -1.36
N TYR A 85 -25.79 12.19 -1.06
CA TYR A 85 -27.11 12.39 -1.63
C TYR A 85 -28.17 12.06 -0.59
N GLY A 86 -29.37 12.55 -0.83
CA GLY A 86 -30.53 12.11 -0.08
C GLY A 86 -30.44 12.44 1.40
N GLY A 87 -30.61 11.41 2.23
CA GLY A 87 -30.57 11.61 3.67
C GLY A 87 -29.16 11.73 4.22
N VAL A 88 -28.19 11.10 3.57
CA VAL A 88 -26.81 11.26 3.99
C VAL A 88 -26.34 12.70 3.81
N LEU A 89 -26.73 13.31 2.69
CA LEU A 89 -26.37 14.71 2.45
C LEU A 89 -27.00 15.63 3.48
N SER A 90 -28.29 15.43 3.78
CA SER A 90 -29.01 16.34 4.66
C SER A 90 -28.63 16.16 6.14
N ASN A 91 -28.53 14.91 6.60
CA ASN A 91 -28.55 14.61 8.03
C ASN A 91 -27.22 14.18 8.60
N PHE A 92 -26.18 14.04 7.81
CA PHE A 92 -24.95 13.40 8.26
C PHE A 92 -23.73 14.21 7.86
N SER A 93 -22.64 13.96 8.58
CA SER A 93 -21.31 14.45 8.21
C SER A 93 -20.28 13.45 8.70
N GLY A 94 -19.12 13.44 8.06
CA GLY A 94 -18.11 12.48 8.45
C GLY A 94 -16.93 12.47 7.50
N THR A 95 -16.27 11.32 7.46
CA THR A 95 -15.03 11.14 6.73
C THR A 95 -15.10 9.87 5.88
N VAL A 96 -14.06 9.64 5.09
CA VAL A 96 -13.93 8.43 4.29
C VAL A 96 -12.56 7.82 4.54
N LYS A 97 -12.51 6.50 4.69
CA LYS A 97 -11.29 5.76 4.96
C LYS A 97 -10.77 5.19 3.66
N TYR A 98 -9.51 5.50 3.32
CA TYR A 98 -8.94 5.05 2.05
C TYR A 98 -7.44 4.85 2.21
N SER A 99 -7.02 3.59 2.26
CA SER A 99 -5.62 3.21 2.12
C SER A 99 -4.72 3.92 3.12
N GLY A 100 -4.96 3.68 4.40
CA GLY A 100 -4.09 4.14 5.44
C GLY A 100 -4.32 5.56 5.93
N SER A 101 -5.35 6.25 5.46
CA SER A 101 -5.65 7.58 5.98
C SER A 101 -7.12 7.87 5.76
N SER A 102 -7.56 9.00 6.30
CA SER A 102 -8.95 9.43 6.26
C SER A 102 -9.05 10.85 5.71
N TYR A 103 -10.15 11.10 5.01
CA TYR A 103 -10.38 12.35 4.30
C TYR A 103 -11.81 12.79 4.52
N PRO A 104 -12.10 14.09 4.38
CA PRO A 104 -13.48 14.55 4.50
C PRO A 104 -14.39 13.91 3.46
N PHE A 105 -15.64 13.68 3.85
CA PHE A 105 -16.67 13.21 2.94
C PHE A 105 -17.85 14.17 3.04
N PRO A 106 -18.30 14.79 1.93
CA PRO A 106 -17.85 14.64 0.54
C PRO A 106 -16.39 15.04 0.32
N THR A 107 -15.73 14.43 -0.66
CA THR A 107 -14.32 14.67 -0.88
C THR A 107 -14.08 16.05 -1.50
N THR A 108 -12.88 16.58 -1.28
CA THR A 108 -12.47 17.84 -1.87
C THR A 108 -11.33 17.68 -2.87
N SER A 109 -10.74 16.50 -2.99
CA SER A 109 -9.66 16.28 -3.95
C SER A 109 -9.49 14.79 -4.17
N GLU A 110 -8.56 14.46 -5.05
CA GLU A 110 -8.23 13.07 -5.34
C GLU A 110 -7.33 12.50 -4.25
N THR A 111 -7.48 11.20 -3.99
CA THR A 111 -6.75 10.53 -2.93
C THR A 111 -5.41 10.03 -3.45
N PRO A 112 -4.57 9.44 -2.60
CA PRO A 112 -3.40 8.72 -3.11
C PRO A 112 -3.79 7.47 -3.90
N ARG A 113 -2.77 6.76 -4.37
CA ARG A 113 -2.95 5.66 -5.30
C ARG A 113 -2.83 4.31 -4.60
N VAL A 114 -3.64 3.36 -5.04
CA VAL A 114 -3.55 1.96 -4.63
C VAL A 114 -3.07 1.15 -5.82
N VAL A 115 -2.12 0.27 -5.58
CA VAL A 115 -1.50 -0.51 -6.65
C VAL A 115 -2.21 -1.85 -6.78
N TYR A 116 -2.57 -2.22 -8.01
CA TYR A 116 -3.15 -3.52 -8.30
C TYR A 116 -2.20 -4.28 -9.21
N ASN A 117 -1.77 -5.46 -8.77
CA ASN A 117 -0.75 -6.20 -9.49
C ASN A 117 -0.98 -7.71 -9.44
N SER A 118 -2.24 -8.14 -9.46
CA SER A 118 -2.54 -9.56 -9.44
C SER A 118 -3.80 -9.80 -10.26
N ARG A 119 -3.93 -11.04 -10.73
CA ARG A 119 -5.13 -11.45 -11.48
C ARG A 119 -6.25 -11.94 -10.57
N THR A 120 -5.98 -12.10 -9.28
CA THR A 120 -7.01 -12.45 -8.31
C THR A 120 -7.67 -11.18 -7.80
N ASP A 121 -8.98 -11.28 -7.52
CA ASP A 121 -9.74 -10.13 -7.04
C ASP A 121 -9.20 -9.62 -5.72
N LYS A 122 -9.23 -8.30 -5.54
CA LYS A 122 -8.80 -7.66 -4.30
C LYS A 122 -9.83 -6.62 -3.91
N PRO A 123 -10.08 -6.43 -2.61
CA PRO A 123 -11.07 -5.44 -2.20
C PRO A 123 -10.65 -4.02 -2.55
N TRP A 124 -11.65 -3.20 -2.86
CA TRP A 124 -11.44 -1.75 -2.98
C TRP A 124 -11.62 -1.14 -1.60
N PRO A 125 -10.54 -0.79 -0.91
CA PRO A 125 -10.60 -0.47 0.52
C PRO A 125 -11.17 0.91 0.84
N VAL A 126 -12.49 1.01 0.75
CA VAL A 126 -13.22 2.26 1.00
C VAL A 126 -14.28 2.00 2.05
N ALA A 127 -14.38 2.90 3.02
CA ALA A 127 -15.42 2.84 4.04
C ALA A 127 -15.84 4.25 4.42
N LEU A 128 -17.12 4.44 4.71
CA LEU A 128 -17.65 5.73 5.13
C LEU A 128 -17.94 5.71 6.63
N TYR A 129 -17.66 6.83 7.30
CA TYR A 129 -17.91 6.98 8.74
C TYR A 129 -18.70 8.27 8.93
N LEU A 130 -20.02 8.14 9.02
CA LEU A 130 -20.92 9.28 9.04
C LEU A 130 -21.56 9.44 10.42
N THR A 131 -21.64 10.67 10.89
CA THR A 131 -22.26 10.96 12.17
C THR A 131 -23.47 11.88 11.99
N PRO A 132 -24.49 11.75 12.82
CA PRO A 132 -25.68 12.60 12.67
C PRO A 132 -25.40 14.05 13.07
N VAL A 133 -26.01 14.98 12.33
CA VAL A 133 -25.95 16.40 12.66
C VAL A 133 -27.02 16.71 13.69
N SER A 134 -26.95 17.92 14.27
CA SER A 134 -27.83 18.27 15.37
C SER A 134 -29.30 18.32 14.97
N SER A 135 -29.59 18.46 13.67
CA SER A 135 -30.96 18.52 13.20
C SER A 135 -31.51 17.16 12.78
N ALA A 136 -30.71 16.10 12.87
CA ALA A 136 -31.17 14.78 12.46
C ALA A 136 -32.20 14.25 13.45
N GLY A 137 -33.27 13.65 12.92
CA GLY A 137 -34.32 13.14 13.75
C GLY A 137 -35.36 12.34 13.00
N GLY A 138 -35.84 11.25 13.59
CA GLY A 138 -36.77 10.38 12.89
C GLY A 138 -36.07 9.54 11.85
N VAL A 139 -36.80 9.22 10.78
CA VAL A 139 -36.23 8.47 9.67
C VAL A 139 -35.23 9.36 8.95
N ALA A 140 -33.94 9.06 9.12
CA ALA A 140 -32.90 9.89 8.53
C ALA A 140 -32.58 9.46 7.10
N ILE A 141 -32.56 8.16 6.85
CA ILE A 141 -32.28 7.60 5.53
C ILE A 141 -33.43 6.68 5.15
N LYS A 142 -33.96 6.86 3.95
CA LYS A 142 -35.07 6.04 3.46
C LYS A 142 -34.55 4.81 2.73
N ALA A 143 -35.31 3.72 2.81
CA ALA A 143 -34.93 2.48 2.16
C ALA A 143 -35.03 2.60 0.65
N GLY A 144 -34.06 2.04 -0.05
CA GLY A 144 -34.05 2.06 -1.50
C GLY A 144 -33.64 3.37 -2.12
N SER A 145 -33.13 4.32 -1.33
CA SER A 145 -32.71 5.61 -1.83
C SER A 145 -31.20 5.66 -2.05
N LEU A 146 -30.77 6.69 -2.77
CA LEU A 146 -29.37 6.84 -3.12
C LEU A 146 -28.67 7.69 -2.05
N ILE A 147 -27.53 7.20 -1.57
CA ILE A 147 -26.82 7.87 -0.49
C ILE A 147 -25.47 8.43 -0.92
N ALA A 148 -24.80 7.82 -1.90
CA ALA A 148 -23.51 8.33 -2.33
C ALA A 148 -23.20 7.85 -3.74
N VAL A 149 -22.30 8.57 -4.39
CA VAL A 149 -21.71 8.16 -5.66
C VAL A 149 -20.21 8.28 -5.54
N LEU A 150 -19.50 7.18 -5.77
CA LEU A 150 -18.05 7.13 -5.65
C LEU A 150 -17.45 6.84 -7.02
N ILE A 151 -16.48 7.65 -7.43
CA ILE A 151 -15.83 7.50 -8.73
C ILE A 151 -14.48 6.85 -8.52
N LEU A 152 -14.23 5.75 -9.22
CA LEU A 152 -12.96 5.04 -9.19
C LEU A 152 -12.21 5.37 -10.48
N ARG A 153 -11.05 5.98 -10.35
CA ARG A 153 -10.21 6.32 -11.50
C ARG A 153 -9.04 5.36 -11.58
N GLN A 154 -8.86 4.74 -12.74
CA GLN A 154 -7.80 3.77 -12.96
C GLN A 154 -6.88 4.26 -14.08
N THR A 155 -5.59 4.35 -13.79
CA THR A 155 -4.55 4.59 -14.78
C THR A 155 -3.61 3.39 -14.75
N ASN A 156 -2.52 3.48 -15.50
CA ASN A 156 -1.61 2.33 -15.57
C ASN A 156 -0.20 2.82 -15.86
N ASN A 157 0.65 1.86 -16.18
CA ASN A 157 2.08 2.02 -16.39
C ASN A 157 2.46 1.81 -17.86
N TYR A 158 1.47 1.84 -18.75
CA TYR A 158 1.62 1.30 -20.09
C TYR A 158 1.21 2.24 -21.20
N ASN A 159 0.10 2.97 -21.05
CA ASN A 159 -0.37 3.85 -22.11
C ASN A 159 -1.23 4.95 -21.48
N SER A 160 -1.98 5.68 -22.31
CA SER A 160 -2.74 6.83 -21.84
C SER A 160 -4.15 6.48 -21.36
N ASP A 161 -4.38 5.23 -20.97
CA ASP A 161 -5.71 4.81 -20.51
C ASP A 161 -6.08 5.53 -19.21
N ASP A 162 -7.30 6.06 -19.17
CA ASP A 162 -7.77 6.84 -18.01
C ASP A 162 -9.27 6.61 -17.91
N PHE A 163 -9.67 5.66 -17.07
CA PHE A 163 -11.04 5.16 -17.05
C PHE A 163 -11.71 5.44 -15.72
N GLN A 164 -13.03 5.60 -15.76
CA GLN A 164 -13.85 5.92 -14.59
C GLN A 164 -14.82 4.79 -14.32
N PHE A 165 -14.74 4.23 -13.12
CA PHE A 165 -15.68 3.21 -12.66
C PHE A 165 -16.59 3.85 -11.62
N VAL A 166 -17.84 4.09 -12.00
CA VAL A 166 -18.79 4.86 -11.19
C VAL A 166 -19.66 3.89 -10.40
N TRP A 167 -19.70 4.09 -9.08
CA TRP A 167 -20.47 3.23 -8.18
C TRP A 167 -21.56 4.05 -7.51
N ASN A 168 -22.80 3.61 -7.65
CA ASN A 168 -23.94 4.25 -7.00
C ASN A 168 -24.35 3.42 -5.80
N ILE A 169 -24.43 4.05 -4.63
CA ILE A 169 -24.65 3.37 -3.37
C ILE A 169 -26.09 3.61 -2.93
N TYR A 170 -26.80 2.52 -2.63
CA TYR A 170 -28.20 2.58 -2.26
C TYR A 170 -28.40 2.00 -0.86
N ALA A 171 -29.38 2.54 -0.15
CA ALA A 171 -29.71 2.05 1.18
C ALA A 171 -30.73 0.92 1.08
N ASN A 172 -30.48 -0.18 1.79
CA ASN A 172 -31.35 -1.34 1.75
C ASN A 172 -32.39 -1.33 2.86
N ASN A 173 -32.38 -0.33 3.75
CA ASN A 173 -33.36 -0.24 4.83
C ASN A 173 -33.38 1.18 5.35
N ASP A 174 -34.40 1.49 6.14
CA ASP A 174 -34.52 2.78 6.79
C ASP A 174 -33.59 2.86 8.01
N VAL A 175 -33.11 4.07 8.27
CA VAL A 175 -32.27 4.36 9.44
C VAL A 175 -32.95 5.47 10.23
N VAL A 176 -33.01 5.31 11.55
CA VAL A 176 -33.68 6.28 12.41
C VAL A 176 -32.68 6.85 13.41
N VAL A 177 -32.94 8.08 13.84
CA VAL A 177 -32.13 8.78 14.83
C VAL A 177 -33.03 9.22 15.99
N PRO A 178 -32.68 8.88 17.22
CA PRO A 178 -33.51 9.33 18.36
C PRO A 178 -33.34 10.82 18.63
N THR A 179 -34.47 11.49 18.88
CA THR A 179 -34.46 12.91 19.20
C THR A 179 -34.79 13.18 20.66
N GLN B 1 1.21 13.08 -37.80
CA GLN B 1 1.87 11.80 -37.60
C GLN B 1 2.81 11.87 -36.40
N VAL B 2 3.28 10.70 -35.94
CA VAL B 2 4.25 10.63 -34.87
C VAL B 2 5.64 10.87 -35.44
N GLN B 3 6.44 11.64 -34.71
CA GLN B 3 7.78 12.00 -35.16
C GLN B 3 8.68 12.17 -33.96
N LEU B 4 9.92 11.73 -34.09
CA LEU B 4 10.96 11.91 -33.08
C LEU B 4 12.13 12.64 -33.72
N GLN B 5 12.50 13.79 -33.15
CA GLN B 5 13.55 14.63 -33.70
C GLN B 5 14.70 14.69 -32.71
N GLN B 6 15.89 14.31 -33.17
CA GLN B 6 17.07 14.27 -32.31
C GLN B 6 18.00 15.45 -32.64
N SER B 7 18.95 15.67 -31.74
CA SER B 7 19.88 16.78 -31.89
C SER B 7 20.96 16.43 -32.90
N GLY B 8 21.76 17.43 -33.26
CA GLY B 8 22.81 17.25 -34.24
C GLY B 8 23.99 16.49 -33.68
N ALA B 9 24.95 16.24 -34.56
CA ALA B 9 26.13 15.47 -34.17
C ALA B 9 26.95 16.22 -33.13
N GLU B 10 27.47 15.48 -32.16
CA GLU B 10 28.34 16.02 -31.12
C GLU B 10 29.74 15.49 -31.30
N LEU B 11 30.72 16.38 -31.36
CA LEU B 11 32.13 16.02 -31.28
C LEU B 11 32.63 16.40 -29.89
N VAL B 12 33.12 15.42 -29.15
CA VAL B 12 33.43 15.59 -27.73
C VAL B 12 34.83 15.04 -27.46
N ARG B 13 35.30 15.26 -26.23
CA ARG B 13 36.64 14.92 -25.79
C ARG B 13 36.61 13.81 -24.74
N PRO B 14 37.66 13.01 -24.64
CA PRO B 14 37.65 11.90 -23.68
C PRO B 14 37.50 12.38 -22.24
N GLY B 15 36.77 11.60 -21.45
CA GLY B 15 36.57 11.90 -20.05
C GLY B 15 35.54 12.97 -19.77
N SER B 16 34.89 13.51 -20.80
CA SER B 16 33.88 14.54 -20.62
C SER B 16 32.50 13.92 -20.61
N SER B 17 31.46 14.76 -20.62
CA SER B 17 30.08 14.34 -20.64
C SER B 17 29.35 15.04 -21.77
N VAL B 18 28.22 14.46 -22.19
CA VAL B 18 27.39 15.03 -23.24
C VAL B 18 25.94 14.70 -22.93
N LYS B 19 25.04 15.52 -23.46
CA LYS B 19 23.60 15.37 -23.24
C LYS B 19 22.89 15.57 -24.56
N ILE B 20 22.37 14.48 -25.12
CA ILE B 20 21.65 14.53 -26.38
C ILE B 20 20.16 14.39 -26.09
N SER B 21 19.34 14.88 -27.01
CA SER B 21 17.91 15.00 -26.79
C SER B 21 17.14 14.37 -27.94
N CYS B 22 15.85 14.15 -27.70
CA CYS B 22 14.94 13.59 -28.70
C CYS B 22 13.57 14.20 -28.46
N LYS B 23 13.13 15.08 -29.36
CA LYS B 23 11.87 15.79 -29.18
C LYS B 23 10.73 15.03 -29.86
N ALA B 24 9.66 14.82 -29.12
CA ALA B 24 8.52 14.04 -29.59
C ALA B 24 7.40 14.94 -30.05
N SER B 25 6.56 14.40 -30.95
CA SER B 25 5.42 15.14 -31.47
C SER B 25 4.42 14.15 -32.05
N GLY B 26 3.16 14.54 -32.05
CA GLY B 26 2.10 13.75 -32.65
C GLY B 26 1.47 12.69 -31.78
N TYR B 27 1.81 12.65 -30.49
CA TYR B 27 1.24 11.66 -29.58
C TYR B 27 1.42 12.17 -28.15
N ALA B 28 0.75 11.49 -27.22
CA ALA B 28 0.87 11.80 -25.79
C ALA B 28 2.26 11.38 -25.31
N PHE B 29 3.16 12.35 -25.19
CA PHE B 29 4.56 12.04 -24.91
C PHE B 29 4.73 11.37 -23.55
N SER B 30 3.97 11.79 -22.56
CA SER B 30 4.20 11.36 -21.18
C SER B 30 3.73 9.94 -20.91
N SER B 31 2.90 9.37 -21.77
CA SER B 31 2.19 8.14 -21.46
C SER B 31 2.78 6.89 -22.13
N TYR B 32 3.95 7.00 -22.74
CA TYR B 32 4.51 5.86 -23.47
C TYR B 32 5.99 5.74 -23.18
N TRP B 33 6.51 4.52 -23.29
CA TRP B 33 7.91 4.23 -23.01
C TRP B 33 8.80 4.69 -24.16
N MET B 34 9.96 5.22 -23.81
CA MET B 34 10.94 5.73 -24.75
C MET B 34 12.23 4.93 -24.61
N ASN B 35 12.61 4.23 -25.67
CA ASN B 35 13.79 3.36 -25.64
C ASN B 35 14.98 4.08 -26.27
N TRP B 36 16.17 3.71 -25.81
CA TRP B 36 17.42 4.27 -26.33
C TRP B 36 18.30 3.11 -26.79
N VAL B 37 18.86 3.26 -28.00
CA VAL B 37 19.59 2.18 -28.65
C VAL B 37 20.90 2.74 -29.19
N LYS B 38 21.98 1.98 -29.02
CA LYS B 38 23.31 2.38 -29.46
C LYS B 38 23.78 1.45 -30.56
N GLN B 39 24.30 2.03 -31.65
CA GLN B 39 24.84 1.26 -32.76
C GLN B 39 26.26 1.71 -33.04
N ARG B 40 27.23 0.89 -32.63
CA ARG B 40 28.61 1.14 -33.00
C ARG B 40 28.83 0.95 -34.50
N PRO B 41 29.79 1.68 -35.08
CA PRO B 41 30.05 1.55 -36.52
C PRO B 41 30.53 0.14 -36.86
N GLY B 42 29.81 -0.50 -37.79
CA GLY B 42 30.18 -1.82 -38.24
C GLY B 42 29.73 -2.96 -37.37
N GLN B 43 28.90 -2.71 -36.37
CA GLN B 43 28.39 -3.74 -35.48
C GLN B 43 26.87 -3.65 -35.44
N GLY B 44 26.27 -4.47 -34.56
CA GLY B 44 24.84 -4.52 -34.42
C GLY B 44 24.32 -3.45 -33.48
N LEU B 45 23.15 -3.72 -32.92
CA LEU B 45 22.42 -2.77 -32.09
C LEU B 45 22.41 -3.23 -30.64
N GLU B 46 22.63 -2.28 -29.73
CA GLU B 46 22.60 -2.53 -28.30
C GLU B 46 21.49 -1.72 -27.66
N TRP B 47 20.86 -2.29 -26.64
CA TRP B 47 19.79 -1.62 -25.92
C TRP B 47 20.34 -0.95 -24.67
N ILE B 48 20.03 0.33 -24.49
CA ILE B 48 20.54 1.10 -23.36
C ILE B 48 19.55 1.08 -22.21
N GLY B 49 18.32 1.50 -22.47
CA GLY B 49 17.32 1.56 -21.42
C GLY B 49 16.06 2.24 -21.91
N GLN B 50 15.16 2.51 -20.96
CA GLN B 50 13.86 3.11 -21.28
C GLN B 50 13.41 3.98 -20.11
N ILE B 51 12.50 4.91 -20.41
CA ILE B 51 11.96 5.82 -19.41
C ILE B 51 10.46 5.99 -19.64
N TYR B 52 9.70 6.08 -18.55
CA TYR B 52 8.30 6.44 -18.61
C TYR B 52 8.15 7.87 -18.16
N PRO B 53 7.91 8.83 -19.07
CA PRO B 53 8.06 10.24 -18.70
C PRO B 53 7.06 10.75 -17.67
N ARG B 54 5.88 10.15 -17.55
CA ARG B 54 4.89 10.68 -16.62
C ARG B 54 5.33 10.53 -15.18
N ASP B 55 5.93 9.39 -14.84
CA ASP B 55 6.35 9.11 -13.47
C ASP B 55 7.86 9.08 -13.30
N GLY B 56 8.63 9.13 -14.37
CA GLY B 56 10.07 9.12 -14.26
C GLY B 56 10.70 7.76 -14.09
N ASP B 57 9.93 6.69 -14.24
CA ASP B 57 10.47 5.35 -14.08
C ASP B 57 11.51 5.06 -15.17
N THR B 58 12.57 4.35 -14.79
CA THR B 58 13.62 3.98 -15.71
C THR B 58 14.00 2.52 -15.50
N ASN B 59 14.37 1.85 -16.59
CA ASN B 59 14.91 0.50 -16.55
C ASN B 59 16.19 0.48 -17.37
N TYR B 60 17.31 0.19 -16.74
CA TYR B 60 18.60 0.31 -17.37
C TYR B 60 19.17 -1.04 -17.75
N ASN B 61 20.10 -1.02 -18.70
CA ASN B 61 20.92 -2.17 -18.99
C ASN B 61 22.06 -2.25 -17.98
N GLY B 62 22.40 -3.48 -17.57
CA GLY B 62 23.47 -3.64 -16.59
C GLY B 62 24.80 -3.10 -17.10
N LYS B 63 25.00 -3.12 -18.41
CA LYS B 63 26.25 -2.65 -18.98
C LYS B 63 26.35 -1.13 -18.96
N PHE B 64 25.22 -0.42 -19.02
CA PHE B 64 25.23 1.03 -19.13
C PHE B 64 24.68 1.72 -17.89
N MET B 65 24.58 1.01 -16.76
CA MET B 65 23.94 1.59 -15.58
C MET B 65 24.76 2.73 -15.01
N ASP B 66 26.07 2.53 -14.84
CA ASP B 66 26.91 3.53 -14.21
C ASP B 66 27.23 4.72 -15.12
N LYS B 67 27.17 4.53 -16.43
CA LYS B 67 27.54 5.59 -17.37
C LYS B 67 26.38 6.49 -17.74
N VAL B 68 25.20 5.91 -17.99
CA VAL B 68 24.08 6.63 -18.59
C VAL B 68 23.10 7.05 -17.51
N THR B 69 22.55 8.25 -17.66
CA THR B 69 21.38 8.69 -16.91
C THR B 69 20.33 9.16 -17.90
N LEU B 70 19.06 8.99 -17.52
CA LEU B 70 17.93 9.32 -18.38
C LEU B 70 16.98 10.26 -17.65
N THR B 71 16.58 11.34 -18.32
CA THR B 71 15.61 12.27 -17.77
C THR B 71 14.61 12.65 -18.84
N ALA B 72 13.61 13.43 -18.47
CA ALA B 72 12.59 13.88 -19.41
C ALA B 72 12.05 15.23 -18.96
N ASP B 73 11.42 15.93 -19.91
CA ASP B 73 10.84 17.25 -19.65
C ASP B 73 9.44 17.27 -20.24
N LYS B 74 8.42 17.28 -19.37
CA LYS B 74 7.04 17.24 -19.84
C LYS B 74 6.65 18.50 -20.59
N SER B 75 7.20 19.66 -20.22
CA SER B 75 6.80 20.91 -20.86
C SER B 75 7.21 20.94 -22.33
N SER B 76 8.46 20.60 -22.61
CA SER B 76 8.99 20.65 -23.97
C SER B 76 8.91 19.32 -24.70
N ASN B 77 8.37 18.28 -24.06
CA ASN B 77 8.22 16.96 -24.68
C ASN B 77 9.55 16.45 -25.22
N THR B 78 10.59 16.59 -24.41
CA THR B 78 11.94 16.25 -24.83
C THR B 78 12.56 15.27 -23.83
N ALA B 79 13.16 14.21 -24.34
CA ALA B 79 13.86 13.23 -23.51
C ALA B 79 15.36 13.44 -23.63
N TYR B 80 16.06 13.21 -22.53
CA TYR B 80 17.50 13.45 -22.47
C TYR B 80 18.24 12.18 -22.09
N MET B 81 19.35 11.93 -22.78
CA MET B 81 20.30 10.89 -22.41
C MET B 81 21.65 11.55 -22.16
N GLN B 82 22.30 11.15 -21.09
CA GLN B 82 23.56 11.75 -20.66
C GLN B 82 24.61 10.67 -20.47
N LEU B 83 25.77 10.86 -21.09
CA LEU B 83 26.89 9.93 -20.98
C LEU B 83 28.01 10.60 -20.18
N SER B 84 28.72 9.80 -19.40
CA SER B 84 29.77 10.30 -18.52
C SER B 84 31.03 9.48 -18.71
N SER B 85 32.18 10.15 -18.55
CA SER B 85 33.50 9.53 -18.74
C SER B 85 33.60 8.87 -20.11
N LEU B 86 33.52 9.72 -21.14
CA LEU B 86 33.39 9.26 -22.52
C LEU B 86 34.70 8.67 -23.01
N THR B 87 34.83 7.35 -22.94
CA THR B 87 35.96 6.67 -23.54
C THR B 87 35.70 6.44 -25.02
N SER B 88 36.65 5.78 -25.69
CA SER B 88 36.52 5.53 -27.11
C SER B 88 35.42 4.51 -27.42
N GLU B 89 35.02 3.70 -26.44
CA GLU B 89 33.94 2.75 -26.63
C GLU B 89 32.61 3.44 -26.87
N ASP B 90 32.48 4.71 -26.48
CA ASP B 90 31.22 5.43 -26.54
C ASP B 90 30.97 6.14 -27.87
N SER B 91 31.84 5.98 -28.86
CA SER B 91 31.64 6.61 -30.15
C SER B 91 30.73 5.73 -30.99
N ALA B 92 29.49 6.18 -31.22
CA ALA B 92 28.49 5.41 -31.94
C ALA B 92 27.36 6.36 -32.33
N VAL B 93 26.27 5.79 -32.85
CA VAL B 93 25.05 6.52 -33.15
C VAL B 93 23.98 6.04 -32.17
N TYR B 94 23.23 6.98 -31.61
CA TYR B 94 22.24 6.68 -30.58
C TYR B 94 20.85 7.05 -31.08
N PHE B 95 19.90 6.14 -30.89
CA PHE B 95 18.54 6.29 -31.38
C PHE B 95 17.56 6.39 -30.22
N CYS B 96 16.46 7.10 -30.46
CA CYS B 96 15.29 7.05 -29.59
C CYS B 96 14.17 6.32 -30.34
N GLU B 97 13.31 5.64 -29.59
CA GLU B 97 12.33 4.74 -30.20
C GLU B 97 11.09 4.67 -29.31
N VAL B 98 9.91 4.77 -29.92
CA VAL B 98 8.64 4.59 -29.23
C VAL B 98 7.80 3.62 -30.05
N GLY B 99 7.60 2.41 -29.53
CA GLY B 99 6.70 1.50 -30.21
C GLY B 99 5.66 0.82 -29.34
N ARG B 100 5.92 0.68 -28.04
CA ARG B 100 5.01 -0.04 -27.16
C ARG B 100 3.82 0.83 -26.82
N GLY B 101 2.62 0.26 -26.92
CA GLY B 101 1.39 0.97 -26.68
C GLY B 101 0.64 1.36 -27.92
N PHE B 102 1.27 1.30 -29.09
CA PHE B 102 0.63 1.53 -30.37
C PHE B 102 0.52 0.20 -31.10
N TYR B 103 -0.68 -0.11 -31.58
CA TYR B 103 -0.90 -1.40 -32.24
C TYR B 103 -0.29 -1.38 -33.63
N GLY B 104 0.71 -2.22 -33.84
CA GLY B 104 1.34 -2.33 -35.15
C GLY B 104 1.98 -1.05 -35.65
N MET B 105 2.71 -0.35 -34.77
CA MET B 105 3.43 0.84 -35.16
C MET B 105 4.75 0.90 -34.40
N ASP B 106 5.69 1.62 -34.97
CA ASP B 106 7.04 1.72 -34.43
C ASP B 106 7.70 2.93 -35.04
N TYR B 107 8.35 3.76 -34.22
CA TYR B 107 8.94 5.00 -34.68
C TYR B 107 10.34 5.15 -34.10
N TRP B 108 11.26 5.64 -34.92
CA TRP B 108 12.63 5.87 -34.53
C TRP B 108 13.00 7.30 -34.86
N GLY B 109 14.01 7.81 -34.15
CA GLY B 109 14.63 9.05 -34.55
C GLY B 109 15.61 8.84 -35.67
N GLN B 110 16.08 9.94 -36.25
CA GLN B 110 17.07 9.82 -37.31
C GLN B 110 18.46 9.47 -36.79
N GLY B 111 18.67 9.48 -35.49
CA GLY B 111 19.93 9.11 -34.88
C GLY B 111 20.84 10.30 -34.69
N THR B 112 21.68 10.21 -33.66
CA THR B 112 22.65 11.25 -33.34
C THR B 112 24.03 10.62 -33.26
N SER B 113 25.01 11.23 -33.94
CA SER B 113 26.37 10.73 -33.96
C SER B 113 27.19 11.37 -32.85
N VAL B 114 27.83 10.54 -32.04
CA VAL B 114 28.69 11.00 -30.95
C VAL B 114 30.09 10.48 -31.24
N THR B 115 31.06 11.40 -31.32
CA THR B 115 32.43 11.06 -31.63
C THR B 115 33.32 11.41 -30.45
N VAL B 116 34.04 10.42 -29.93
CA VAL B 116 34.97 10.61 -28.83
C VAL B 116 36.36 10.67 -29.41
N SER B 117 36.96 11.86 -29.44
CA SER B 117 38.28 12.05 -30.00
C SER B 117 39.04 13.08 -29.20
N SER B 118 40.37 12.98 -29.22
CA SER B 118 41.25 13.95 -28.60
C SER B 118 41.98 14.83 -29.62
N ALA B 119 41.76 14.60 -30.91
CA ALA B 119 42.47 15.35 -31.94
C ALA B 119 41.76 16.68 -32.20
N LYS B 120 42.19 17.38 -33.24
CA LYS B 120 41.64 18.68 -33.60
C LYS B 120 41.53 18.78 -35.12
N THR B 121 40.80 19.79 -35.57
CA THR B 121 40.55 19.96 -36.99
C THR B 121 41.87 20.13 -37.75
N THR B 122 42.01 19.40 -38.85
CA THR B 122 43.25 19.41 -39.61
C THR B 122 42.96 19.38 -41.11
N PRO B 123 43.53 20.29 -41.88
CA PRO B 123 43.35 20.27 -43.34
C PRO B 123 43.93 19.00 -43.93
N PRO B 124 43.34 18.50 -45.02
CA PRO B 124 43.81 17.24 -45.61
C PRO B 124 44.98 17.44 -46.56
N SER B 125 45.75 16.37 -46.74
CA SER B 125 46.88 16.35 -47.66
C SER B 125 46.57 15.40 -48.80
N VAL B 126 46.66 15.92 -50.03
CA VAL B 126 46.31 15.17 -51.24
C VAL B 126 47.59 14.83 -51.99
N TYR B 127 47.73 13.57 -52.39
CA TYR B 127 48.90 13.11 -53.12
C TYR B 127 48.49 12.31 -54.35
N PRO B 128 48.84 12.76 -55.55
CA PRO B 128 48.52 12.00 -56.76
C PRO B 128 49.20 10.65 -56.78
N LEU B 129 48.58 9.69 -57.45
CA LEU B 129 49.12 8.35 -57.64
C LEU B 129 49.28 8.08 -59.13
N ALA B 130 50.40 7.48 -59.51
CA ALA B 130 50.74 7.27 -60.90
C ALA B 130 51.16 5.82 -61.15
N PRO B 131 50.90 5.30 -62.34
CA PRO B 131 51.27 3.91 -62.64
C PRO B 131 52.74 3.82 -63.05
N GLY B 132 53.19 2.59 -63.33
CA GLY B 132 54.60 2.36 -63.56
C GLY B 132 55.06 2.44 -65.00
N SER B 133 55.56 3.62 -65.39
CA SER B 133 56.38 3.82 -66.58
C SER B 133 55.62 3.69 -67.89
N ALA B 134 54.37 3.24 -67.84
CA ALA B 134 53.58 3.02 -69.05
C ALA B 134 52.16 2.63 -68.64
N ALA B 135 51.31 2.42 -69.64
CA ALA B 135 49.99 1.88 -69.41
C ALA B 135 50.10 0.41 -68.98
N GLN B 136 48.99 -0.11 -68.46
CA GLN B 136 48.99 -1.47 -67.92
C GLN B 136 48.80 -2.51 -69.02
N THR B 137 49.61 -2.40 -70.09
CA THR B 137 49.65 -3.39 -71.19
C THR B 137 48.26 -3.69 -71.73
N ASN B 138 47.37 -2.70 -71.69
CA ASN B 138 45.99 -2.87 -72.14
C ASN B 138 45.47 -1.53 -72.65
N SER B 139 44.18 -1.49 -72.94
CA SER B 139 43.49 -0.26 -73.27
C SER B 139 42.92 0.43 -72.04
N MET B 140 43.19 -0.10 -70.85
CA MET B 140 42.61 0.39 -69.62
C MET B 140 43.72 0.68 -68.64
N VAL B 141 43.55 1.74 -67.84
CA VAL B 141 44.53 2.12 -66.83
C VAL B 141 43.79 2.58 -65.57
N THR B 142 44.53 2.68 -64.48
CA THR B 142 44.00 3.09 -63.18
C THR B 142 44.84 4.20 -62.59
N LEU B 143 44.17 5.16 -61.96
CA LEU B 143 44.82 6.27 -61.28
C LEU B 143 44.13 6.48 -59.93
N GLY B 144 44.66 7.43 -59.14
CA GLY B 144 44.06 7.69 -57.85
C GLY B 144 44.59 8.92 -57.13
N CYS B 145 43.75 9.49 -56.27
CA CYS B 145 44.13 10.62 -55.41
C CYS B 145 44.09 10.14 -53.97
N LEU B 146 45.20 10.31 -53.26
CA LEU B 146 45.36 9.80 -51.90
C LEU B 146 45.28 10.94 -50.91
N VAL B 147 44.40 10.81 -49.92
CA VAL B 147 44.17 11.83 -48.90
C VAL B 147 44.45 11.20 -47.54
N LYS B 148 45.35 11.84 -46.78
CA LYS B 148 45.78 11.28 -45.50
C LYS B 148 45.90 12.39 -44.46
N GLY B 149 45.77 11.98 -43.19
CA GLY B 149 46.08 12.86 -42.08
C GLY B 149 45.03 13.90 -41.73
N TYR B 150 43.81 13.77 -42.22
CA TYR B 150 42.79 14.77 -41.96
C TYR B 150 41.91 14.38 -40.78
N PHE B 151 41.14 15.35 -40.31
CA PHE B 151 40.15 15.15 -39.24
C PHE B 151 39.25 16.37 -39.16
N PRO B 152 37.94 16.19 -38.96
CA PRO B 152 37.19 14.93 -38.91
C PRO B 152 36.45 14.65 -40.21
N GLU B 153 35.68 13.56 -40.25
CA GLU B 153 34.86 13.24 -41.41
C GLU B 153 33.74 14.26 -41.56
N PRO B 154 33.16 14.40 -42.76
CA PRO B 154 33.48 13.71 -44.02
C PRO B 154 34.18 14.59 -45.05
N VAL B 155 34.78 13.98 -46.06
CA VAL B 155 35.34 14.68 -47.21
C VAL B 155 34.70 14.15 -48.47
N THR B 156 34.50 15.02 -49.45
CA THR B 156 33.90 14.65 -50.72
C THR B 156 34.95 14.81 -51.82
N VAL B 157 35.14 13.76 -52.62
CA VAL B 157 36.14 13.75 -53.67
C VAL B 157 35.46 13.51 -55.01
N THR B 158 35.88 14.25 -56.03
CA THR B 158 35.39 14.09 -57.39
C THR B 158 36.58 14.14 -58.34
N TRP B 159 36.38 13.58 -59.54
CA TRP B 159 37.42 13.54 -60.57
C TRP B 159 36.98 14.45 -61.72
N ASN B 160 37.83 15.41 -62.08
CA ASN B 160 37.56 16.35 -63.16
C ASN B 160 36.24 17.08 -62.94
N SER B 161 35.99 17.46 -61.69
CA SER B 161 34.77 18.18 -61.30
C SER B 161 33.51 17.43 -61.73
N GLY B 162 33.52 16.12 -61.51
CA GLY B 162 32.36 15.29 -61.82
C GLY B 162 32.27 14.84 -63.27
N SER B 163 33.24 15.19 -64.12
CA SER B 163 33.20 14.75 -65.50
C SER B 163 33.33 13.24 -65.60
N LEU B 164 34.20 12.65 -64.79
CA LEU B 164 34.42 11.19 -64.80
C LEU B 164 33.47 10.56 -63.78
N SER B 165 32.26 10.29 -64.24
CA SER B 165 31.22 9.69 -63.41
C SER B 165 31.18 8.17 -63.50
N SER B 166 32.09 7.56 -64.26
CA SER B 166 32.12 6.11 -64.44
C SER B 166 33.51 5.60 -64.09
N GLY B 167 33.54 4.36 -63.57
CA GLY B 167 34.81 3.76 -63.19
C GLY B 167 35.51 4.49 -62.06
N VAL B 168 34.76 4.94 -61.06
CA VAL B 168 35.30 5.65 -59.91
C VAL B 168 34.92 4.90 -58.65
N HIS B 169 35.91 4.57 -57.82
CA HIS B 169 35.69 3.86 -56.57
C HIS B 169 36.31 4.67 -55.45
N THR B 170 35.48 5.21 -54.57
CA THR B 170 35.92 5.93 -53.38
C THR B 170 35.80 5.01 -52.18
N PHE B 171 36.87 4.84 -51.47
CA PHE B 171 36.88 3.87 -50.39
C PHE B 171 36.67 4.55 -49.04
N PRO B 172 35.96 3.90 -48.12
CA PRO B 172 35.75 4.51 -46.80
C PRO B 172 37.05 4.71 -46.05
N ALA B 173 37.10 5.76 -45.24
CA ALA B 173 38.32 6.14 -44.55
C ALA B 173 38.59 5.19 -43.39
N VAL B 174 39.85 5.19 -42.94
CA VAL B 174 40.30 4.36 -41.84
C VAL B 174 41.14 5.21 -40.90
N LEU B 175 40.88 5.05 -39.60
CA LEU B 175 41.58 5.78 -38.56
C LEU B 175 43.03 5.30 -38.47
N GLN B 176 43.97 6.24 -38.40
CA GLN B 176 45.38 5.93 -38.28
C GLN B 176 46.04 7.03 -37.45
N SER B 177 46.55 6.66 -36.28
CA SER B 177 47.19 7.61 -35.37
C SER B 177 46.28 8.81 -35.08
N ASP B 178 45.01 8.50 -34.80
CA ASP B 178 43.98 9.50 -34.52
C ASP B 178 43.74 10.43 -35.71
N LEU B 179 44.05 9.98 -36.93
CA LEU B 179 43.78 10.73 -38.14
C LEU B 179 43.20 9.79 -39.19
N TYR B 180 42.26 10.30 -39.98
CA TYR B 180 41.61 9.49 -40.99
C TYR B 180 42.45 9.41 -42.26
N THR B 181 42.11 8.45 -43.11
CA THR B 181 42.84 8.22 -44.35
C THR B 181 41.87 7.68 -45.39
N LEU B 182 41.60 8.47 -46.43
CA LEU B 182 40.66 8.09 -47.48
C LEU B 182 41.38 8.14 -48.82
N SER B 183 41.06 7.17 -49.68
CA SER B 183 41.66 7.10 -51.00
C SER B 183 40.58 6.81 -52.03
N SER B 184 40.83 7.24 -53.27
CA SER B 184 39.89 7.05 -54.37
C SER B 184 40.65 6.56 -55.59
N SER B 185 39.92 5.91 -56.48
CA SER B 185 40.47 5.38 -57.72
C SER B 185 39.66 5.86 -58.91
N VAL B 186 40.34 6.01 -60.05
CA VAL B 186 39.70 6.43 -61.29
C VAL B 186 40.28 5.60 -62.43
N THR B 187 39.44 5.25 -63.39
CA THR B 187 39.82 4.40 -64.50
C THR B 187 39.46 5.08 -65.81
N VAL B 188 40.45 5.27 -66.67
CA VAL B 188 40.29 6.07 -67.89
C VAL B 188 40.83 5.29 -69.09
N PRO B 189 40.13 5.25 -70.21
CA PRO B 189 40.62 4.54 -71.40
C PRO B 189 41.45 5.38 -72.36
N SER B 190 41.62 6.68 -72.12
CA SER B 190 42.40 7.54 -72.99
C SER B 190 43.90 7.43 -72.74
N SER B 191 44.34 6.41 -72.00
CA SER B 191 45.74 6.22 -71.64
C SER B 191 46.38 7.45 -71.00
N PRO B 192 45.87 7.91 -69.85
CA PRO B 192 46.53 9.02 -69.16
C PRO B 192 47.89 8.59 -68.62
N ARG B 193 48.75 9.59 -68.41
CA ARG B 193 50.17 9.35 -68.13
C ARG B 193 50.74 8.45 -69.24
N PRO B 194 51.07 9.02 -70.41
CA PRO B 194 51.31 10.44 -70.68
C PRO B 194 50.15 11.25 -71.30
N SER B 195 48.90 11.16 -70.83
CA SER B 195 47.82 11.93 -71.44
C SER B 195 46.96 12.63 -70.39
N GLU B 196 46.55 13.85 -70.72
CA GLU B 196 45.41 14.53 -70.12
C GLU B 196 45.62 15.01 -68.69
N THR B 197 46.70 14.57 -68.04
CA THR B 197 47.06 14.97 -66.67
C THR B 197 45.82 15.11 -65.79
N VAL B 198 45.12 13.99 -65.62
CA VAL B 198 43.82 13.94 -64.95
C VAL B 198 43.87 14.64 -63.59
N THR B 199 42.78 15.33 -63.23
CA THR B 199 42.71 16.10 -62.01
C THR B 199 41.57 15.61 -61.13
N CYS B 200 41.75 15.75 -59.81
CA CYS B 200 40.73 15.39 -58.85
C CYS B 200 40.44 16.59 -57.94
N ASN B 201 39.19 16.73 -57.55
CA ASN B 201 38.73 17.84 -56.73
C ASN B 201 38.33 17.31 -55.36
N VAL B 202 38.90 17.89 -54.31
CA VAL B 202 38.68 17.45 -52.94
C VAL B 202 38.18 18.62 -52.11
N ALA B 203 37.25 18.35 -51.20
CA ALA B 203 36.67 19.36 -50.34
C ALA B 203 36.67 18.89 -48.90
N HIS B 204 36.70 19.84 -47.98
CA HIS B 204 36.71 19.53 -46.54
C HIS B 204 35.98 20.65 -45.80
N PRO B 205 34.66 20.53 -45.68
CA PRO B 205 33.88 21.58 -44.99
C PRO B 205 34.32 21.83 -43.56
N ALA B 206 34.89 20.79 -42.92
CA ALA B 206 35.30 20.92 -41.52
C ALA B 206 36.33 22.03 -41.34
N SER B 207 37.28 22.15 -42.27
CA SER B 207 38.26 23.22 -42.23
C SER B 207 38.01 24.31 -43.27
N SER B 208 36.94 24.17 -44.06
CA SER B 208 36.60 25.13 -45.11
C SER B 208 37.76 25.30 -46.10
N THR B 209 38.41 24.20 -46.43
CA THR B 209 39.53 24.19 -47.35
C THR B 209 39.21 23.32 -48.56
N LYS B 210 39.48 23.84 -49.74
CA LYS B 210 39.27 23.12 -51.00
C LYS B 210 40.59 23.02 -51.74
N VAL B 211 40.96 21.80 -52.11
CA VAL B 211 42.25 21.52 -52.73
C VAL B 211 42.03 20.78 -54.04
N ASP B 212 42.81 21.15 -55.05
CA ASP B 212 42.80 20.49 -56.35
C ASP B 212 44.21 20.05 -56.70
N LYS B 213 44.31 18.92 -57.41
CA LYS B 213 45.61 18.35 -57.74
C LYS B 213 45.53 17.73 -59.13
N LYS B 214 46.69 17.37 -59.66
CA LYS B 214 46.81 16.76 -60.97
C LYS B 214 47.67 15.51 -60.87
N ILE B 215 47.34 14.51 -61.68
CA ILE B 215 48.11 13.27 -61.71
C ILE B 215 49.32 13.43 -62.62
N GLU C 1 20.98 -12.24 -19.36
CA GLU C 1 20.84 -11.69 -20.70
C GLU C 1 20.75 -12.81 -21.73
N LEU C 2 19.58 -12.93 -22.35
CA LEU C 2 19.36 -13.93 -23.37
C LEU C 2 20.21 -13.63 -24.60
N GLN C 3 20.82 -14.68 -25.16
CA GLN C 3 21.70 -14.55 -26.31
C GLN C 3 20.93 -14.95 -27.56
N MET C 4 20.72 -14.00 -28.47
CA MET C 4 20.07 -14.26 -29.75
C MET C 4 21.15 -14.36 -30.81
N THR C 5 21.17 -15.47 -31.54
CA THR C 5 22.23 -15.77 -32.48
C THR C 5 21.66 -15.96 -33.87
N GLN C 6 22.31 -15.36 -34.86
CA GLN C 6 21.95 -15.51 -36.26
C GLN C 6 23.13 -16.10 -37.03
N SER C 7 22.82 -17.01 -37.96
CA SER C 7 23.85 -17.57 -38.81
C SER C 7 23.19 -17.99 -40.11
N PRO C 8 23.82 -17.75 -41.27
CA PRO C 8 25.10 -17.07 -41.47
C PRO C 8 24.98 -15.55 -41.45
N LYS C 9 26.09 -14.85 -41.22
CA LYS C 9 26.07 -13.39 -41.19
C LYS C 9 25.79 -12.77 -42.55
N PHE C 10 25.94 -13.54 -43.63
CA PHE C 10 25.71 -13.05 -44.98
C PHE C 10 24.83 -14.05 -45.74
N MET C 11 23.89 -13.53 -46.50
CA MET C 11 23.05 -14.33 -47.38
C MET C 11 23.00 -13.67 -48.74
N SER C 12 22.95 -14.49 -49.79
CA SER C 12 22.97 -14.00 -51.16
C SER C 12 21.92 -14.72 -51.99
N THR C 13 21.07 -13.95 -52.65
CA THR C 13 19.99 -14.48 -53.48
C THR C 13 19.93 -13.66 -54.76
N SER C 14 18.84 -13.82 -55.50
CA SER C 14 18.60 -13.03 -56.71
C SER C 14 17.14 -12.61 -56.75
N VAL C 15 16.84 -11.68 -57.66
CA VAL C 15 15.50 -11.08 -57.70
C VAL C 15 14.48 -12.14 -58.06
N GLY C 16 13.42 -12.23 -57.24
CA GLY C 16 12.37 -13.21 -57.44
C GLY C 16 12.53 -14.48 -56.63
N ASP C 17 13.62 -14.62 -55.89
CA ASP C 17 13.89 -15.84 -55.15
C ASP C 17 13.24 -15.80 -53.75
N ARG C 18 13.22 -16.95 -53.10
CA ARG C 18 12.77 -17.07 -51.73
C ARG C 18 13.98 -17.17 -50.81
N VAL C 19 14.00 -16.36 -49.77
CA VAL C 19 15.08 -16.37 -48.78
C VAL C 19 14.48 -16.38 -47.39
N SER C 20 15.02 -17.22 -46.52
CA SER C 20 14.54 -17.36 -45.15
C SER C 20 15.68 -17.05 -44.20
N VAL C 21 15.45 -16.12 -43.28
CA VAL C 21 16.44 -15.70 -42.29
C VAL C 21 16.03 -16.27 -40.95
N THR C 22 16.92 -17.04 -40.33
CA THR C 22 16.61 -17.77 -39.11
C THR C 22 17.36 -17.18 -37.93
N CYS C 23 16.64 -17.04 -36.81
CA CYS C 23 17.19 -16.48 -35.58
C CYS C 23 17.06 -17.53 -34.47
N LYS C 24 18.12 -17.69 -33.68
CA LYS C 24 18.20 -18.68 -32.63
C LYS C 24 18.27 -17.99 -31.27
N ALA C 25 17.51 -18.51 -30.31
CA ALA C 25 17.48 -17.95 -28.96
C ALA C 25 18.14 -18.90 -27.97
N SER C 26 18.51 -18.35 -26.81
CA SER C 26 19.15 -19.13 -25.76
C SER C 26 18.21 -19.56 -24.66
N GLN C 27 16.95 -19.13 -24.70
CA GLN C 27 15.95 -19.48 -23.71
C GLN C 27 14.60 -19.56 -24.43
N ASN C 28 13.51 -19.53 -23.65
CA ASN C 28 12.18 -19.46 -24.22
C ASN C 28 11.74 -18.00 -24.27
N VAL C 29 11.22 -17.58 -25.42
CA VAL C 29 10.73 -16.23 -25.62
C VAL C 29 9.35 -16.30 -26.25
N SER C 30 8.47 -15.38 -25.85
CA SER C 30 7.13 -15.28 -26.40
C SER C 30 7.01 -14.25 -27.50
N ASN C 31 7.86 -13.22 -27.50
CA ASN C 31 7.75 -12.12 -28.45
C ASN C 31 9.11 -11.95 -29.13
N VAL C 32 9.13 -12.05 -30.46
CA VAL C 32 10.33 -11.78 -31.25
C VAL C 32 9.95 -10.84 -32.38
N ALA C 33 10.71 -9.76 -32.53
CA ALA C 33 10.49 -8.78 -33.57
C ALA C 33 11.63 -8.80 -34.59
N TRP C 34 11.35 -8.27 -35.78
CA TRP C 34 12.31 -8.21 -36.86
C TRP C 34 12.40 -6.77 -37.37
N TYR C 35 13.63 -6.28 -37.51
CA TYR C 35 13.90 -4.93 -38.02
C TYR C 35 14.75 -5.02 -39.27
N GLN C 36 14.62 -4.01 -40.13
CA GLN C 36 15.39 -3.89 -41.35
C GLN C 36 16.14 -2.56 -41.36
N GLN C 37 17.41 -2.59 -41.75
CA GLN C 37 18.22 -1.38 -41.78
C GLN C 37 19.04 -1.32 -43.06
N LYS C 38 18.86 -0.25 -43.83
CA LYS C 38 19.70 0.16 -44.95
C LYS C 38 20.72 1.18 -44.48
N PRO C 39 21.90 1.24 -45.10
CA PRO C 39 22.96 2.10 -44.56
C PRO C 39 22.55 3.57 -44.52
N GLY C 40 22.98 4.25 -43.46
CA GLY C 40 22.64 5.65 -43.29
C GLY C 40 21.19 5.91 -42.97
N GLN C 41 20.50 4.94 -42.38
CA GLN C 41 19.10 5.10 -42.01
C GLN C 41 18.85 4.46 -40.66
N SER C 42 17.78 4.88 -40.01
CA SER C 42 17.36 4.22 -38.80
C SER C 42 16.63 2.92 -39.12
N PRO C 43 16.64 1.95 -38.21
CA PRO C 43 15.96 0.68 -38.47
C PRO C 43 14.46 0.87 -38.65
N LYS C 44 13.88 0.02 -39.49
CA LYS C 44 12.45 0.02 -39.76
C LYS C 44 11.86 -1.33 -39.36
N ALA C 45 10.83 -1.30 -38.53
CA ALA C 45 10.25 -2.54 -38.03
C ALA C 45 9.51 -3.29 -39.13
N MET C 46 9.65 -4.61 -39.13
CA MET C 46 9.04 -5.47 -40.13
C MET C 46 7.91 -6.32 -39.54
N ILE C 47 8.21 -7.12 -38.54
CA ILE C 47 7.26 -8.10 -38.00
C ILE C 47 7.36 -8.09 -36.49
N TYR C 48 6.21 -8.18 -35.82
CA TYR C 48 6.15 -8.24 -34.37
C TYR C 48 5.37 -9.48 -33.94
N SER C 49 5.63 -9.93 -32.72
CA SER C 49 5.01 -11.13 -32.15
C SER C 49 5.29 -12.36 -33.00
N ALA C 50 6.39 -12.32 -33.76
CA ALA C 50 6.95 -13.39 -34.57
C ALA C 50 6.15 -13.73 -35.82
N SER C 51 4.92 -13.24 -35.96
CA SER C 51 4.13 -13.56 -37.14
C SER C 51 3.44 -12.38 -37.79
N TYR C 52 3.20 -11.27 -37.09
CA TYR C 52 2.34 -10.20 -37.58
C TYR C 52 3.18 -9.05 -38.12
N ARG C 53 2.80 -8.55 -39.29
CA ARG C 53 3.51 -7.46 -39.94
C ARG C 53 3.14 -6.11 -39.32
N TYR C 54 4.03 -5.15 -39.52
CA TYR C 54 3.81 -3.78 -39.10
C TYR C 54 3.09 -3.01 -40.20
N SER C 55 2.79 -1.75 -39.91
CA SER C 55 2.08 -0.91 -40.89
C SER C 55 3.00 -0.56 -42.05
N GLY C 56 2.45 -0.63 -43.26
CA GLY C 56 3.22 -0.35 -44.46
C GLY C 56 4.33 -1.36 -44.72
N VAL C 57 4.03 -2.65 -44.57
CA VAL C 57 4.99 -3.72 -44.82
C VAL C 57 4.44 -4.60 -45.92
N PRO C 58 5.20 -4.85 -46.99
CA PRO C 58 4.68 -5.71 -48.08
C PRO C 58 4.45 -7.13 -47.59
N GLY C 59 3.51 -7.81 -48.25
CA GLY C 59 3.15 -9.17 -47.88
C GLY C 59 4.24 -10.19 -48.10
N ARG C 60 5.34 -9.81 -48.77
CA ARG C 60 6.44 -10.74 -48.99
C ARG C 60 7.06 -11.19 -47.67
N PHE C 61 7.08 -10.32 -46.67
CA PHE C 61 7.70 -10.62 -45.38
C PHE C 61 6.70 -11.36 -44.50
N THR C 62 7.09 -12.56 -44.06
CA THR C 62 6.25 -13.38 -43.20
C THR C 62 7.10 -13.96 -42.08
N GLY C 63 6.47 -14.17 -40.93
CA GLY C 63 7.18 -14.68 -39.77
C GLY C 63 6.66 -16.01 -39.27
N SER C 64 7.52 -16.78 -38.62
CA SER C 64 7.15 -18.10 -38.13
C SER C 64 8.12 -18.50 -37.03
N GLY C 65 7.77 -19.56 -36.31
CA GLY C 65 8.59 -20.07 -35.25
C GLY C 65 7.99 -19.77 -33.88
N SER C 66 8.48 -20.49 -32.87
CA SER C 66 7.99 -20.32 -31.51
C SER C 66 9.01 -20.90 -30.54
N GLY C 67 8.92 -20.44 -29.30
CA GLY C 67 9.72 -20.98 -28.23
C GLY C 67 11.17 -20.55 -28.27
N THR C 68 11.93 -21.16 -29.18
CA THR C 68 13.35 -20.84 -29.32
C THR C 68 13.80 -20.67 -30.78
N ASP C 69 13.11 -21.26 -31.75
CA ASP C 69 13.47 -21.12 -33.16
C ASP C 69 12.52 -20.14 -33.82
N PHE C 70 13.07 -19.21 -34.59
CA PHE C 70 12.27 -18.22 -35.30
C PHE C 70 12.86 -18.00 -36.68
N THR C 71 12.02 -17.54 -37.61
CA THR C 71 12.44 -17.40 -39.00
C THR C 71 11.63 -16.30 -39.67
N LEU C 72 12.33 -15.42 -40.39
CA LEU C 72 11.72 -14.41 -41.23
C LEU C 72 11.88 -14.82 -42.69
N THR C 73 10.79 -14.76 -43.45
CA THR C 73 10.74 -15.26 -44.81
C THR C 73 10.40 -14.14 -45.76
N ILE C 74 11.12 -14.07 -46.87
CA ILE C 74 10.86 -13.11 -47.94
C ILE C 74 10.47 -13.89 -49.19
N ASN C 75 9.26 -13.64 -49.70
CA ASN C 75 8.72 -14.46 -50.77
C ASN C 75 9.42 -14.22 -52.11
N ASN C 76 9.60 -12.96 -52.51
CA ASN C 76 10.28 -12.65 -53.76
C ASN C 76 10.96 -11.29 -53.59
N VAL C 77 12.28 -11.31 -53.47
CA VAL C 77 13.00 -10.06 -53.25
C VAL C 77 12.87 -9.18 -54.49
N GLN C 78 12.90 -7.86 -54.27
CA GLN C 78 12.63 -6.90 -55.33
C GLN C 78 13.69 -5.81 -55.40
N SER C 79 14.91 -6.09 -54.95
CA SER C 79 16.04 -5.18 -54.89
C SER C 79 15.80 -4.04 -53.91
N GLU C 80 14.61 -3.94 -53.33
CA GLU C 80 14.34 -3.05 -52.22
C GLU C 80 14.49 -3.74 -50.88
N ASP C 81 14.75 -5.05 -50.89
CA ASP C 81 14.92 -5.85 -49.68
C ASP C 81 16.38 -6.08 -49.33
N LEU C 82 17.30 -5.46 -50.07
CA LEU C 82 18.73 -5.68 -49.84
C LEU C 82 19.16 -4.81 -48.66
N ALA C 83 19.20 -5.40 -47.47
CA ALA C 83 19.52 -4.67 -46.25
C ALA C 83 20.04 -5.66 -45.23
N THR C 84 20.18 -5.20 -43.99
CA THR C 84 20.57 -6.03 -42.85
C THR C 84 19.35 -6.25 -41.96
N TYR C 85 19.19 -7.49 -41.49
CA TYR C 85 18.03 -7.88 -40.70
C TYR C 85 18.47 -8.34 -39.33
N PHE C 86 17.83 -7.81 -38.29
CA PHE C 86 18.10 -8.16 -36.90
C PHE C 86 16.83 -8.72 -36.28
N CYS C 87 16.99 -9.72 -35.42
CA CYS C 87 15.90 -10.18 -34.56
C CYS C 87 16.05 -9.55 -33.18
N GLN C 88 14.94 -9.44 -32.47
CA GLN C 88 14.93 -8.83 -31.15
C GLN C 88 13.87 -9.50 -30.30
N GLN C 89 14.09 -9.46 -28.99
CA GLN C 89 13.12 -9.97 -28.01
C GLN C 89 12.96 -8.92 -26.92
N ASN C 90 11.72 -8.78 -26.42
CA ASN C 90 11.56 -7.91 -25.27
C ASN C 90 11.15 -8.66 -24.00
N SER C 91 11.02 -9.98 -24.07
CA SER C 91 10.34 -10.75 -23.04
C SER C 91 11.08 -10.73 -21.70
N SER C 92 12.35 -10.32 -21.69
CA SER C 92 13.09 -10.19 -20.44
C SER C 92 14.06 -9.03 -20.55
N PHE C 93 14.39 -8.46 -19.41
CA PHE C 93 15.33 -7.34 -19.32
C PHE C 93 16.76 -7.85 -19.18
N PRO C 94 17.72 -7.29 -19.91
CA PRO C 94 17.60 -6.24 -20.92
C PRO C 94 17.16 -6.77 -22.28
N PHE C 95 16.60 -5.93 -23.15
CA PHE C 95 16.28 -6.35 -24.50
C PHE C 95 17.58 -6.59 -25.27
N THR C 96 17.58 -7.64 -26.10
CA THR C 96 18.78 -8.00 -26.85
C THR C 96 18.43 -8.22 -28.32
N PHE C 97 19.26 -7.68 -29.19
CA PHE C 97 19.11 -7.82 -30.62
C PHE C 97 19.97 -8.97 -31.15
N GLY C 98 19.63 -9.44 -32.33
CA GLY C 98 20.44 -10.41 -33.01
C GLY C 98 21.68 -9.79 -33.63
N GLY C 99 22.54 -10.65 -34.17
CA GLY C 99 23.78 -10.17 -34.75
C GLY C 99 23.63 -9.45 -36.07
N GLY C 100 22.63 -9.80 -36.86
CA GLY C 100 22.43 -9.17 -38.15
C GLY C 100 22.69 -10.14 -39.29
N THR C 101 21.94 -9.96 -40.38
CA THR C 101 22.08 -10.77 -41.58
C THR C 101 22.00 -9.85 -42.79
N LYS C 102 23.13 -9.72 -43.50
CA LYS C 102 23.19 -8.88 -44.69
C LYS C 102 22.75 -9.67 -45.91
N LEU C 103 21.92 -9.06 -46.75
CA LEU C 103 21.51 -9.66 -48.01
C LEU C 103 22.36 -9.12 -49.16
N GLU C 104 22.55 -9.97 -50.17
CA GLU C 104 23.37 -9.62 -51.33
C GLU C 104 22.67 -10.09 -52.59
N ILE C 105 23.41 -10.06 -53.71
CA ILE C 105 22.91 -10.50 -55.00
C ILE C 105 23.91 -11.49 -55.59
N LYS C 106 23.41 -12.62 -56.08
CA LYS C 106 24.27 -13.67 -56.66
C LYS C 106 24.49 -13.36 -58.13
N ARG C 107 25.71 -12.95 -58.46
CA ARG C 107 26.11 -12.73 -59.84
C ARG C 107 27.29 -13.65 -60.19
N ALA C 108 27.80 -13.52 -61.40
CA ALA C 108 28.88 -14.35 -61.87
C ALA C 108 30.22 -13.93 -61.25
N ASP C 109 31.19 -14.83 -61.32
CA ASP C 109 32.50 -14.58 -60.73
C ASP C 109 33.26 -13.52 -61.53
N ALA C 110 34.28 -12.95 -60.88
CA ALA C 110 35.12 -11.94 -61.50
C ALA C 110 36.49 -11.97 -60.86
N ALA C 111 37.47 -11.35 -61.53
CA ALA C 111 38.82 -11.35 -61.00
C ALA C 111 39.27 -9.93 -60.67
N PRO C 112 40.08 -9.78 -59.61
CA PRO C 112 40.54 -8.44 -59.21
C PRO C 112 41.65 -7.94 -60.14
N THR C 113 41.55 -6.67 -60.52
CA THR C 113 42.57 -6.03 -61.35
C THR C 113 43.56 -5.32 -60.42
N VAL C 114 44.56 -6.08 -60.00
CA VAL C 114 45.56 -5.58 -59.06
C VAL C 114 46.35 -4.46 -59.72
N SER C 115 46.52 -3.35 -59.01
CA SER C 115 47.27 -2.21 -59.51
C SER C 115 48.06 -1.59 -58.37
N ILE C 116 49.38 -1.56 -58.50
CA ILE C 116 50.27 -1.06 -57.47
C ILE C 116 50.81 0.29 -57.90
N PHE C 117 51.00 1.18 -56.92
CA PHE C 117 51.47 2.53 -57.19
C PHE C 117 52.60 2.90 -56.25
N PRO C 118 53.65 3.54 -56.76
CA PRO C 118 54.74 4.01 -55.89
C PRO C 118 54.29 5.22 -55.10
N PRO C 119 54.94 5.51 -53.97
CA PRO C 119 54.61 6.73 -53.23
C PRO C 119 55.01 7.97 -54.00
N SER C 120 54.18 9.01 -53.90
CA SER C 120 54.44 10.25 -54.63
C SER C 120 55.69 10.95 -54.08
N SER C 121 56.44 11.58 -54.98
CA SER C 121 57.62 12.32 -54.56
C SER C 121 57.25 13.49 -53.66
N GLU C 122 56.08 14.09 -53.87
CA GLU C 122 55.63 15.16 -52.99
C GLU C 122 55.45 14.67 -51.56
N GLN C 123 54.90 13.46 -51.40
CA GLN C 123 54.80 12.87 -50.06
C GLN C 123 56.17 12.60 -49.48
N LEU C 124 57.10 12.12 -50.30
CA LEU C 124 58.47 11.89 -49.83
C LEU C 124 59.15 13.18 -49.41
N THR C 125 58.72 14.31 -49.99
CA THR C 125 59.29 15.60 -49.60
C THR C 125 58.98 15.90 -48.13
N SER C 126 57.79 15.53 -47.67
CA SER C 126 57.39 15.77 -46.28
C SER C 126 57.92 14.71 -45.33
N GLY C 127 58.65 13.70 -45.83
CA GLY C 127 59.18 12.64 -44.99
C GLY C 127 58.26 11.45 -44.81
N GLY C 128 57.07 11.47 -45.41
CA GLY C 128 56.15 10.36 -45.29
C GLY C 128 56.02 9.57 -46.57
N ALA C 129 55.58 8.31 -46.46
CA ALA C 129 55.41 7.47 -47.63
C ALA C 129 54.32 6.44 -47.33
N SER C 130 53.57 6.08 -48.37
CA SER C 130 52.52 5.07 -48.23
C SER C 130 52.24 4.48 -49.61
N VAL C 131 52.66 3.24 -49.82
CA VAL C 131 52.37 2.53 -51.05
C VAL C 131 50.94 2.01 -51.02
N VAL C 132 50.29 1.98 -52.18
CA VAL C 132 48.87 1.65 -52.28
C VAL C 132 48.67 0.56 -53.33
N CYS C 133 47.54 -0.13 -53.21
CA CYS C 133 47.18 -1.22 -54.11
C CYS C 133 45.68 -1.22 -54.30
N PHE C 134 45.23 -1.27 -55.55
CA PHE C 134 43.82 -1.24 -55.89
C PHE C 134 43.43 -2.54 -56.57
N LEU C 135 42.37 -3.18 -56.08
CA LEU C 135 41.90 -4.47 -56.58
C LEU C 135 40.42 -4.38 -56.93
N ASN C 136 40.04 -3.33 -57.65
CA ASN C 136 38.63 -3.03 -57.89
C ASN C 136 38.00 -4.05 -58.84
N ASN C 137 36.66 -4.13 -58.77
CA ASN C 137 35.84 -4.98 -59.64
C ASN C 137 36.24 -6.45 -59.55
N PHE C 138 35.99 -7.02 -58.38
CA PHE C 138 36.17 -8.45 -58.16
C PHE C 138 34.94 -9.01 -57.45
N TYR C 139 34.73 -10.32 -57.63
CA TYR C 139 33.61 -11.03 -57.02
C TYR C 139 34.04 -12.46 -56.79
N PRO C 140 33.65 -13.09 -55.66
CA PRO C 140 32.85 -12.58 -54.55
C PRO C 140 33.64 -11.69 -53.60
N LYS C 141 33.17 -11.49 -52.37
CA LYS C 141 33.81 -10.55 -51.46
C LYS C 141 34.94 -11.16 -50.64
N ASP C 142 35.14 -12.47 -50.68
CA ASP C 142 36.19 -13.12 -49.90
C ASP C 142 37.52 -12.95 -50.64
N ILE C 143 38.46 -12.25 -50.01
CA ILE C 143 39.73 -11.96 -50.65
C ILE C 143 40.75 -11.65 -49.55
N ASN C 144 42.01 -11.99 -49.83
CA ASN C 144 43.12 -11.71 -48.92
C ASN C 144 44.20 -10.92 -49.64
N VAL C 145 44.85 -10.01 -48.92
CA VAL C 145 45.85 -9.10 -49.47
C VAL C 145 47.10 -9.18 -48.62
N LYS C 146 48.27 -9.20 -49.28
CA LYS C 146 49.55 -9.16 -48.59
C LYS C 146 50.49 -8.23 -49.34
N TRP C 147 51.51 -7.75 -48.65
CA TRP C 147 52.54 -6.89 -49.23
C TRP C 147 53.90 -7.55 -49.09
N LYS C 148 54.76 -7.30 -50.08
CA LYS C 148 56.12 -7.82 -50.08
C LYS C 148 57.07 -6.73 -50.53
N ILE C 149 58.24 -6.69 -49.90
CA ILE C 149 59.28 -5.72 -50.22
C ILE C 149 60.52 -6.49 -50.64
N ASP C 150 60.99 -6.24 -51.87
CA ASP C 150 62.17 -6.89 -52.42
C ASP C 150 62.04 -8.41 -52.36
N GLY C 151 60.83 -8.92 -52.52
CA GLY C 151 60.57 -10.33 -52.40
C GLY C 151 60.44 -10.84 -50.98
N SER C 152 60.45 -9.97 -49.98
CA SER C 152 60.36 -10.35 -48.59
C SER C 152 59.05 -9.84 -47.99
N GLU C 153 58.37 -10.71 -47.25
CA GLU C 153 57.10 -10.34 -46.63
C GLU C 153 57.34 -9.33 -45.50
N ARG C 154 56.42 -8.38 -45.37
CA ARG C 154 56.46 -7.37 -44.30
C ARG C 154 55.02 -7.13 -43.84
N GLN C 155 54.62 -7.84 -42.79
CA GLN C 155 53.26 -7.73 -42.26
C GLN C 155 53.20 -6.73 -41.11
N ASN C 156 53.45 -5.47 -41.45
CA ASN C 156 53.43 -4.40 -40.45
C ASN C 156 53.03 -3.10 -41.12
N GLY C 157 52.17 -2.34 -40.44
CA GLY C 157 51.75 -1.05 -40.94
C GLY C 157 50.92 -1.09 -42.20
N VAL C 158 50.02 -2.06 -42.33
CA VAL C 158 49.19 -2.22 -43.52
C VAL C 158 47.74 -1.97 -43.13
N LEU C 159 47.08 -1.05 -43.84
CA LEU C 159 45.67 -0.73 -43.62
C LEU C 159 44.89 -1.10 -44.87
N ASN C 160 43.78 -1.82 -44.68
CA ASN C 160 42.97 -2.32 -45.78
C ASN C 160 41.56 -1.76 -45.68
N SER C 161 41.00 -1.36 -46.81
CA SER C 161 39.65 -0.85 -46.89
C SER C 161 38.84 -1.66 -47.89
N TRP C 162 37.62 -2.00 -47.51
CA TRP C 162 36.71 -2.73 -48.38
C TRP C 162 35.68 -1.79 -48.98
N THR C 163 34.86 -2.31 -49.88
CA THR C 163 33.76 -1.57 -50.46
C THR C 163 32.51 -2.43 -50.43
N ASP C 164 31.37 -1.80 -50.14
CA ASP C 164 30.11 -2.51 -50.22
C ASP C 164 29.81 -2.88 -51.67
N GLN C 165 28.88 -3.82 -51.83
CA GLN C 165 28.53 -4.29 -53.18
C GLN C 165 28.05 -3.13 -54.03
N ASP C 166 28.57 -3.05 -55.26
CA ASP C 166 28.22 -1.98 -56.16
C ASP C 166 26.76 -2.09 -56.59
N SER C 167 26.06 -0.96 -56.63
CA SER C 167 24.66 -0.95 -57.02
C SER C 167 24.46 -1.12 -58.51
N LYS C 168 25.53 -1.01 -59.31
CA LYS C 168 25.44 -1.14 -60.76
C LYS C 168 26.03 -2.45 -61.27
N ASP C 169 27.28 -2.73 -60.93
CA ASP C 169 27.98 -3.92 -61.41
C ASP C 169 27.89 -5.11 -60.46
N SER C 170 27.32 -4.91 -59.27
CA SER C 170 27.23 -5.94 -58.23
C SER C 170 28.59 -6.51 -57.87
N THR C 171 29.65 -5.72 -58.03
CA THR C 171 31.01 -6.16 -57.76
C THR C 171 31.50 -5.55 -56.43
N TYR C 172 32.71 -5.93 -56.05
CA TYR C 172 33.36 -5.42 -54.86
C TYR C 172 34.68 -4.75 -55.24
N SER C 173 35.31 -4.12 -54.26
CA SER C 173 36.61 -3.50 -54.46
C SER C 173 37.36 -3.49 -53.15
N MET C 174 38.68 -3.35 -53.25
CA MET C 174 39.55 -3.34 -52.08
C MET C 174 40.65 -2.31 -52.29
N SER C 175 41.17 -1.80 -51.18
CA SER C 175 42.32 -0.91 -51.18
C SER C 175 43.27 -1.32 -50.08
N SER C 176 44.55 -1.45 -50.41
CA SER C 176 45.58 -1.82 -49.45
C SER C 176 46.61 -0.71 -49.38
N THR C 177 46.88 -0.21 -48.17
CA THR C 177 47.81 0.88 -47.95
C THR C 177 48.85 0.42 -46.93
N LEU C 178 50.12 0.49 -47.32
CA LEU C 178 51.23 0.16 -46.43
C LEU C 178 52.02 1.44 -46.17
N THR C 179 52.05 1.87 -44.92
CA THR C 179 52.71 3.12 -44.55
C THR C 179 54.17 2.85 -44.18
N LEU C 180 55.07 3.66 -44.76
CA LEU C 180 56.50 3.53 -44.53
C LEU C 180 57.11 4.91 -44.35
N THR C 181 58.22 4.96 -43.64
CA THR C 181 58.97 6.20 -43.52
C THR C 181 59.75 6.47 -44.81
N LYS C 182 60.15 7.72 -44.98
CA LYS C 182 60.85 8.11 -46.21
C LYS C 182 62.19 7.38 -46.34
N ASP C 183 62.94 7.30 -45.24
CA ASP C 183 64.27 6.69 -45.29
C ASP C 183 64.23 5.17 -45.40
N GLU C 184 63.17 4.52 -44.90
CA GLU C 184 63.04 3.08 -45.06
C GLU C 184 62.51 2.70 -46.44
N TYR C 185 61.89 3.65 -47.16
CA TYR C 185 61.46 3.38 -48.53
C TYR C 185 62.63 3.44 -49.49
N GLU C 186 63.61 4.31 -49.23
CA GLU C 186 64.75 4.48 -50.11
C GLU C 186 65.80 3.39 -49.94
N ARG C 187 65.72 2.58 -48.88
CA ARG C 187 66.70 1.55 -48.63
C ARG C 187 66.37 0.21 -49.28
N HIS C 188 65.28 0.14 -50.04
CA HIS C 188 64.91 -1.06 -50.79
C HIS C 188 64.74 -0.70 -52.26
N ASN C 189 64.46 -1.72 -53.08
CA ASN C 189 64.41 -1.55 -54.53
C ASN C 189 63.05 -1.84 -55.12
N SER C 190 62.44 -2.98 -54.79
CA SER C 190 61.19 -3.40 -55.40
C SER C 190 60.15 -3.70 -54.34
N TYR C 191 58.88 -3.49 -54.70
CA TYR C 191 57.75 -3.75 -53.82
C TYR C 191 56.72 -4.58 -54.55
N THR C 192 56.03 -5.45 -53.81
CA THR C 192 55.13 -6.44 -54.40
C THR C 192 53.80 -6.43 -53.66
N CYS C 193 52.70 -6.47 -54.43
CA CYS C 193 51.35 -6.55 -53.90
C CYS C 193 50.76 -7.90 -54.28
N GLU C 194 50.16 -8.58 -53.31
CA GLU C 194 49.61 -9.92 -53.51
C GLU C 194 48.10 -9.90 -53.29
N ALA C 195 47.41 -10.78 -54.02
CA ALA C 195 45.95 -10.86 -53.94
C ALA C 195 45.52 -12.30 -54.18
N THR C 196 44.69 -12.82 -53.27
CA THR C 196 44.08 -14.14 -53.41
C THR C 196 42.64 -14.05 -52.96
N HIS C 197 41.73 -14.65 -53.72
CA HIS C 197 40.31 -14.61 -53.40
C HIS C 197 39.71 -16.00 -53.52
N LYS C 198 38.40 -16.09 -53.32
CA LYS C 198 37.73 -17.38 -53.14
C LYS C 198 37.92 -18.29 -54.34
N THR C 199 37.63 -17.79 -55.54
CA THR C 199 37.73 -18.58 -56.76
C THR C 199 39.00 -18.28 -57.54
N SER C 200 40.02 -17.76 -56.87
CA SER C 200 41.31 -17.52 -57.50
C SER C 200 42.12 -18.81 -57.47
N THR C 201 42.23 -19.47 -58.61
CA THR C 201 43.04 -20.69 -58.69
C THR C 201 44.51 -20.39 -58.44
N SER C 202 45.01 -19.28 -58.96
CA SER C 202 46.39 -18.87 -58.77
C SER C 202 46.44 -17.44 -58.28
N PRO C 203 47.41 -17.10 -57.44
CA PRO C 203 47.53 -15.73 -56.95
C PRO C 203 47.86 -14.75 -58.07
N ILE C 204 47.37 -13.53 -57.92
CA ILE C 204 47.64 -12.44 -58.86
C ILE C 204 48.64 -11.49 -58.20
N VAL C 205 49.77 -11.27 -58.87
CA VAL C 205 50.88 -10.53 -58.30
C VAL C 205 51.22 -9.36 -59.23
N LYS C 206 51.35 -8.17 -58.65
CA LYS C 206 51.81 -6.99 -59.36
C LYS C 206 52.90 -6.33 -58.54
N SER C 207 53.91 -5.79 -59.22
CA SER C 207 55.07 -5.24 -58.54
C SER C 207 55.61 -4.04 -59.32
N PHE C 208 56.37 -3.22 -58.61
CA PHE C 208 57.04 -2.07 -59.22
C PHE C 208 58.44 -1.98 -58.63
N ASN C 209 59.29 -1.20 -59.29
CA ASN C 209 60.68 -0.99 -58.87
C ASN C 209 60.96 0.51 -58.85
N ARG C 210 61.90 0.90 -57.99
CA ARG C 210 62.25 2.31 -57.88
C ARG C 210 62.90 2.80 -59.17
N ASN C 211 62.74 4.10 -59.43
CA ASN C 211 63.23 4.79 -60.63
C ASN C 211 62.41 4.41 -61.86
N GLU C 212 61.50 3.45 -61.71
CA GLU C 212 60.53 3.18 -62.77
C GLU C 212 59.41 4.20 -62.76
N CYS C 213 59.12 4.78 -61.60
CA CYS C 213 58.12 5.83 -61.47
C CYS C 213 58.40 6.69 -60.23
N GLU D 1 -7.91 16.62 25.21
CA GLU D 1 -7.18 16.63 23.94
C GLU D 1 -6.72 15.23 23.54
N ILE D 2 -6.30 15.09 22.28
CA ILE D 2 -5.87 13.80 21.77
C ILE D 2 -4.48 13.47 22.29
N GLN D 3 -4.33 12.28 22.85
CA GLN D 3 -3.06 11.81 23.40
C GLN D 3 -2.82 10.37 22.97
N LEU D 4 -1.55 10.05 22.69
CA LEU D 4 -1.11 8.69 22.44
C LEU D 4 0.01 8.38 23.42
N GLN D 5 -0.21 7.36 24.25
CA GLN D 5 0.73 6.99 25.30
C GLN D 5 1.37 5.65 24.99
N GLN D 6 2.69 5.62 24.97
CA GLN D 6 3.45 4.41 24.69
C GLN D 6 4.07 3.88 25.98
N SER D 7 4.52 2.62 25.91
CA SER D 7 5.11 1.99 27.07
C SER D 7 6.54 2.49 27.29
N GLY D 8 7.15 2.05 28.38
CA GLY D 8 8.44 2.53 28.78
C GLY D 8 9.57 1.84 28.03
N PRO D 9 10.80 2.23 28.36
CA PRO D 9 11.95 1.70 27.64
C PRO D 9 12.18 0.22 27.91
N GLU D 10 12.80 -0.45 26.94
CA GLU D 10 13.04 -1.88 27.00
C GLU D 10 14.52 -2.17 26.85
N ARG D 11 14.91 -3.36 27.31
CA ARG D 11 16.29 -3.82 27.18
C ARG D 11 16.21 -5.34 26.99
N MET D 12 16.29 -5.78 25.74
CA MET D 12 16.21 -7.18 25.37
C MET D 12 17.58 -7.72 25.04
N LYS D 13 17.65 -9.01 24.87
CA LYS D 13 18.81 -9.76 24.45
C LYS D 13 18.65 -10.20 23.00
N PRO D 14 19.76 -10.42 22.28
CA PRO D 14 19.63 -10.86 20.88
C PRO D 14 18.90 -12.18 20.77
N GLY D 15 18.07 -12.29 19.73
CA GLY D 15 17.28 -13.47 19.51
C GLY D 15 15.94 -13.50 20.20
N ALA D 16 15.63 -12.52 21.04
CA ALA D 16 14.38 -12.48 21.77
C ALA D 16 13.31 -11.78 20.94
N SER D 17 12.18 -11.46 21.56
CA SER D 17 11.10 -10.71 20.93
C SER D 17 10.52 -9.75 21.94
N VAL D 18 10.01 -8.62 21.46
CA VAL D 18 9.56 -7.53 22.33
C VAL D 18 8.20 -7.03 21.85
N LYS D 19 7.33 -6.68 22.80
CA LYS D 19 6.02 -6.13 22.53
C LYS D 19 5.91 -4.76 23.17
N ILE D 20 5.43 -3.79 22.41
CA ILE D 20 5.21 -2.44 22.92
C ILE D 20 3.79 -2.02 22.57
N SER D 21 3.25 -1.11 23.38
CA SER D 21 1.86 -0.73 23.28
C SER D 21 1.74 0.77 23.10
N CYS D 22 0.57 1.18 22.62
CA CYS D 22 0.25 2.58 22.39
C CYS D 22 -1.23 2.75 22.69
N LYS D 23 -1.55 3.52 23.73
CA LYS D 23 -2.93 3.70 24.16
C LYS D 23 -3.45 5.04 23.67
N ALA D 24 -4.55 5.02 22.94
CA ALA D 24 -5.14 6.21 22.36
C ALA D 24 -6.28 6.69 23.24
N SER D 25 -6.43 8.00 23.34
CA SER D 25 -7.46 8.59 24.18
C SER D 25 -7.83 9.96 23.65
N GLY D 26 -9.12 10.28 23.73
CA GLY D 26 -9.61 11.58 23.31
C GLY D 26 -10.30 11.61 21.97
N TYR D 27 -10.52 10.46 21.33
CA TYR D 27 -11.20 10.42 20.03
C TYR D 27 -11.74 9.02 19.81
N SER D 28 -12.60 8.89 18.81
CA SER D 28 -13.15 7.59 18.45
C SER D 28 -12.07 6.70 17.88
N PHE D 29 -11.76 5.60 18.58
CA PHE D 29 -10.55 4.84 18.29
C PHE D 29 -10.58 4.24 16.89
N THR D 30 -11.71 3.68 16.47
CA THR D 30 -11.76 2.91 15.23
C THR D 30 -11.98 3.77 13.99
N THR D 31 -12.14 5.08 14.14
CA THR D 31 -12.38 5.94 12.99
C THR D 31 -11.11 6.31 12.24
N TYR D 32 -9.93 6.10 12.82
CA TYR D 32 -8.68 6.51 12.20
C TYR D 32 -7.71 5.33 12.11
N TYR D 33 -6.64 5.54 11.36
CA TYR D 33 -5.57 4.56 11.22
C TYR D 33 -4.43 4.85 12.19
N ILE D 34 -3.67 3.82 12.50
CA ILE D 34 -2.50 3.92 13.37
C ILE D 34 -1.28 3.48 12.58
N HIS D 35 -0.25 4.31 12.56
CA HIS D 35 0.99 4.02 11.85
C HIS D 35 2.13 3.88 12.85
N TRP D 36 3.20 3.22 12.42
CA TRP D 36 4.38 3.01 13.24
C TRP D 36 5.62 3.42 12.48
N VAL D 37 6.53 4.12 13.17
CA VAL D 37 7.70 4.73 12.56
C VAL D 37 8.93 4.40 13.40
N LYS D 38 10.06 4.14 12.74
CA LYS D 38 11.31 3.83 13.40
C LYS D 38 12.35 4.92 13.13
N GLN D 39 13.00 5.41 14.18
CA GLN D 39 14.12 6.33 14.04
C GLN D 39 15.35 5.71 14.69
N SER D 40 16.38 5.45 13.90
CA SER D 40 17.60 4.84 14.41
C SER D 40 18.54 5.91 14.96
N HIS D 41 19.56 5.44 15.69
CA HIS D 41 20.62 6.32 16.13
C HIS D 41 21.34 6.88 14.91
N GLY D 42 21.17 8.17 14.67
CA GLY D 42 21.49 8.79 13.39
C GLY D 42 20.34 9.58 12.81
N ARG D 43 19.15 9.45 13.38
CA ARG D 43 18.02 10.36 13.20
C ARG D 43 17.34 10.26 11.84
N SER D 44 17.58 9.19 11.10
CA SER D 44 16.80 8.93 9.90
C SER D 44 15.50 8.23 10.26
N LEU D 45 14.40 8.66 9.65
CA LEU D 45 13.07 8.14 9.96
C LEU D 45 12.69 7.07 8.95
N GLU D 46 12.04 6.01 9.45
CA GLU D 46 11.64 4.88 8.63
C GLU D 46 10.18 4.53 8.92
N TRP D 47 9.39 4.37 7.87
CA TRP D 47 7.99 3.99 8.01
C TRP D 47 7.89 2.47 8.10
N ILE D 48 7.12 1.98 9.06
CA ILE D 48 6.99 0.54 9.31
C ILE D 48 5.71 -0.03 8.71
N GLY D 49 4.57 0.57 9.04
CA GLY D 49 3.30 0.09 8.53
C GLY D 49 2.15 0.75 9.25
N TYR D 50 0.95 0.37 8.82
CA TYR D 50 -0.29 0.85 9.43
C TYR D 50 -1.24 -0.32 9.66
N ILE D 51 -2.20 -0.11 10.55
CA ILE D 51 -3.25 -1.08 10.84
C ILE D 51 -4.58 -0.35 11.00
N ASP D 52 -5.63 -0.95 10.45
CA ASP D 52 -6.97 -0.45 10.67
C ASP D 52 -7.54 -1.03 11.96
N PRO D 53 -7.86 -0.20 12.97
CA PRO D 53 -8.47 -0.74 14.20
C PRO D 53 -9.84 -1.35 13.98
N PHE D 54 -10.53 -0.99 12.90
CA PHE D 54 -11.91 -1.46 12.71
C PHE D 54 -11.96 -2.93 12.32
N ASN D 55 -11.05 -3.38 11.46
CA ASN D 55 -11.08 -4.78 11.02
C ASN D 55 -9.70 -5.41 10.94
N ASP D 56 -8.66 -4.75 11.45
CA ASP D 56 -7.34 -5.31 11.67
C ASP D 56 -6.58 -5.64 10.37
N ASP D 57 -6.96 -5.04 9.24
CA ASP D 57 -6.16 -5.19 8.04
C ASP D 57 -4.87 -4.39 8.15
N THR D 58 -3.75 -5.02 7.83
CA THR D 58 -2.43 -4.43 8.00
C THR D 58 -1.74 -4.26 6.66
N ASN D 59 -0.86 -3.26 6.61
CA ASN D 59 0.02 -3.03 5.48
C ASN D 59 1.41 -2.78 6.05
N TYR D 60 2.41 -3.46 5.50
CA TYR D 60 3.77 -3.40 6.03
C TYR D 60 4.74 -2.89 4.99
N ASN D 61 5.81 -2.26 5.45
CA ASN D 61 6.96 -2.01 4.61
C ASN D 61 7.62 -3.33 4.25
N GLN D 62 8.03 -3.45 2.99
CA GLN D 62 8.73 -4.66 2.56
C GLN D 62 10.01 -4.87 3.33
N LYS D 63 10.61 -3.78 3.83
CA LYS D 63 11.83 -3.89 4.63
C LYS D 63 11.56 -4.57 5.97
N PHE D 64 10.33 -4.49 6.47
CA PHE D 64 9.99 -4.97 7.80
C PHE D 64 9.05 -6.16 7.80
N LYS D 65 8.70 -6.72 6.65
CA LYS D 65 7.78 -7.85 6.62
C LYS D 65 8.43 -9.08 7.23
N GLY D 66 7.67 -9.80 8.03
CA GLY D 66 8.19 -10.94 8.77
C GLY D 66 8.70 -10.61 10.15
N LYS D 67 9.48 -9.54 10.26
CA LYS D 67 10.06 -9.14 11.54
C LYS D 67 9.02 -8.47 12.44
N ALA D 68 8.10 -7.71 11.86
CA ALA D 68 7.18 -6.88 12.63
C ALA D 68 5.74 -7.33 12.41
N THR D 69 4.94 -7.18 13.46
CA THR D 69 3.52 -7.51 13.42
C THR D 69 2.76 -6.46 14.21
N LEU D 70 1.64 -6.01 13.66
CA LEU D 70 0.80 -5.00 14.28
C LEU D 70 -0.55 -5.61 14.65
N THR D 71 -0.99 -5.36 15.87
CA THR D 71 -2.26 -5.87 16.36
C THR D 71 -2.97 -4.76 17.13
N VAL D 72 -4.28 -4.92 17.28
CA VAL D 72 -5.09 -3.93 17.97
C VAL D 72 -6.06 -4.64 18.91
N ASP D 73 -6.47 -3.93 19.95
CA ASP D 73 -7.50 -4.39 20.87
C ASP D 73 -8.49 -3.24 21.04
N LYS D 74 -9.56 -3.26 20.25
CA LYS D 74 -10.51 -2.15 20.26
C LYS D 74 -11.30 -2.04 21.55
N SER D 75 -11.27 -3.07 22.39
CA SER D 75 -11.94 -2.97 23.69
C SER D 75 -11.28 -1.94 24.59
N SER D 76 -9.96 -1.85 24.53
CA SER D 76 -9.21 -0.94 25.40
C SER D 76 -8.57 0.22 24.66
N SER D 77 -8.81 0.36 23.36
CA SER D 77 -8.23 1.42 22.53
C SER D 77 -6.70 1.41 22.64
N THR D 78 -6.11 0.26 22.31
CA THR D 78 -4.68 0.08 22.39
C THR D 78 -4.19 -0.65 21.15
N ALA D 79 -3.06 -0.21 20.63
CA ALA D 79 -2.37 -0.87 19.53
C ALA D 79 -1.05 -1.45 20.02
N TYR D 80 -0.57 -2.48 19.33
CA TYR D 80 0.63 -3.18 19.74
C TYR D 80 1.57 -3.35 18.56
N MET D 81 2.87 -3.28 18.84
CA MET D 81 3.92 -3.59 17.89
C MET D 81 4.75 -4.75 18.45
N HIS D 82 4.90 -5.81 17.66
CA HIS D 82 5.72 -6.95 18.03
C HIS D 82 6.90 -7.05 17.07
N LEU D 83 8.10 -7.22 17.62
CA LEU D 83 9.30 -7.36 16.82
C LEU D 83 10.03 -8.60 17.28
N SER D 84 10.36 -9.48 16.33
CA SER D 84 10.90 -10.80 16.64
C SER D 84 12.30 -10.94 16.05
N SER D 85 13.08 -11.83 16.67
CA SER D 85 14.46 -12.11 16.26
C SER D 85 15.32 -10.85 16.32
N LEU D 86 15.45 -10.32 17.53
CA LEU D 86 16.11 -9.03 17.71
C LEU D 86 17.62 -9.15 17.51
N THR D 87 18.18 -8.22 16.75
CA THR D 87 19.62 -8.08 16.60
C THR D 87 20.04 -6.68 17.04
N SER D 88 21.34 -6.41 16.94
CA SER D 88 21.86 -5.12 17.39
C SER D 88 21.36 -3.98 16.53
N GLU D 89 21.03 -4.24 15.26
CA GLU D 89 20.51 -3.21 14.38
C GLU D 89 19.15 -2.70 14.84
N ASP D 90 18.42 -3.51 15.61
CA ASP D 90 17.05 -3.18 15.99
C ASP D 90 16.96 -2.11 17.06
N SER D 91 18.08 -1.67 17.63
CA SER D 91 18.05 -0.64 18.66
C SER D 91 17.73 0.72 18.04
N ALA D 92 16.61 1.31 18.45
CA ALA D 92 16.11 2.55 17.87
C ALA D 92 15.03 3.10 18.79
N VAL D 93 14.33 4.12 18.31
CA VAL D 93 13.14 4.66 18.96
C VAL D 93 11.96 4.39 18.04
N TYR D 94 10.89 3.85 18.60
CA TYR D 94 9.70 3.50 17.83
C TYR D 94 8.54 4.38 18.24
N TYR D 95 7.74 4.79 17.25
CA TYR D 95 6.65 5.73 17.44
C TYR D 95 5.35 5.16 16.92
N CYS D 96 4.25 5.46 17.61
CA CYS D 96 2.91 5.32 17.07
C CYS D 96 2.37 6.70 16.72
N ALA D 97 1.50 6.76 15.71
CA ALA D 97 0.96 8.04 15.29
C ALA D 97 -0.37 7.83 14.60
N ARG D 98 -1.34 8.68 14.93
CA ARG D 98 -2.62 8.72 14.24
C ARG D 98 -2.43 9.38 12.87
N SER D 99 -3.33 9.04 11.94
CA SER D 99 -3.22 9.48 10.56
C SER D 99 -4.48 10.23 10.14
N TYR D 100 -4.30 11.39 9.53
CA TYR D 100 -5.41 12.14 8.96
C TYR D 100 -4.92 12.93 7.76
N TYR D 101 -5.69 12.86 6.67
CA TYR D 101 -5.43 13.61 5.44
C TYR D 101 -4.05 13.33 4.88
N GLY D 102 -3.63 12.07 4.95
CA GLY D 102 -2.34 11.67 4.42
C GLY D 102 -1.16 11.99 5.31
N SER D 103 -1.39 12.56 6.49
CA SER D 103 -0.32 12.97 7.38
C SER D 103 -0.48 12.31 8.75
N LEU D 104 0.59 12.35 9.53
CA LEU D 104 0.61 11.80 10.88
C LEU D 104 0.42 12.95 11.85
N ASP D 105 -0.84 13.26 12.16
CA ASP D 105 -1.16 14.51 12.84
C ASP D 105 -0.81 14.50 14.33
N TYR D 106 -0.90 13.35 15.00
CA TYR D 106 -0.56 13.25 16.41
C TYR D 106 0.37 12.07 16.62
N TRP D 107 1.43 12.29 17.38
CA TRP D 107 2.47 11.30 17.61
C TRP D 107 2.51 10.92 19.09
N GLY D 108 2.92 9.68 19.36
CA GLY D 108 3.27 9.28 20.70
C GLY D 108 4.62 9.82 21.11
N GLN D 109 4.99 9.56 22.36
CA GLN D 109 6.23 10.11 22.89
C GLN D 109 7.46 9.31 22.51
N GLY D 110 7.30 8.07 22.05
CA GLY D 110 8.43 7.27 21.63
C GLY D 110 8.84 6.25 22.67
N THR D 111 9.32 5.10 22.20
CA THR D 111 9.79 4.01 23.06
C THR D 111 11.18 3.61 22.62
N THR D 112 12.12 3.62 23.57
CA THR D 112 13.51 3.28 23.29
C THR D 112 13.74 1.81 23.56
N LEU D 113 14.32 1.11 22.58
CA LEU D 113 14.67 -0.29 22.69
C LEU D 113 16.18 -0.45 22.63
N THR D 114 16.73 -1.23 23.55
CA THR D 114 18.17 -1.49 23.60
C THR D 114 18.38 -2.99 23.53
N VAL D 115 19.18 -3.43 22.54
CA VAL D 115 19.46 -4.84 22.33
C VAL D 115 20.94 -5.06 22.62
N SER D 116 21.24 -5.73 23.73
CA SER D 116 22.62 -5.96 24.12
C SER D 116 22.68 -7.17 25.04
N SER D 117 23.82 -7.85 24.99
CA SER D 117 24.07 -9.02 25.84
C SER D 117 24.82 -8.68 27.12
N ALA D 118 25.09 -7.40 27.37
CA ALA D 118 25.87 -7.00 28.53
C ALA D 118 25.02 -7.08 29.80
N LYS D 119 25.64 -6.74 30.93
CA LYS D 119 25.00 -6.80 32.23
C LYS D 119 25.35 -5.55 33.03
N THR D 120 24.51 -5.26 34.03
CA THR D 120 24.67 -4.05 34.83
C THR D 120 26.05 -4.00 35.47
N THR D 121 26.69 -2.83 35.37
CA THR D 121 28.06 -2.67 35.82
C THR D 121 28.30 -1.28 36.37
N PRO D 122 28.97 -1.14 37.51
CA PRO D 122 29.34 0.18 37.99
C PRO D 122 30.46 0.78 37.15
N PRO D 123 30.37 2.06 36.80
CA PRO D 123 31.43 2.68 36.01
C PRO D 123 32.70 2.87 36.81
N SER D 124 33.80 3.02 36.08
CA SER D 124 35.11 3.32 36.64
C SER D 124 35.43 4.79 36.36
N VAL D 125 35.61 5.57 37.42
CA VAL D 125 35.85 7.00 37.31
C VAL D 125 37.34 7.26 37.42
N TYR D 126 37.88 8.01 36.47
CA TYR D 126 39.31 8.32 36.43
C TYR D 126 39.47 9.83 36.33
N PRO D 127 40.13 10.48 37.28
CA PRO D 127 40.30 11.93 37.20
C PRO D 127 41.29 12.31 36.10
N LEU D 128 41.15 13.54 35.62
CA LEU D 128 42.04 14.11 34.62
C LEU D 128 42.68 15.36 35.18
N ALA D 129 44.00 15.48 34.99
CA ALA D 129 44.78 16.58 35.54
C ALA D 129 45.74 17.11 34.49
N PRO D 130 46.12 18.38 34.57
CA PRO D 130 46.94 18.97 33.51
C PRO D 130 48.33 18.37 33.45
N GLY D 131 48.96 18.52 32.29
CA GLY D 131 50.31 18.05 32.09
C GLY D 131 51.35 19.04 32.59
N SER D 132 52.35 19.33 31.77
CA SER D 132 53.40 20.25 32.18
C SER D 132 52.87 21.67 32.32
N ALA D 133 53.31 22.35 33.37
CA ALA D 133 52.92 23.73 33.66
C ALA D 133 51.41 23.90 33.71
N ALA D 134 50.91 25.00 33.13
CA ALA D 134 49.49 25.29 33.11
C ALA D 134 48.99 25.33 31.68
N GLN D 135 47.69 25.06 31.51
CA GLN D 135 47.10 25.07 30.16
C GLN D 135 47.18 26.45 29.54
N THR D 136 46.75 27.48 30.26
CA THR D 136 46.90 28.87 29.85
C THR D 136 47.40 29.66 31.07
N ASN D 137 47.34 30.98 30.96
CA ASN D 137 47.77 31.85 32.05
C ASN D 137 46.63 32.26 32.97
N SER D 138 45.39 32.28 32.48
CA SER D 138 44.25 32.65 33.29
C SER D 138 43.15 31.61 33.33
N MET D 139 43.17 30.66 32.38
CA MET D 139 42.08 29.67 32.30
C MET D 139 42.63 28.24 32.30
N VAL D 140 42.09 27.39 33.17
CA VAL D 140 42.53 25.99 33.23
C VAL D 140 41.31 25.11 33.02
N THR D 141 41.56 23.91 32.51
CA THR D 141 40.50 22.95 32.22
C THR D 141 40.84 21.61 32.87
N LEU D 142 39.87 21.04 33.56
CA LEU D 142 39.98 19.74 34.20
C LEU D 142 38.91 18.81 33.65
N GLY D 143 39.12 17.51 33.84
CA GLY D 143 38.23 16.53 33.25
C GLY D 143 37.92 15.39 34.20
N CYS D 144 37.10 14.45 33.72
CA CYS D 144 36.67 13.31 34.51
C CYS D 144 36.20 12.22 33.54
N LEU D 145 36.96 11.14 33.44
CA LEU D 145 36.68 10.07 32.50
C LEU D 145 35.87 8.98 33.17
N VAL D 146 34.75 8.61 32.56
CA VAL D 146 33.85 7.57 33.07
C VAL D 146 33.83 6.45 32.04
N LYS D 147 34.37 5.29 32.40
CA LYS D 147 34.67 4.24 31.45
C LYS D 147 34.03 2.92 31.86
N GLY D 148 33.36 2.27 30.92
CA GLY D 148 32.90 0.90 31.07
C GLY D 148 31.72 0.69 32.00
N TYR D 149 30.57 1.26 31.66
CA TYR D 149 29.36 1.06 32.46
C TYR D 149 28.23 0.58 31.55
N PHE D 150 27.17 0.12 32.18
CA PHE D 150 25.97 -0.34 31.48
C PHE D 150 24.84 -0.52 32.48
N PRO D 151 23.62 -0.10 32.14
CA PRO D 151 23.22 0.61 30.93
C PRO D 151 23.16 2.12 31.12
N GLU D 152 22.71 2.85 30.10
CA GLU D 152 22.50 4.28 30.23
C GLU D 152 21.33 4.56 31.16
N PRO D 153 21.31 5.73 31.81
CA PRO D 153 22.29 6.82 31.75
C PRO D 153 23.12 6.95 33.01
N VAL D 154 24.24 7.67 32.90
CA VAL D 154 25.04 8.07 34.05
C VAL D 154 24.92 9.58 34.18
N THR D 155 25.06 10.08 35.41
CA THR D 155 24.91 11.49 35.69
C THR D 155 26.19 12.01 36.34
N VAL D 156 26.72 13.11 35.83
CA VAL D 156 27.97 13.70 36.31
C VAL D 156 27.72 15.13 36.72
N THR D 157 28.18 15.49 37.91
CA THR D 157 28.16 16.87 38.36
C THR D 157 29.47 17.16 39.09
N TRP D 158 29.78 18.46 39.21
CA TRP D 158 31.02 18.90 39.83
C TRP D 158 30.69 19.66 41.11
N ASN D 159 31.29 19.23 42.22
CA ASN D 159 31.11 19.87 43.52
C ASN D 159 29.63 19.94 43.91
N SER D 160 28.90 18.86 43.67
CA SER D 160 27.49 18.74 44.03
C SER D 160 26.66 19.86 43.42
N GLY D 161 26.95 20.20 42.16
CA GLY D 161 26.19 21.21 41.46
C GLY D 161 26.63 22.64 41.70
N SER D 162 27.67 22.86 42.50
CA SER D 162 28.16 24.21 42.73
C SER D 162 28.70 24.83 41.44
N LEU D 163 29.41 24.05 40.64
CA LEU D 163 29.98 24.53 39.37
C LEU D 163 28.99 24.28 38.25
N SER D 164 28.03 25.21 38.12
CA SER D 164 27.00 25.11 37.10
C SER D 164 27.37 25.84 35.82
N SER D 165 28.58 26.38 35.72
CA SER D 165 29.02 27.11 34.55
C SER D 165 30.36 26.59 34.08
N GLY D 166 30.62 26.72 32.78
CA GLY D 166 31.86 26.26 32.19
C GLY D 166 32.05 24.77 32.24
N VAL D 167 31.00 23.99 32.02
CA VAL D 167 31.03 22.54 32.13
C VAL D 167 30.48 21.93 30.85
N HIS D 168 31.04 20.79 30.46
CA HIS D 168 30.63 20.08 29.26
C HIS D 168 30.61 18.59 29.56
N THR D 169 29.49 17.93 29.26
CA THR D 169 29.37 16.49 29.38
C THR D 169 29.02 15.92 28.01
N PHE D 170 29.93 15.14 27.47
CA PHE D 170 29.77 14.60 26.13
C PHE D 170 28.93 13.32 26.16
N PRO D 171 28.16 13.07 25.10
CA PRO D 171 27.30 11.89 25.08
C PRO D 171 28.12 10.60 25.08
N ALA D 172 27.51 9.55 25.61
CA ALA D 172 28.18 8.28 25.77
C ALA D 172 28.35 7.58 24.42
N VAL D 173 29.43 6.81 24.32
CA VAL D 173 29.75 6.04 23.12
C VAL D 173 30.04 4.61 23.53
N LEU D 174 29.47 3.66 22.80
CA LEU D 174 29.63 2.25 23.12
C LEU D 174 31.03 1.76 22.74
N GLN D 175 31.70 1.09 23.66
CA GLN D 175 33.02 0.52 23.44
C GLN D 175 33.05 -0.89 24.01
N SER D 176 33.16 -1.88 23.13
CA SER D 176 33.09 -3.30 23.50
C SER D 176 31.85 -3.58 24.33
N ASP D 177 30.70 -3.13 23.83
CA ASP D 177 29.40 -3.32 24.46
C ASP D 177 29.29 -2.65 25.82
N LEU D 178 30.22 -1.76 26.15
CA LEU D 178 30.18 -1.00 27.39
C LEU D 178 30.30 0.48 27.07
N TYR D 179 29.57 1.30 27.81
CA TYR D 179 29.51 2.73 27.53
C TYR D 179 30.68 3.47 28.15
N THR D 180 31.10 4.54 27.50
CA THR D 180 32.16 5.42 27.99
C THR D 180 31.68 6.86 27.91
N LEU D 181 32.14 7.67 28.85
CA LEU D 181 31.71 9.07 28.93
C LEU D 181 32.84 9.89 29.55
N SER D 182 32.86 11.18 29.22
CA SER D 182 33.84 12.09 29.79
C SER D 182 33.21 13.46 29.98
N SER D 183 33.63 14.15 31.03
CA SER D 183 33.12 15.47 31.36
C SER D 183 34.28 16.42 31.61
N SER D 184 34.06 17.69 31.30
CA SER D 184 35.10 18.71 31.42
C SER D 184 34.55 19.91 32.17
N VAL D 185 35.40 20.55 32.97
CA VAL D 185 35.06 21.78 33.66
C VAL D 185 36.25 22.73 33.59
N THR D 186 35.99 24.02 33.45
CA THR D 186 37.02 25.03 33.38
C THR D 186 36.88 25.98 34.57
N VAL D 187 38.01 26.36 35.15
CA VAL D 187 38.04 27.19 36.36
C VAL D 187 39.20 28.17 36.26
N PRO D 188 39.10 29.32 36.92
CA PRO D 188 40.21 30.27 36.93
C PRO D 188 41.46 29.66 37.54
N SER D 189 42.62 30.03 36.96
CA SER D 189 43.88 29.40 37.35
C SER D 189 44.21 29.63 38.82
N SER D 190 43.69 30.71 39.42
CA SER D 190 43.93 30.98 40.82
C SER D 190 43.03 30.18 41.75
N THR D 191 41.95 29.60 41.23
CA THR D 191 41.06 28.82 42.08
C THR D 191 41.61 27.43 42.38
N TRP D 192 42.35 26.85 41.43
CA TRP D 192 42.88 25.50 41.56
C TRP D 192 44.39 25.53 41.38
N PRO D 193 45.15 24.84 42.24
CA PRO D 193 44.74 23.93 43.31
C PRO D 193 44.39 24.63 44.62
N SER D 194 44.07 25.93 44.60
CA SER D 194 43.70 26.61 45.84
C SER D 194 42.43 26.01 46.43
N GLU D 195 41.45 25.71 45.60
CA GLU D 195 40.22 25.06 46.03
C GLU D 195 40.26 23.60 45.63
N THR D 196 39.16 22.90 45.89
CA THR D 196 39.03 21.48 45.58
C THR D 196 37.81 21.26 44.69
N VAL D 197 38.00 20.53 43.60
CA VAL D 197 36.93 20.15 42.69
C VAL D 197 36.84 18.64 42.67
N THR D 198 35.64 18.11 42.92
CA THR D 198 35.42 16.68 42.98
C THR D 198 34.38 16.28 41.95
N CYS D 199 34.70 15.28 41.14
CA CYS D 199 33.77 14.74 40.16
C CYS D 199 32.78 13.82 40.88
N ASN D 200 31.49 14.10 40.70
CA ASN D 200 30.42 13.33 41.35
C ASN D 200 29.67 12.56 40.29
N VAL D 201 29.68 11.23 40.40
CA VAL D 201 29.11 10.35 39.39
C VAL D 201 28.09 9.43 40.05
N ALA D 202 26.92 9.30 39.43
CA ALA D 202 25.85 8.46 39.96
C ALA D 202 25.37 7.52 38.86
N HIS D 203 25.27 6.23 39.20
CA HIS D 203 24.75 5.21 38.29
C HIS D 203 23.57 4.53 38.96
N PRO D 204 22.34 5.01 38.69
CA PRO D 204 21.17 4.43 39.37
C PRO D 204 21.00 2.94 39.16
N ALA D 205 21.33 2.44 37.98
CA ALA D 205 21.14 1.01 37.70
C ALA D 205 22.02 0.16 38.60
N SER D 206 23.24 0.59 38.88
CA SER D 206 24.15 -0.13 39.75
C SER D 206 24.07 0.34 41.20
N SER D 207 23.16 1.26 41.49
CA SER D 207 23.01 1.83 42.84
C SER D 207 24.32 2.45 43.33
N THR D 208 24.99 3.17 42.44
CA THR D 208 26.25 3.84 42.77
C THR D 208 26.00 5.33 43.00
N ASP E 1 10.51 2.30 -4.47
CA ASP E 1 9.66 3.24 -3.74
C ASP E 1 10.13 4.68 -3.98
N ILE E 2 9.26 5.64 -3.70
CA ILE E 2 9.55 7.04 -4.00
C ILE E 2 10.66 7.53 -3.07
N GLN E 3 11.73 8.07 -3.65
CA GLN E 3 12.84 8.59 -2.89
C GLN E 3 12.63 10.08 -2.61
N MET E 4 13.08 10.51 -1.44
CA MET E 4 12.93 11.89 -1.00
C MET E 4 14.28 12.44 -0.60
N THR E 5 14.58 13.66 -1.06
CA THR E 5 15.89 14.25 -0.83
C THR E 5 15.71 15.70 -0.40
N GLN E 6 16.34 16.05 0.71
CA GLN E 6 16.36 17.43 1.20
C GLN E 6 17.69 18.06 0.83
N THR E 7 17.66 19.36 0.52
CA THR E 7 18.82 20.00 -0.10
C THR E 7 20.05 19.98 0.81
N THR E 8 19.86 20.31 2.08
CA THR E 8 20.99 20.47 2.99
C THR E 8 20.69 19.75 4.31
N SER E 9 21.72 19.12 4.86
CA SER E 9 21.57 18.48 6.17
C SER E 9 21.48 19.53 7.28
N SER E 10 22.32 20.55 7.21
CA SER E 10 22.35 21.60 8.21
C SER E 10 22.24 22.95 7.52
N LEU E 11 21.68 23.91 8.23
CA LEU E 11 21.43 25.24 7.67
C LEU E 11 21.50 26.26 8.79
N SER E 12 22.42 27.22 8.66
CA SER E 12 22.58 28.25 9.66
C SER E 12 21.61 29.40 9.41
N ALA E 13 21.27 30.11 10.48
CA ALA E 13 20.34 31.23 10.39
C ALA E 13 20.50 32.08 11.64
N SER E 14 19.69 33.13 11.73
CA SER E 14 19.70 34.02 12.87
C SER E 14 18.28 34.45 13.20
N LEU E 15 18.09 34.94 14.42
CA LEU E 15 16.76 35.39 14.83
C LEU E 15 16.29 36.54 13.95
N GLY E 16 15.02 36.44 13.52
CA GLY E 16 14.45 37.42 12.61
C GLY E 16 14.62 37.10 11.14
N ASP E 17 15.42 36.09 10.82
CA ASP E 17 15.64 35.73 9.42
C ASP E 17 14.41 35.05 8.83
N ARG E 18 14.36 35.02 7.51
CA ARG E 18 13.40 34.23 6.76
C ARG E 18 14.12 32.99 6.24
N VAL E 19 13.61 31.81 6.59
CA VAL E 19 14.30 30.55 6.33
C VAL E 19 13.51 29.75 5.31
N THR E 20 14.22 29.09 4.40
CA THR E 20 13.61 28.25 3.38
C THR E 20 14.26 26.87 3.43
N ILE E 21 13.42 25.83 3.55
CA ILE E 21 13.85 24.45 3.50
C ILE E 21 13.15 23.78 2.34
N SER E 22 13.93 23.16 1.45
CA SER E 22 13.39 22.61 0.22
C SER E 22 13.50 21.10 0.22
N CYS E 23 12.52 20.46 -0.43
CA CYS E 23 12.45 19.01 -0.55
C CYS E 23 12.21 18.66 -2.01
N ARG E 24 12.74 17.52 -2.44
CA ARG E 24 12.58 17.09 -3.82
C ARG E 24 12.26 15.60 -3.84
N ALA E 25 11.38 15.21 -4.75
CA ALA E 25 10.90 13.84 -4.87
C ALA E 25 11.35 13.24 -6.18
N SER E 26 11.78 11.98 -6.14
CA SER E 26 12.19 11.30 -7.36
C SER E 26 11.04 11.15 -8.35
N GLN E 27 9.81 11.10 -7.86
CA GLN E 27 8.63 10.91 -8.69
C GLN E 27 7.59 11.92 -8.27
N GLY E 28 6.77 12.35 -9.22
CA GLY E 28 5.72 13.30 -8.89
C GLY E 28 4.76 12.75 -7.87
N VAL E 29 4.48 13.54 -6.83
CA VAL E 29 3.44 13.25 -5.86
C VAL E 29 2.35 14.28 -6.03
N ASN E 30 1.11 13.87 -5.76
CA ASN E 30 -0.06 14.68 -6.10
C ASN E 30 -0.42 15.61 -4.94
N ASN E 31 0.57 16.39 -4.51
CA ASN E 31 0.54 17.35 -3.42
C ASN E 31 0.47 16.70 -2.04
N TYR E 32 0.65 15.38 -1.94
CA TYR E 32 0.62 14.70 -0.65
C TYR E 32 2.01 14.74 -0.03
N LEU E 33 2.36 15.93 0.45
CA LEU E 33 3.67 16.22 1.01
C LEU E 33 3.48 16.85 2.38
N ASN E 34 4.18 16.33 3.38
CA ASN E 34 4.03 16.75 4.76
C ASN E 34 5.35 17.27 5.31
N TRP E 35 5.26 18.16 6.28
CA TRP E 35 6.42 18.69 6.98
C TRP E 35 6.28 18.43 8.48
N TYR E 36 7.31 17.84 9.07
CA TYR E 36 7.35 17.53 10.49
C TYR E 36 8.50 18.26 11.15
N GLN E 37 8.31 18.61 12.42
CA GLN E 37 9.34 19.22 13.24
C GLN E 37 9.62 18.31 14.43
N GLN E 38 10.90 18.15 14.76
CA GLN E 38 11.31 17.37 15.91
C GLN E 38 12.23 18.21 16.79
N LYS E 39 11.86 18.34 18.06
CA LYS E 39 12.66 19.07 19.03
C LYS E 39 13.83 18.22 19.50
N PRO E 40 14.86 18.84 20.07
CA PRO E 40 16.02 18.05 20.55
C PRO E 40 15.66 17.03 21.62
N ASP E 41 14.62 17.26 22.40
CA ASP E 41 14.19 16.25 23.37
C ASP E 41 13.57 15.03 22.72
N GLY E 42 13.31 15.08 21.41
CA GLY E 42 12.83 13.93 20.68
C GLY E 42 11.36 13.89 20.35
N SER E 43 10.62 14.97 20.60
CA SER E 43 9.19 14.98 20.34
C SER E 43 8.90 15.49 18.94
N VAL E 44 7.93 14.86 18.28
CA VAL E 44 7.58 15.14 16.90
C VAL E 44 6.22 15.80 16.85
N LYS E 45 6.08 16.81 15.99
CA LYS E 45 4.81 17.48 15.76
C LYS E 45 4.61 17.68 14.27
N LEU E 46 3.35 17.70 13.83
CA LEU E 46 3.03 17.98 12.45
C LEU E 46 2.84 19.48 12.27
N LEU E 47 3.53 20.06 11.28
CA LEU E 47 3.42 21.47 10.98
C LEU E 47 2.51 21.73 9.79
N ILE E 48 2.81 21.14 8.64
CA ILE E 48 2.11 21.38 7.39
C ILE E 48 1.73 20.04 6.78
N TYR E 49 0.49 19.94 6.31
CA TYR E 49 0.03 18.76 5.60
C TYR E 49 -0.63 19.19 4.29
N TYR E 50 -0.50 18.33 3.28
CA TYR E 50 -1.05 18.58 1.94
C TYR E 50 -0.52 19.89 1.36
N THR E 51 0.76 20.14 1.64
CA THR E 51 1.61 21.15 1.00
C THR E 51 1.30 22.59 1.41
N SER E 52 0.13 22.85 2.00
CA SER E 52 -0.18 24.24 2.31
C SER E 52 -1.00 24.44 3.58
N ASN E 53 -1.35 23.39 4.30
CA ASN E 53 -2.37 23.48 5.33
C ASN E 53 -1.72 23.47 6.70
N LEU E 54 -1.92 24.55 7.45
CA LEU E 54 -1.44 24.61 8.82
C LEU E 54 -2.16 23.58 9.67
N HIS E 55 -1.40 22.77 10.39
CA HIS E 55 -1.99 21.90 11.38
C HIS E 55 -2.45 22.72 12.57
N SER E 56 -3.59 22.33 13.15
CA SER E 56 -4.14 23.09 14.27
C SER E 56 -3.18 23.04 15.45
N GLY E 57 -2.79 24.22 15.93
CA GLY E 57 -1.82 24.35 16.99
C GLY E 57 -0.46 24.81 16.52
N ALA E 58 -0.18 24.76 15.23
CA ALA E 58 1.12 25.19 14.73
C ALA E 58 1.20 26.72 14.68
N PRO E 59 2.39 27.27 14.86
CA PRO E 59 2.56 28.73 14.72
C PRO E 59 2.29 29.20 13.30
N SER E 60 1.82 30.44 13.19
CA SER E 60 1.49 31.00 11.88
C SER E 60 2.71 31.41 11.07
N ARG E 61 3.92 31.35 11.65
CA ARG E 61 5.12 31.70 10.91
C ARG E 61 5.38 30.72 9.78
N PHE E 62 4.93 29.47 9.93
CA PHE E 62 5.26 28.41 8.99
C PHE E 62 4.28 28.42 7.82
N SER E 63 4.80 28.14 6.63
CA SER E 63 3.98 28.08 5.43
C SER E 63 4.62 27.11 4.46
N GLY E 64 3.80 26.58 3.55
CA GLY E 64 4.28 25.63 2.56
C GLY E 64 3.83 26.01 1.17
N SER E 65 4.61 25.54 0.19
CA SER E 65 4.29 25.79 -1.21
C SER E 65 5.02 24.76 -2.05
N GLY E 66 4.57 24.61 -3.28
CA GLY E 66 5.16 23.65 -4.18
C GLY E 66 4.13 22.83 -4.94
N SER E 67 4.60 22.00 -5.86
CA SER E 67 3.75 21.11 -6.64
C SER E 67 4.68 20.20 -7.43
N GLY E 68 4.11 19.11 -7.94
CA GLY E 68 4.91 18.18 -8.71
C GLY E 68 5.95 17.48 -7.88
N THR E 69 7.22 17.84 -8.09
CA THR E 69 8.34 17.19 -7.41
C THR E 69 9.14 18.13 -6.52
N ASP E 70 8.82 19.42 -6.47
CA ASP E 70 9.58 20.39 -5.70
C ASP E 70 8.68 21.06 -4.68
N TYR E 71 9.10 21.03 -3.42
CA TYR E 71 8.33 21.58 -2.32
C TYR E 71 9.26 22.33 -1.38
N SER E 72 8.70 23.29 -0.64
CA SER E 72 9.50 24.12 0.24
C SER E 72 8.71 24.49 1.49
N LEU E 73 9.43 24.69 2.58
CA LEU E 73 8.88 25.18 3.84
C LEU E 73 9.54 26.51 4.17
N THR E 74 8.73 27.51 4.50
CA THR E 74 9.21 28.86 4.77
C THR E 74 8.86 29.25 6.19
N ILE E 75 9.86 29.68 6.95
CA ILE E 75 9.67 30.28 8.26
C ILE E 75 9.85 31.78 8.12
N SER E 76 8.86 32.54 8.58
CA SER E 76 8.82 33.97 8.31
C SER E 76 9.79 34.75 9.21
N ASN E 77 9.64 34.62 10.52
CA ASN E 77 10.50 35.32 11.48
C ASN E 77 11.03 34.30 12.48
N LEU E 78 12.28 33.89 12.29
CA LEU E 78 12.86 32.82 13.10
C LEU E 78 12.90 33.18 14.57
N GLU E 79 12.71 32.18 15.42
CA GLU E 79 12.78 32.33 16.86
C GLU E 79 13.64 31.20 17.41
N GLN E 80 14.13 31.40 18.64
CA GLN E 80 14.92 30.36 19.28
C GLN E 80 14.11 29.10 19.50
N GLU E 81 12.79 29.24 19.59
CA GLU E 81 11.90 28.08 19.72
C GLU E 81 11.89 27.22 18.46
N ASP E 82 12.30 27.77 17.32
CA ASP E 82 12.24 27.08 16.04
C ASP E 82 13.51 26.32 15.70
N ILE E 83 14.50 26.31 16.59
CA ILE E 83 15.76 25.64 16.32
C ILE E 83 15.54 24.14 16.51
N ALA E 84 15.32 23.43 15.41
CA ALA E 84 14.93 22.03 15.44
C ALA E 84 15.34 21.38 14.12
N THR E 85 14.91 20.14 13.92
CA THR E 85 15.13 19.40 12.69
C THR E 85 13.81 19.18 11.98
N TYR E 86 13.83 19.31 10.65
CA TYR E 86 12.61 19.29 9.86
C TYR E 86 12.68 18.19 8.81
N PHE E 87 11.57 17.50 8.63
CA PHE E 87 11.47 16.35 7.73
C PHE E 87 10.33 16.57 6.75
N CYS E 88 10.57 16.23 5.48
CA CYS E 88 9.49 16.12 4.52
C CYS E 88 9.11 14.65 4.36
N GLN E 89 7.81 14.43 4.09
CA GLN E 89 7.28 13.08 3.97
C GLN E 89 6.19 13.08 2.90
N GLN E 90 6.21 12.03 2.07
CA GLN E 90 5.21 11.87 1.02
C GLN E 90 4.28 10.71 1.34
N ALA E 91 3.02 10.87 0.95
CA ALA E 91 2.01 9.85 1.18
C ALA E 91 1.22 9.52 -0.08
N ASN E 92 1.82 9.70 -1.26
CA ASN E 92 1.10 9.37 -2.49
C ASN E 92 1.10 7.88 -2.76
N MET E 93 2.15 7.17 -2.40
CA MET E 93 2.22 5.73 -2.61
C MET E 93 2.79 5.03 -1.39
N VAL E 94 2.36 3.79 -1.20
CA VAL E 94 2.85 2.93 -0.13
C VAL E 94 4.13 2.24 -0.61
N PRO E 95 5.19 2.18 0.19
CA PRO E 95 5.34 2.67 1.57
C PRO E 95 5.58 4.18 1.67
N TRP E 96 5.10 4.79 2.75
CA TRP E 96 5.38 6.21 2.96
C TRP E 96 6.87 6.42 3.22
N THR E 97 7.42 7.47 2.63
CA THR E 97 8.85 7.73 2.74
C THR E 97 9.11 9.10 3.32
N PHE E 98 10.23 9.22 4.03
CA PHE E 98 10.61 10.44 4.71
C PHE E 98 11.85 11.04 4.05
N GLY E 99 12.00 12.35 4.23
CA GLY E 99 13.22 13.01 3.81
C GLY E 99 14.35 12.75 4.81
N GLY E 100 15.53 13.24 4.44
CA GLY E 100 16.70 13.00 5.26
C GLY E 100 16.79 13.85 6.51
N GLY E 101 16.21 15.03 6.47
CA GLY E 101 16.21 15.94 7.62
C GLY E 101 17.10 17.14 7.39
N THR E 102 16.66 18.29 7.89
CA THR E 102 17.45 19.52 7.89
C THR E 102 17.40 20.12 9.28
N LYS E 103 18.56 20.28 9.91
CA LYS E 103 18.67 20.77 11.27
C LYS E 103 19.08 22.24 11.26
N LEU E 104 18.29 23.07 11.92
CA LEU E 104 18.55 24.51 11.94
C LEU E 104 19.64 24.85 12.95
N GLU E 105 20.36 25.92 12.66
CA GLU E 105 21.51 26.36 13.45
C GLU E 105 21.46 27.88 13.59
N ILE E 106 22.10 28.40 14.62
CA ILE E 106 22.14 29.84 14.88
C ILE E 106 23.48 30.38 14.39
N LYS E 107 23.42 31.40 13.53
CA LYS E 107 24.63 32.00 12.99
C LYS E 107 25.41 32.72 14.07
N ARG E 108 26.73 32.71 13.93
CA ARG E 108 27.62 33.23 14.96
C ARG E 108 28.96 33.59 14.34
N ALA E 109 29.72 34.41 15.04
CA ALA E 109 31.09 34.71 14.64
C ALA E 109 31.98 33.50 14.93
N ASP E 110 32.81 33.13 13.96
CA ASP E 110 33.61 31.91 14.09
C ASP E 110 34.64 32.05 15.21
N ALA E 111 35.01 30.90 15.79
CA ALA E 111 35.92 30.86 16.91
C ALA E 111 36.92 29.73 16.71
N ALA E 112 38.07 29.86 17.37
CA ALA E 112 39.09 28.83 17.31
C ALA E 112 38.98 27.89 18.50
N PRO E 113 39.22 26.60 18.29
CA PRO E 113 39.09 25.64 19.40
C PRO E 113 40.16 25.87 20.46
N THR E 114 39.80 25.54 21.69
CA THR E 114 40.73 25.51 22.80
C THR E 114 41.14 24.06 23.03
N VAL E 115 42.42 23.76 22.83
CA VAL E 115 42.92 22.39 22.89
C VAL E 115 43.53 22.14 24.26
N SER E 116 43.17 21.00 24.87
CA SER E 116 43.72 20.56 26.14
C SER E 116 43.88 19.06 26.12
N ILE E 117 44.98 18.57 26.70
CA ILE E 117 45.33 17.15 26.64
C ILE E 117 45.58 16.64 28.05
N PHE E 118 45.34 15.34 28.26
CA PHE E 118 45.52 14.71 29.55
C PHE E 118 46.13 13.32 29.40
N PRO E 119 47.22 13.03 30.09
CA PRO E 119 47.77 11.66 30.09
C PRO E 119 46.92 10.77 30.97
N PRO E 120 46.99 9.42 30.82
CA PRO E 120 46.25 8.50 31.70
C PRO E 120 46.67 8.68 33.16
N SER E 121 45.70 8.56 34.06
CA SER E 121 45.95 8.72 35.49
C SER E 121 46.64 7.48 36.05
N SER E 122 47.24 7.63 37.23
CA SER E 122 47.96 6.52 37.85
C SER E 122 47.02 5.38 38.22
N GLU E 123 45.76 5.70 38.53
CA GLU E 123 44.80 4.65 38.89
C GLU E 123 44.54 3.72 37.72
N GLN E 124 44.32 4.29 36.52
CA GLN E 124 44.12 3.46 35.34
C GLN E 124 45.38 2.71 34.97
N LEU E 125 46.54 3.33 35.18
CA LEU E 125 47.81 2.66 34.89
C LEU E 125 48.02 1.45 35.78
N THR E 126 47.71 1.57 37.07
CA THR E 126 47.79 0.42 37.95
C THR E 126 46.66 -0.58 37.70
N SER E 127 45.56 -0.14 37.07
CA SER E 127 44.50 -1.05 36.69
C SER E 127 44.79 -1.79 35.39
N GLY E 128 45.82 -1.38 34.66
CA GLY E 128 46.18 -2.01 33.40
C GLY E 128 45.78 -1.24 32.16
N GLY E 129 44.91 -0.24 32.31
CA GLY E 129 44.47 0.57 31.20
C GLY E 129 45.28 1.85 31.03
N ALA E 130 45.07 2.51 29.89
CA ALA E 130 45.76 3.76 29.59
C ALA E 130 45.00 4.47 28.48
N SER E 131 44.43 5.63 28.78
CA SER E 131 43.68 6.40 27.80
C SER E 131 44.11 7.86 27.88
N VAL E 132 44.37 8.46 26.73
CA VAL E 132 44.66 9.89 26.62
C VAL E 132 43.43 10.59 26.08
N VAL E 133 43.05 11.70 26.71
CA VAL E 133 41.83 12.42 26.37
C VAL E 133 42.21 13.81 25.86
N CYS E 134 41.67 14.17 24.71
CA CYS E 134 41.87 15.48 24.09
C CYS E 134 40.56 16.25 24.11
N PHE E 135 40.60 17.49 24.58
CA PHE E 135 39.43 18.34 24.64
C PHE E 135 39.58 19.50 23.67
N LEU E 136 38.56 19.71 22.85
CA LEU E 136 38.50 20.87 21.95
C LEU E 136 37.16 21.55 22.22
N ASN E 137 37.19 22.65 22.97
CA ASN E 137 35.99 23.29 23.46
C ASN E 137 35.76 24.63 22.78
N ASN E 138 34.47 24.94 22.58
CA ASN E 138 34.02 26.28 22.20
C ASN E 138 34.66 26.76 20.91
N PHE E 139 34.33 26.06 19.82
CA PHE E 139 34.75 26.46 18.49
C PHE E 139 33.52 26.67 17.60
N TYR E 140 33.78 27.24 16.42
CA TYR E 140 32.74 27.51 15.44
C TYR E 140 33.41 27.66 14.08
N PRO E 141 32.83 27.12 13.00
CA PRO E 141 31.62 26.31 12.93
C PRO E 141 31.85 24.87 13.35
N LYS E 142 30.87 23.99 13.12
CA LYS E 142 30.91 22.64 13.69
C LYS E 142 32.04 21.80 13.09
N ASP E 143 32.30 21.95 11.79
CA ASP E 143 33.21 21.04 11.10
C ASP E 143 34.63 21.18 11.62
N ILE E 144 35.24 20.04 11.98
CA ILE E 144 36.59 20.02 12.53
C ILE E 144 37.17 18.63 12.27
N ASN E 145 38.50 18.55 12.23
CA ASN E 145 39.19 17.29 12.00
C ASN E 145 40.33 17.15 13.01
N VAL E 146 40.46 15.96 13.57
CA VAL E 146 41.48 15.67 14.58
C VAL E 146 42.25 14.43 14.16
N LYS E 147 43.58 14.49 14.25
CA LYS E 147 44.44 13.37 13.97
C LYS E 147 45.39 13.16 15.15
N TRP E 148 45.58 11.90 15.53
CA TRP E 148 46.43 11.54 16.66
C TRP E 148 47.79 11.09 16.15
N LYS E 149 48.84 11.49 16.87
CA LYS E 149 50.21 11.16 16.53
C LYS E 149 50.90 10.50 17.72
N ILE E 150 51.73 9.51 17.42
CA ILE E 150 52.50 8.79 18.43
C ILE E 150 53.95 8.75 17.96
N ASP E 151 54.85 9.40 18.72
CA ASP E 151 56.28 9.42 18.43
C ASP E 151 56.55 9.87 17.00
N GLY E 152 55.78 10.84 16.53
CA GLY E 152 55.91 11.38 15.19
C GLY E 152 55.14 10.62 14.13
N SER E 153 54.68 9.42 14.43
CA SER E 153 53.91 8.62 13.49
C SER E 153 52.42 8.76 13.75
N GLU E 154 51.63 8.59 12.70
CA GLU E 154 50.19 8.75 12.79
C GLU E 154 49.54 7.50 13.40
N ARG E 155 48.36 7.69 13.96
CA ARG E 155 47.56 6.60 14.49
C ARG E 155 46.12 6.74 14.01
N GLN E 156 45.54 5.63 13.56
CA GLN E 156 44.20 5.65 13.00
C GLN E 156 43.36 4.48 13.53
N ASN E 157 43.65 4.01 14.73
CA ASN E 157 42.87 2.94 15.33
C ASN E 157 42.76 3.18 16.82
N GLY E 158 41.69 2.63 17.42
CA GLY E 158 41.44 2.83 18.83
C GLY E 158 41.11 4.25 19.23
N VAL E 159 40.34 4.96 18.42
CA VAL E 159 40.03 6.37 18.64
C VAL E 159 38.51 6.54 18.64
N LEU E 160 37.98 7.14 19.70
CA LEU E 160 36.56 7.41 19.84
C LEU E 160 36.32 8.91 19.93
N ASN E 161 35.36 9.39 19.14
CA ASN E 161 35.07 10.82 19.03
C ASN E 161 33.64 11.08 19.49
N SER E 162 33.47 12.18 20.22
CA SER E 162 32.16 12.54 20.76
C SER E 162 31.94 14.04 20.58
N TRP E 163 30.79 14.42 20.03
CA TRP E 163 30.46 15.82 19.78
C TRP E 163 29.19 16.20 20.52
N THR E 164 29.19 17.40 21.09
CA THR E 164 28.00 17.95 21.72
C THR E 164 27.18 18.75 20.71
N ASP E 165 25.93 19.02 21.08
CA ASP E 165 25.07 19.87 20.27
C ASP E 165 25.50 21.34 20.40
N GLN E 166 24.83 22.21 19.67
CA GLN E 166 25.13 23.63 19.74
C GLN E 166 24.71 24.19 21.10
N ASP E 167 25.61 24.95 21.72
CA ASP E 167 25.31 25.57 23.00
C ASP E 167 24.17 26.57 22.87
N SER E 168 23.26 26.55 23.83
CA SER E 168 22.15 27.49 23.83
C SER E 168 22.54 28.86 24.37
N LYS E 169 23.70 28.97 25.00
CA LYS E 169 24.15 30.23 25.60
C LYS E 169 24.98 31.06 24.63
N ASP E 170 26.08 30.50 24.13
CA ASP E 170 27.00 31.22 23.26
C ASP E 170 27.07 30.63 21.86
N SER E 171 26.25 29.63 21.55
CA SER E 171 26.14 29.04 20.22
C SER E 171 27.45 28.45 19.73
N THR E 172 28.20 27.80 20.61
CA THR E 172 29.46 27.16 20.25
C THR E 172 29.32 25.65 20.31
N TYR E 173 30.36 24.97 19.82
CA TYR E 173 30.41 23.51 19.79
C TYR E 173 31.62 23.03 20.58
N SER E 174 31.55 21.77 21.02
CA SER E 174 32.66 21.13 21.70
C SER E 174 32.77 19.69 21.23
N MET E 175 33.95 19.12 21.38
CA MET E 175 34.19 17.74 20.99
C MET E 175 35.32 17.17 21.84
N SER E 176 35.23 15.88 22.15
CA SER E 176 36.26 15.16 22.87
C SER E 176 36.77 14.01 22.01
N SER E 177 38.07 13.75 22.09
CA SER E 177 38.69 12.61 21.43
C SER E 177 39.46 11.81 22.45
N THR E 178 39.28 10.49 22.44
CA THR E 178 39.95 9.59 23.37
C THR E 178 40.66 8.51 22.59
N LEU E 179 41.93 8.27 22.94
CA LEU E 179 42.70 7.16 22.39
C LEU E 179 43.06 6.24 23.53
N THR E 180 42.69 4.96 23.41
CA THR E 180 42.90 3.98 24.46
C THR E 180 44.02 3.03 24.07
N LEU E 181 44.93 2.78 25.01
CA LEU E 181 46.08 1.92 24.78
C LEU E 181 46.24 0.98 25.95
N THR E 182 46.85 -0.17 25.68
CA THR E 182 47.26 -1.06 26.76
C THR E 182 48.43 -0.44 27.52
N LYS E 183 48.62 -0.91 28.76
CA LYS E 183 49.64 -0.33 29.63
C LYS E 183 51.03 -0.43 28.99
N ASP E 184 51.35 -1.61 28.44
CA ASP E 184 52.65 -1.78 27.80
C ASP E 184 52.78 -0.89 26.56
N GLU E 185 51.72 -0.79 25.76
CA GLU E 185 51.77 0.06 24.58
C GLU E 185 51.94 1.52 24.95
N TYR E 186 51.26 1.97 26.00
CA TYR E 186 51.43 3.35 26.45
C TYR E 186 52.85 3.58 26.97
N GLU E 187 53.41 2.61 27.69
CA GLU E 187 54.71 2.82 28.31
C GLU E 187 55.88 2.63 27.35
N ARG E 188 55.67 2.00 26.19
CA ARG E 188 56.75 1.82 25.23
C ARG E 188 56.77 2.89 24.15
N HIS E 189 56.23 4.07 24.45
CA HIS E 189 56.28 5.21 23.55
C HIS E 189 56.51 6.47 24.37
N ASN E 190 56.88 7.55 23.67
CA ASN E 190 57.32 8.75 24.36
C ASN E 190 56.56 10.02 23.99
N SER E 191 56.11 10.17 22.74
CA SER E 191 55.52 11.40 22.27
C SER E 191 54.07 11.16 21.89
N TYR E 192 53.16 11.94 22.47
CA TYR E 192 51.74 11.92 22.13
C TYR E 192 51.27 13.35 21.89
N THR E 193 50.67 13.58 20.73
CA THR E 193 50.14 14.90 20.37
C THR E 193 48.73 14.77 19.85
N CYS E 194 47.96 15.84 20.03
CA CYS E 194 46.60 15.95 19.52
C CYS E 194 46.54 17.19 18.62
N GLU E 195 46.30 16.96 17.33
CA GLU E 195 46.26 18.04 16.35
C GLU E 195 44.85 18.17 15.78
N ALA E 196 44.30 19.38 15.85
CA ALA E 196 42.96 19.65 15.34
C ALA E 196 43.02 20.88 14.46
N ARG E 197 42.46 20.77 13.26
CA ARG E 197 42.38 21.90 12.34
C ARG E 197 41.13 21.84 11.47
N GLU F 1 -28.08 -12.67 36.51
CA GLU F 1 -27.42 -12.26 35.28
C GLU F 1 -27.93 -10.88 34.86
N VAL F 2 -28.28 -10.74 33.60
CA VAL F 2 -28.96 -9.55 33.11
C VAL F 2 -30.43 -9.68 33.51
N LEU F 3 -30.93 -8.69 34.24
CA LEU F 3 -32.31 -8.73 34.74
C LEU F 3 -32.97 -7.39 34.53
N LEU F 4 -34.20 -7.43 34.00
CA LEU F 4 -35.06 -6.26 33.92
C LEU F 4 -36.30 -6.53 34.76
N LYS F 5 -36.62 -5.61 35.66
CA LYS F 5 -37.71 -5.79 36.60
C LYS F 5 -38.70 -4.65 36.47
N GLN F 6 -39.96 -4.98 36.23
CA GLN F 6 -41.04 -4.03 36.14
C GLN F 6 -41.95 -4.15 37.35
N SER F 7 -42.83 -3.18 37.51
CA SER F 7 -43.76 -3.19 38.64
C SER F 7 -44.81 -4.29 38.46
N GLY F 8 -45.52 -4.57 39.55
CA GLY F 8 -46.57 -5.54 39.51
C GLY F 8 -47.78 -5.03 38.76
N PRO F 9 -48.81 -5.87 38.64
CA PRO F 9 -50.00 -5.48 37.88
C PRO F 9 -50.65 -4.23 38.44
N GLU F 10 -51.16 -3.40 37.53
CA GLU F 10 -51.77 -2.13 37.88
C GLU F 10 -53.23 -2.11 37.45
N LYS F 11 -54.08 -1.60 38.34
CA LYS F 11 -55.48 -1.36 38.05
C LYS F 11 -55.73 0.14 38.14
N VAL F 12 -56.33 0.71 37.09
CA VAL F 12 -56.53 2.15 36.98
C VAL F 12 -57.96 2.43 36.57
N LYS F 13 -58.38 3.70 36.77
CA LYS F 13 -59.69 4.18 36.34
C LYS F 13 -59.61 4.76 34.94
N PRO F 14 -60.70 4.70 34.17
CA PRO F 14 -60.69 5.29 32.83
C PRO F 14 -60.42 6.79 32.89
N GLY F 15 -59.56 7.25 31.99
CA GLY F 15 -59.18 8.64 31.93
C GLY F 15 -58.00 9.02 32.80
N ALA F 16 -57.51 8.11 33.63
CA ALA F 16 -56.39 8.39 34.52
C ALA F 16 -55.08 8.15 33.78
N SER F 17 -53.98 8.11 34.52
CA SER F 17 -52.66 7.90 33.94
C SER F 17 -51.87 6.93 34.82
N VAL F 18 -50.95 6.20 34.19
CA VAL F 18 -50.08 5.28 34.90
C VAL F 18 -48.66 5.47 34.41
N LYS F 19 -47.69 5.20 35.29
CA LYS F 19 -46.28 5.19 34.94
C LYS F 19 -45.67 3.88 35.37
N ILE F 20 -45.07 3.16 34.45
CA ILE F 20 -44.53 1.83 34.66
C ILE F 20 -43.01 1.92 34.68
N PRO F 21 -42.34 1.54 35.76
CA PRO F 21 -40.88 1.54 35.76
C PRO F 21 -40.31 0.27 35.15
N CYS F 22 -38.99 0.30 34.93
CA CYS F 22 -38.24 -0.87 34.48
C CYS F 22 -36.78 -0.64 34.85
N LYS F 23 -36.27 -1.44 35.78
CA LYS F 23 -34.93 -1.24 36.33
C LYS F 23 -34.00 -2.33 35.82
N ALA F 24 -32.82 -1.91 35.37
CA ALA F 24 -31.83 -2.79 34.78
C ALA F 24 -30.71 -3.08 35.76
N SER F 25 -30.13 -4.28 35.65
CA SER F 25 -29.02 -4.67 36.49
C SER F 25 -28.26 -5.79 35.82
N GLY F 26 -27.02 -6.00 36.24
CA GLY F 26 -26.18 -7.03 35.68
C GLY F 26 -25.47 -6.66 34.40
N TYR F 27 -25.46 -5.38 34.04
CA TYR F 27 -24.79 -4.91 32.83
C TYR F 27 -24.75 -3.39 32.88
N THR F 28 -23.92 -2.81 32.03
CA THR F 28 -23.80 -1.35 31.95
C THR F 28 -25.01 -0.76 31.26
N PHE F 29 -25.77 0.07 31.98
CA PHE F 29 -27.06 0.53 31.48
C PHE F 29 -26.92 1.34 30.21
N THR F 30 -25.88 2.17 30.12
CA THR F 30 -25.76 3.12 29.02
C THR F 30 -25.06 2.54 27.81
N ASP F 31 -24.74 1.25 27.80
CA ASP F 31 -24.12 0.60 26.66
C ASP F 31 -25.14 -0.02 25.72
N TYR F 32 -26.43 0.08 26.03
CA TYR F 32 -27.48 -0.54 25.24
C TYR F 32 -28.67 0.40 25.21
N ASN F 33 -29.64 0.09 24.34
CA ASN F 33 -30.85 0.89 24.22
C ASN F 33 -32.03 0.12 24.80
N ILE F 34 -33.21 0.76 24.79
CA ILE F 34 -34.39 0.22 25.43
C ILE F 34 -35.55 0.27 24.44
N ASP F 35 -36.36 -0.79 24.43
CA ASP F 35 -37.58 -0.86 23.64
C ASP F 35 -38.77 -1.16 24.54
N TRP F 36 -39.95 -0.74 24.11
CA TRP F 36 -41.20 -1.04 24.79
C TRP F 36 -42.15 -1.70 23.79
N VAL F 37 -42.77 -2.80 24.20
CA VAL F 37 -43.68 -3.57 23.36
C VAL F 37 -44.99 -3.77 24.10
N LYS F 38 -46.10 -3.66 23.37
CA LYS F 38 -47.44 -3.90 23.89
C LYS F 38 -47.96 -5.24 23.38
N GLN F 39 -48.51 -6.06 24.27
CA GLN F 39 -49.17 -7.30 23.89
C GLN F 39 -50.63 -7.23 24.28
N SER F 40 -51.50 -7.11 23.28
CA SER F 40 -52.93 -6.93 23.47
C SER F 40 -53.69 -8.19 23.11
N HIS F 41 -54.78 -8.44 23.83
CA HIS F 41 -55.67 -9.57 23.61
C HIS F 41 -54.98 -10.92 23.79
N GLY F 42 -53.76 -10.92 24.34
CA GLY F 42 -53.05 -12.14 24.63
C GLY F 42 -52.13 -12.64 23.53
N THR F 43 -52.30 -12.18 22.30
CA THR F 43 -51.49 -12.69 21.20
C THR F 43 -50.83 -11.59 20.36
N SER F 44 -51.52 -10.49 20.10
CA SER F 44 -51.01 -9.46 19.22
C SER F 44 -49.84 -8.71 19.86
N LEU F 45 -48.84 -8.39 19.05
CA LEU F 45 -47.65 -7.67 19.51
C LEU F 45 -47.43 -6.44 18.63
N GLU F 46 -47.14 -5.30 19.24
CA GLU F 46 -46.80 -4.11 18.47
C GLU F 46 -45.79 -3.28 19.23
N TRP F 47 -44.80 -2.79 18.48
CA TRP F 47 -43.71 -1.99 19.04
C TRP F 47 -44.19 -0.58 19.35
N ILE F 48 -43.87 -0.10 20.55
CA ILE F 48 -44.27 1.23 20.98
C ILE F 48 -43.21 2.25 20.61
N GLY F 49 -42.00 2.07 21.11
CA GLY F 49 -40.98 3.06 20.87
C GLY F 49 -39.60 2.58 21.30
N HIS F 50 -38.62 3.42 21.00
CA HIS F 50 -37.20 3.15 21.19
C HIS F 50 -36.58 4.30 21.95
N LEU F 51 -35.67 4.02 22.88
CA LEU F 51 -35.07 5.06 23.70
C LEU F 51 -33.58 4.85 23.84
N ASP F 52 -32.84 5.97 23.90
CA ASP F 52 -31.40 5.98 24.09
C ASP F 52 -31.06 6.49 25.49
N PRO F 53 -30.56 5.64 26.40
CA PRO F 53 -30.35 6.09 27.78
C PRO F 53 -29.31 7.18 27.95
N ASN F 54 -28.37 7.32 27.02
CA ASN F 54 -27.32 8.33 27.18
C ASN F 54 -27.88 9.74 27.05
N SER F 55 -28.73 9.97 26.05
CA SER F 55 -29.26 11.30 25.78
C SER F 55 -30.74 11.43 26.06
N GLY F 56 -31.45 10.34 26.30
CA GLY F 56 -32.88 10.40 26.47
C GLY F 56 -33.66 10.60 25.19
N GLY F 57 -33.03 10.46 24.03
CA GLY F 57 -33.74 10.54 22.78
C GLY F 57 -34.64 9.35 22.56
N THR F 58 -35.68 9.57 21.76
CA THR F 58 -36.69 8.56 21.54
C THR F 58 -37.07 8.49 20.07
N VAL F 59 -37.44 7.29 19.63
CA VAL F 59 -38.12 7.07 18.36
C VAL F 59 -39.48 6.45 18.67
N TYR F 60 -40.54 7.05 18.14
CA TYR F 60 -41.90 6.64 18.44
C TYR F 60 -42.55 6.00 17.23
N ASN F 61 -43.33 4.95 17.48
CA ASN F 61 -44.35 4.51 16.54
C ASN F 61 -45.45 5.58 16.53
N GLN F 62 -45.78 6.08 15.33
CA GLN F 62 -46.76 7.15 15.24
C GLN F 62 -48.12 6.74 15.79
N LYS F 63 -48.39 5.44 15.84
CA LYS F 63 -49.65 4.96 16.41
C LYS F 63 -49.77 5.35 17.87
N PHE F 64 -48.65 5.36 18.60
CA PHE F 64 -48.65 5.60 20.04
C PHE F 64 -48.10 6.97 20.41
N ARG F 65 -47.96 7.88 19.46
CA ARG F 65 -47.27 9.14 19.71
C ARG F 65 -48.00 9.97 20.77
N GLY F 66 -49.32 10.07 20.65
CA GLY F 66 -50.10 10.85 21.58
C GLY F 66 -50.50 10.14 22.86
N LYS F 67 -50.04 8.91 23.05
CA LYS F 67 -50.47 8.09 24.18
C LYS F 67 -49.35 7.76 25.14
N ALA F 68 -48.17 7.43 24.65
CA ALA F 68 -47.06 7.01 25.48
C ALA F 68 -45.95 8.05 25.50
N THR F 69 -45.19 8.06 26.60
CA THR F 69 -44.03 8.91 26.76
C THR F 69 -42.92 8.08 27.36
N LEU F 70 -41.73 8.13 26.76
CA LEU F 70 -40.59 7.36 27.23
C LEU F 70 -39.60 8.29 27.93
N THR F 71 -39.16 7.89 29.12
CA THR F 71 -38.25 8.68 29.93
C THR F 71 -37.28 7.75 30.62
N VAL F 72 -36.13 8.31 31.03
CA VAL F 72 -35.08 7.52 31.67
C VAL F 72 -34.57 8.28 32.89
N ASP F 73 -34.01 7.54 33.83
CA ASP F 73 -33.31 8.07 34.99
C ASP F 73 -31.94 7.40 35.02
N LYS F 74 -30.94 8.09 34.46
CA LYS F 74 -29.64 7.46 34.22
C LYS F 74 -28.98 7.03 35.52
N SER F 75 -29.14 7.81 36.59
CA SER F 75 -28.46 7.50 37.84
C SER F 75 -28.95 6.18 38.43
N SER F 76 -30.26 5.95 38.41
CA SER F 76 -30.84 4.76 39.01
C SER F 76 -30.93 3.58 38.04
N SER F 77 -30.54 3.77 36.78
CA SER F 77 -30.61 2.73 35.76
C SER F 77 -32.04 2.21 35.59
N THR F 78 -32.96 3.15 35.41
CA THR F 78 -34.39 2.84 35.31
C THR F 78 -34.98 3.58 34.14
N ALA F 79 -35.86 2.91 33.40
CA ALA F 79 -36.58 3.49 32.29
C ALA F 79 -38.07 3.47 32.60
N TYR F 80 -38.79 4.47 32.09
CA TYR F 80 -40.19 4.64 32.43
C TYR F 80 -41.05 4.72 31.18
N LEU F 81 -42.22 4.12 31.24
CA LEU F 81 -43.27 4.28 30.26
C LEU F 81 -44.48 4.91 30.95
N GLU F 82 -45.04 5.94 30.34
CA GLU F 82 -46.18 6.65 30.91
C GLU F 82 -47.30 6.71 29.88
N LEU F 83 -48.50 6.33 30.30
CA LEU F 83 -49.68 6.28 29.44
C LEU F 83 -50.65 7.37 29.87
N ARG F 84 -51.14 8.15 28.92
CA ARG F 84 -51.70 9.46 29.25
C ARG F 84 -53.15 9.37 29.72
N SER F 85 -54.07 9.00 28.83
CA SER F 85 -55.50 9.02 29.13
C SER F 85 -56.05 7.63 28.85
N LEU F 86 -55.93 6.76 29.84
CA LEU F 86 -56.17 5.34 29.64
C LEU F 86 -57.64 5.05 29.33
N THR F 87 -57.86 4.13 28.39
CA THR F 87 -59.19 3.67 28.03
C THR F 87 -59.18 2.15 28.01
N SER F 88 -60.32 1.55 27.69
CA SER F 88 -60.44 0.10 27.69
C SER F 88 -59.54 -0.54 26.64
N GLU F 89 -59.28 0.17 25.54
CA GLU F 89 -58.40 -0.35 24.51
C GLU F 89 -56.96 -0.43 24.96
N ASP F 90 -56.64 0.13 26.13
CA ASP F 90 -55.28 0.12 26.67
C ASP F 90 -55.00 -1.04 27.60
N THR F 91 -55.96 -1.95 27.78
CA THR F 91 -55.75 -3.11 28.64
C THR F 91 -54.83 -4.09 27.94
N ALA F 92 -53.58 -4.18 28.39
CA ALA F 92 -52.60 -5.05 27.76
C ALA F 92 -51.44 -5.26 28.73
N VAL F 93 -50.50 -6.11 28.30
CA VAL F 93 -49.27 -6.38 29.04
C VAL F 93 -48.14 -5.62 28.36
N TYR F 94 -47.37 -4.88 29.14
CA TYR F 94 -46.35 -3.99 28.60
C TYR F 94 -44.97 -4.50 29.00
N TYR F 95 -44.09 -4.60 28.01
CA TYR F 95 -42.75 -5.15 28.19
C TYR F 95 -41.71 -4.07 27.95
N CYS F 96 -40.68 -4.06 28.79
CA CYS F 96 -39.43 -3.40 28.46
C CYS F 96 -38.42 -4.46 28.01
N ALA F 97 -37.51 -4.06 27.13
CA ALA F 97 -36.53 -4.99 26.62
C ALA F 97 -35.24 -4.24 26.33
N ARG F 98 -34.12 -4.92 26.55
CA ARG F 98 -32.82 -4.40 26.17
C ARG F 98 -32.55 -4.70 24.71
N SER F 99 -32.18 -3.68 23.94
CA SER F 99 -31.90 -3.84 22.53
C SER F 99 -30.43 -3.52 22.24
N THR F 100 -29.88 -4.20 21.25
CA THR F 100 -28.49 -4.02 20.87
C THR F 100 -28.31 -3.02 19.74
N MET F 101 -29.33 -2.23 19.44
CA MET F 101 -29.23 -1.20 18.42
C MET F 101 -28.50 0.02 18.97
N GLY F 102 -28.49 1.09 18.18
CA GLY F 102 -27.88 2.33 18.55
C GLY F 102 -26.46 2.51 18.03
N VAL F 103 -25.68 1.44 17.97
CA VAL F 103 -24.30 1.49 17.51
C VAL F 103 -24.08 0.36 16.51
N TYR F 104 -22.96 0.43 15.80
CA TYR F 104 -22.60 -0.61 14.85
C TYR F 104 -22.23 -1.91 15.59
N ARG F 105 -22.66 -3.03 15.03
CA ARG F 105 -22.34 -4.35 15.57
C ARG F 105 -21.66 -5.16 14.49
N SER F 106 -20.48 -5.70 14.80
CA SER F 106 -19.68 -6.39 13.80
C SER F 106 -20.38 -7.65 13.28
N ASP F 107 -21.08 -8.36 14.15
CA ASP F 107 -21.79 -9.57 13.77
C ASP F 107 -23.17 -9.29 13.20
N GLY F 108 -23.58 -8.02 13.15
CA GLY F 108 -24.91 -7.68 12.64
C GLY F 108 -26.02 -8.24 13.48
N TYR F 109 -25.88 -8.18 14.81
CA TYR F 109 -26.86 -8.72 15.74
C TYR F 109 -27.63 -7.55 16.34
N TYR F 110 -28.83 -7.32 15.83
CA TYR F 110 -29.70 -6.23 16.27
C TYR F 110 -31.01 -6.86 16.73
N ALA F 111 -31.20 -6.93 18.05
CA ALA F 111 -32.38 -7.61 18.58
C ALA F 111 -32.68 -7.09 19.97
N MET F 112 -33.90 -7.37 20.43
CA MET F 112 -34.25 -7.26 21.84
C MET F 112 -33.84 -8.57 22.50
N ASP F 113 -32.65 -8.59 23.12
CA ASP F 113 -32.07 -9.82 23.60
C ASP F 113 -32.38 -10.14 25.06
N TYR F 114 -33.04 -9.24 25.78
CA TYR F 114 -33.45 -9.51 27.16
C TYR F 114 -34.76 -8.79 27.41
N TRP F 115 -35.75 -9.53 27.92
CA TRP F 115 -37.07 -8.98 28.17
C TRP F 115 -37.38 -9.03 29.65
N GLY F 116 -37.96 -7.96 30.17
CA GLY F 116 -38.52 -8.00 31.49
C GLY F 116 -39.89 -8.64 31.50
N GLN F 117 -40.26 -9.23 32.63
CA GLN F 117 -41.60 -9.75 32.78
C GLN F 117 -42.60 -8.61 32.63
N GLY F 118 -43.72 -8.87 31.98
CA GLY F 118 -44.61 -7.81 31.61
C GLY F 118 -45.33 -7.19 32.79
N THR F 119 -45.91 -6.03 32.53
CA THR F 119 -46.80 -5.37 33.49
C THR F 119 -48.20 -5.35 32.90
N SER F 120 -49.12 -6.01 33.57
CA SER F 120 -50.51 -6.06 33.11
C SER F 120 -51.26 -4.83 33.61
N VAL F 121 -51.88 -4.11 32.69
CA VAL F 121 -52.65 -2.92 33.01
C VAL F 121 -54.11 -3.20 32.73
N THR F 122 -54.96 -2.96 33.72
CA THR F 122 -56.40 -3.08 33.58
C THR F 122 -57.01 -1.69 33.74
N VAL F 123 -57.90 -1.33 32.83
CA VAL F 123 -58.54 -0.02 32.83
C VAL F 123 -60.02 -0.25 33.11
N SER F 124 -60.42 -0.05 34.36
CA SER F 124 -61.79 -0.33 34.77
C SER F 124 -62.16 0.57 35.94
N SER F 125 -63.47 0.75 36.12
CA SER F 125 -64.00 1.52 37.24
C SER F 125 -64.50 0.65 38.37
N ALA F 126 -64.44 -0.67 38.23
CA ALA F 126 -64.96 -1.57 39.25
C ALA F 126 -64.09 -1.54 40.50
N LYS F 127 -64.66 -2.04 41.60
CA LYS F 127 -63.96 -2.02 42.88
C LYS F 127 -63.14 -3.28 43.07
N THR F 128 -61.94 -3.11 43.61
CA THR F 128 -61.11 -4.26 43.94
C THR F 128 -61.74 -5.06 45.08
N THR F 129 -61.68 -6.38 44.97
CA THR F 129 -62.38 -7.27 45.88
C THR F 129 -61.44 -8.40 46.32
N PRO F 130 -61.36 -8.71 47.60
CA PRO F 130 -60.55 -9.84 48.05
C PRO F 130 -61.15 -11.16 47.60
N PRO F 131 -60.32 -12.20 47.45
CA PRO F 131 -60.83 -13.49 46.99
C PRO F 131 -61.46 -14.29 48.13
N SER F 132 -62.37 -15.18 47.76
CA SER F 132 -62.99 -16.12 48.68
C SER F 132 -62.36 -17.48 48.46
N VAL F 133 -61.48 -17.89 49.36
CA VAL F 133 -60.70 -19.12 49.21
C VAL F 133 -61.42 -20.24 49.95
N TYR F 134 -61.61 -21.37 49.27
CA TYR F 134 -62.21 -22.54 49.89
C TYR F 134 -61.34 -23.76 49.65
N PRO F 135 -61.31 -24.69 50.59
CA PRO F 135 -60.58 -25.94 50.39
C PRO F 135 -61.46 -27.02 49.79
N LEU F 136 -60.81 -27.96 49.10
CA LEU F 136 -61.48 -29.07 48.44
C LEU F 136 -60.96 -30.39 49.00
N ALA F 137 -61.88 -31.24 49.44
CA ALA F 137 -61.53 -32.52 50.04
C ALA F 137 -62.35 -33.63 49.41
N PRO F 138 -61.82 -34.84 49.36
CA PRO F 138 -62.58 -35.96 48.78
C PRO F 138 -63.80 -36.30 49.62
N GLY F 139 -64.85 -36.78 48.94
CA GLY F 139 -66.03 -37.25 49.63
C GLY F 139 -65.85 -38.62 50.23
N CYS F 140 -66.83 -39.06 51.01
CA CYS F 140 -66.75 -40.36 51.66
C CYS F 140 -67.22 -41.47 50.73
N GLY F 141 -66.75 -41.44 49.48
CA GLY F 141 -66.95 -42.52 48.53
C GLY F 141 -65.71 -42.70 47.69
N ASP F 142 -64.57 -42.29 48.26
CA ASP F 142 -63.34 -42.17 47.48
C ASP F 142 -62.85 -43.53 46.97
N THR F 143 -62.92 -44.56 47.81
CA THR F 143 -62.23 -45.82 47.57
C THR F 143 -60.75 -45.55 47.30
N THR F 144 -60.09 -45.01 48.32
CA THR F 144 -58.75 -44.46 48.17
C THR F 144 -57.76 -45.51 47.68
N GLY F 145 -56.99 -45.15 46.67
CA GLY F 145 -55.94 -45.98 46.11
C GLY F 145 -54.57 -45.54 46.55
N SER F 146 -53.58 -45.75 45.67
CA SER F 146 -52.21 -45.38 45.99
C SER F 146 -51.98 -43.89 45.94
N SER F 147 -52.79 -43.14 45.19
CA SER F 147 -52.62 -41.70 45.05
C SER F 147 -53.95 -41.00 45.21
N VAL F 148 -53.90 -39.77 45.73
CA VAL F 148 -55.08 -38.94 45.92
C VAL F 148 -54.75 -37.54 45.42
N THR F 149 -55.79 -36.79 45.08
CA THR F 149 -55.64 -35.44 44.54
C THR F 149 -56.49 -34.47 45.33
N LEU F 150 -55.90 -33.33 45.69
CA LEU F 150 -56.58 -32.28 46.44
C LEU F 150 -56.43 -30.97 45.70
N GLY F 151 -57.40 -30.07 45.90
CA GLY F 151 -57.40 -28.82 45.16
C GLY F 151 -57.92 -27.68 46.01
N CYS F 152 -57.95 -26.50 45.38
CA CYS F 152 -58.39 -25.27 46.02
C CYS F 152 -59.23 -24.48 45.02
N LEU F 153 -60.36 -23.93 45.50
CA LEU F 153 -61.28 -23.18 44.66
C LEU F 153 -61.32 -21.74 45.12
N VAL F 154 -61.13 -20.81 44.18
CA VAL F 154 -61.07 -19.38 44.47
C VAL F 154 -62.11 -18.68 43.60
N LYS F 155 -62.92 -17.82 44.22
CA LYS F 155 -64.06 -17.24 43.54
C LYS F 155 -64.23 -15.78 43.95
N GLY F 156 -64.70 -14.97 43.00
CA GLY F 156 -65.16 -13.63 43.30
C GLY F 156 -64.10 -12.62 43.67
N TYR F 157 -62.99 -12.56 42.93
CA TYR F 157 -61.96 -11.56 43.19
C TYR F 157 -61.84 -10.60 42.01
N PHE F 158 -61.02 -9.57 42.21
CA PHE F 158 -60.77 -8.54 41.21
C PHE F 158 -59.60 -7.69 41.65
N PRO F 159 -58.71 -7.27 40.74
CA PRO F 159 -58.65 -7.63 39.31
C PRO F 159 -57.93 -8.96 39.10
N GLU F 160 -57.74 -9.39 37.86
CA GLU F 160 -57.22 -10.72 37.56
C GLU F 160 -55.72 -10.77 37.84
N SER F 161 -55.39 -11.00 39.11
CA SER F 161 -54.00 -11.26 39.49
C SER F 161 -54.05 -12.10 40.76
N VAL F 162 -53.92 -13.42 40.61
CA VAL F 162 -53.92 -14.34 41.73
C VAL F 162 -52.86 -15.40 41.48
N THR F 163 -52.07 -15.70 42.51
CA THR F 163 -51.11 -16.79 42.46
C THR F 163 -51.44 -17.80 43.55
N VAL F 164 -51.08 -19.06 43.31
CA VAL F 164 -51.36 -20.14 44.23
C VAL F 164 -50.09 -20.96 44.41
N THR F 165 -49.69 -21.18 45.66
CA THR F 165 -48.55 -22.01 45.99
C THR F 165 -48.99 -23.11 46.93
N TRP F 166 -48.52 -24.34 46.66
CA TRP F 166 -48.94 -25.52 47.42
C TRP F 166 -47.81 -25.98 48.32
N ASN F 167 -48.15 -26.26 49.58
CA ASN F 167 -47.21 -26.76 50.58
C ASN F 167 -46.03 -25.83 50.79
N SER F 168 -46.28 -24.52 50.69
CA SER F 168 -45.25 -23.49 50.91
C SER F 168 -44.06 -23.69 49.98
N GLY F 169 -44.34 -24.10 48.74
CA GLY F 169 -43.30 -24.30 47.75
C GLY F 169 -42.62 -25.64 47.79
N SER F 170 -42.97 -26.52 48.73
CA SER F 170 -42.36 -27.83 48.81
C SER F 170 -42.80 -28.75 47.68
N LEU F 171 -43.94 -28.47 47.05
CA LEU F 171 -44.48 -29.27 45.96
C LEU F 171 -44.48 -28.40 44.71
N SER F 172 -43.40 -28.48 43.93
CA SER F 172 -43.26 -27.70 42.71
C SER F 172 -43.60 -28.50 41.45
N SER F 173 -44.11 -29.72 41.62
CA SER F 173 -44.46 -30.57 40.49
C SER F 173 -45.81 -31.21 40.73
N SER F 174 -46.40 -31.74 39.66
CA SER F 174 -47.73 -32.36 39.70
C SER F 174 -48.79 -31.39 40.19
N VAL F 175 -48.66 -30.12 39.82
CA VAL F 175 -49.59 -29.06 40.22
C VAL F 175 -50.21 -28.47 38.96
N HIS F 176 -51.53 -28.50 38.88
CA HIS F 176 -52.27 -27.93 37.75
C HIS F 176 -52.99 -26.68 38.22
N THR F 177 -52.75 -25.56 37.52
CA THR F 177 -53.38 -24.29 37.84
C THR F 177 -54.24 -23.87 36.65
N PHE F 178 -55.47 -23.44 36.94
CA PHE F 178 -56.36 -23.22 35.81
C PHE F 178 -56.62 -21.73 35.60
N PRO F 179 -56.78 -21.32 34.34
CA PRO F 179 -56.98 -19.90 34.05
C PRO F 179 -58.28 -19.38 34.64
N ALA F 180 -58.29 -18.10 34.97
CA ALA F 180 -59.45 -17.46 35.55
C ALA F 180 -60.48 -17.13 34.47
N LEU F 181 -61.75 -17.09 34.88
CA LEU F 181 -62.85 -16.78 33.98
C LEU F 181 -63.75 -15.75 34.64
N LEU F 182 -64.42 -14.94 33.81
CA LEU F 182 -65.31 -13.91 34.32
C LEU F 182 -66.67 -14.52 34.64
N GLN F 183 -67.11 -14.36 35.88
CA GLN F 183 -68.40 -14.87 36.34
C GLN F 183 -69.12 -13.74 37.07
N SER F 184 -70.13 -13.16 36.41
CA SER F 184 -70.89 -12.04 36.95
C SER F 184 -69.98 -10.86 37.30
N GLY F 185 -68.96 -10.65 36.48
CA GLY F 185 -68.04 -9.55 36.67
C GLY F 185 -66.90 -9.81 37.63
N LEU F 186 -66.82 -11.00 38.22
CA LEU F 186 -65.74 -11.34 39.12
C LEU F 186 -65.06 -12.62 38.63
N TYR F 187 -63.75 -12.68 38.85
CA TYR F 187 -62.96 -13.80 38.35
C TYR F 187 -63.00 -14.97 39.32
N THR F 188 -63.00 -16.18 38.75
CA THR F 188 -62.93 -17.41 39.52
C THR F 188 -61.90 -18.33 38.91
N MET F 189 -61.14 -19.02 39.75
CA MET F 189 -60.09 -19.92 39.29
C MET F 189 -59.98 -21.08 40.26
N SER F 190 -59.20 -22.08 39.88
CA SER F 190 -58.98 -23.25 40.71
C SER F 190 -57.58 -23.79 40.48
N SER F 191 -57.13 -24.63 41.41
CA SER F 191 -55.87 -25.33 41.28
C SER F 191 -55.99 -26.68 41.95
N SER F 192 -55.11 -27.61 41.57
CA SER F 192 -55.13 -28.95 42.12
C SER F 192 -53.70 -29.45 42.27
N VAL F 193 -53.51 -30.39 43.19
CA VAL F 193 -52.21 -31.00 43.45
C VAL F 193 -52.44 -32.50 43.69
N THR F 194 -51.53 -33.32 43.19
CA THR F 194 -51.62 -34.77 43.31
C THR F 194 -50.54 -35.26 44.26
N VAL F 195 -50.94 -36.04 45.26
CA VAL F 195 -50.01 -36.56 46.26
C VAL F 195 -50.30 -38.03 46.51
N PRO F 196 -49.27 -38.79 46.87
CA PRO F 196 -49.48 -40.21 47.18
C PRO F 196 -50.25 -40.37 48.49
N SER F 197 -50.73 -41.59 48.71
CA SER F 197 -51.51 -41.93 49.90
C SER F 197 -50.58 -41.97 51.11
N SER F 198 -50.24 -40.79 51.62
CA SER F 198 -49.37 -40.67 52.77
C SER F 198 -49.51 -39.29 53.41
N GLN G 1 -46.54 1.34 6.58
CA GLN G 1 -46.49 0.21 7.50
C GLN G 1 -46.51 -1.09 6.71
N ILE G 2 -45.64 -2.01 7.11
CA ILE G 2 -45.53 -3.32 6.46
C ILE G 2 -46.27 -4.33 7.32
N VAL G 3 -47.21 -5.06 6.71
CA VAL G 3 -48.02 -6.04 7.40
C VAL G 3 -47.40 -7.41 7.20
N LEU G 4 -47.17 -8.12 8.29
CA LEU G 4 -46.64 -9.48 8.26
C LEU G 4 -47.78 -10.44 8.56
N THR G 5 -47.92 -11.47 7.73
CA THR G 5 -49.00 -12.44 7.85
C THR G 5 -48.42 -13.83 8.07
N GLN G 6 -48.88 -14.50 9.12
CA GLN G 6 -48.50 -15.88 9.39
C GLN G 6 -49.71 -16.77 9.16
N SER G 7 -49.56 -17.77 8.30
CA SER G 7 -50.65 -18.68 8.02
C SER G 7 -50.11 -20.10 7.94
N PRO G 8 -50.86 -21.08 8.45
CA PRO G 8 -52.09 -20.92 9.23
C PRO G 8 -51.80 -20.52 10.68
N ALA G 9 -52.82 -20.07 11.40
CA ALA G 9 -52.63 -19.55 12.75
C ALA G 9 -52.18 -20.61 13.75
N ILE G 10 -52.56 -21.87 13.55
CA ILE G 10 -52.12 -22.95 14.42
C ILE G 10 -51.80 -24.17 13.56
N MET G 11 -50.68 -24.82 13.85
CA MET G 11 -50.30 -26.06 13.18
C MET G 11 -49.76 -27.05 14.20
N SER G 12 -49.73 -28.32 13.80
CA SER G 12 -49.38 -29.41 14.69
C SER G 12 -48.35 -30.32 14.05
N ALA G 13 -47.59 -31.01 14.88
CA ALA G 13 -46.56 -31.94 14.43
C ALA G 13 -46.25 -32.93 15.55
N SER G 14 -45.62 -34.03 15.19
CA SER G 14 -45.32 -35.11 16.11
C SER G 14 -43.85 -35.10 16.51
N LEU G 15 -43.55 -35.71 17.65
CA LEU G 15 -42.19 -35.72 18.17
C LEU G 15 -41.22 -36.34 17.17
N GLY G 16 -40.10 -35.66 16.93
CA GLY G 16 -39.10 -36.11 15.99
C GLY G 16 -39.37 -35.77 14.55
N GLU G 17 -40.51 -35.16 14.23
CA GLU G 17 -40.85 -34.81 12.86
C GLU G 17 -40.13 -33.51 12.47
N GLU G 18 -40.53 -32.95 11.33
CA GLU G 18 -39.98 -31.70 10.83
C GLU G 18 -41.12 -30.85 10.29
N ILE G 19 -41.21 -29.61 10.74
CA ILE G 19 -42.28 -28.71 10.35
C ILE G 19 -41.68 -27.36 9.99
N THR G 20 -42.39 -26.61 9.14
CA THR G 20 -41.96 -25.29 8.73
C THR G 20 -43.08 -24.28 8.99
N LEU G 21 -42.70 -23.07 9.41
CA LEU G 21 -43.61 -21.96 9.57
C LEU G 21 -43.26 -20.91 8.52
N THR G 22 -44.27 -20.20 8.02
CA THR G 22 -44.06 -19.21 6.99
C THR G 22 -44.56 -17.84 7.43
N CYS G 23 -43.88 -16.80 6.98
CA CYS G 23 -44.28 -15.41 7.16
C CYS G 23 -44.19 -14.72 5.82
N SER G 24 -45.21 -13.93 5.48
CA SER G 24 -45.25 -13.21 4.21
C SER G 24 -45.50 -11.74 4.46
N ALA G 25 -44.81 -10.90 3.69
CA ALA G 25 -44.82 -9.45 3.90
C ALA G 25 -45.56 -8.74 2.78
N SER G 26 -46.14 -7.59 3.13
CA SER G 26 -46.83 -6.76 2.15
C SER G 26 -45.86 -6.03 1.21
N SER G 27 -44.57 -6.06 1.50
CA SER G 27 -43.55 -5.44 0.66
C SER G 27 -42.23 -6.11 0.96
N SER G 28 -41.24 -5.82 0.13
CA SER G 28 -39.93 -6.48 0.24
C SER G 28 -39.14 -5.92 1.43
N ILE G 29 -38.59 -6.81 2.24
CA ILE G 29 -37.75 -6.43 3.36
C ILE G 29 -36.44 -7.18 3.27
N SER G 30 -35.38 -6.58 3.81
CA SER G 30 -34.04 -7.15 3.69
C SER G 30 -33.80 -8.32 4.63
N TYR G 31 -34.40 -8.33 5.82
CA TYR G 31 -34.17 -9.38 6.80
C TYR G 31 -35.49 -9.76 7.47
N MET G 32 -35.49 -10.92 8.13
CA MET G 32 -36.58 -11.36 8.98
C MET G 32 -36.02 -11.95 10.27
N HIS G 33 -36.74 -11.76 11.37
CA HIS G 33 -36.32 -12.25 12.67
C HIS G 33 -37.48 -12.99 13.33
N TRP G 34 -37.14 -13.95 14.19
CA TRP G 34 -38.13 -14.84 14.79
C TRP G 34 -38.00 -14.82 16.30
N TYR G 35 -39.14 -14.72 16.98
CA TYR G 35 -39.22 -14.74 18.43
C TYR G 35 -40.12 -15.89 18.87
N GLN G 36 -39.76 -16.51 20.00
CA GLN G 36 -40.53 -17.59 20.58
C GLN G 36 -41.04 -17.17 21.95
N GLN G 37 -42.30 -17.48 22.24
CA GLN G 37 -42.90 -17.19 23.53
C GLN G 37 -43.62 -18.43 24.06
N LYS G 38 -43.05 -19.04 25.09
CA LYS G 38 -43.69 -20.15 25.77
C LYS G 38 -44.76 -19.65 26.73
N SER G 39 -45.54 -20.57 27.26
CA SER G 39 -46.70 -20.21 28.07
C SER G 39 -46.26 -19.63 29.41
N GLY G 40 -46.74 -18.42 29.70
CA GLY G 40 -46.44 -17.79 30.98
C GLY G 40 -45.11 -17.07 31.05
N THR G 41 -44.63 -16.51 29.95
CA THR G 41 -43.35 -15.81 29.96
C THR G 41 -43.33 -14.80 28.81
N SER G 42 -42.23 -14.06 28.72
CA SER G 42 -42.03 -13.03 27.71
C SER G 42 -41.38 -13.62 26.47
N PRO G 43 -41.49 -12.93 25.32
CA PRO G 43 -40.86 -13.44 24.10
C PRO G 43 -39.34 -13.52 24.19
N LYS G 44 -38.78 -14.42 23.39
CA LYS G 44 -37.34 -14.66 23.38
C LYS G 44 -36.84 -14.78 21.94
N ILE G 45 -35.73 -14.09 21.64
CA ILE G 45 -35.19 -14.09 20.29
C ILE G 45 -34.69 -15.48 19.93
N LEU G 46 -35.07 -15.95 18.75
CA LEU G 46 -34.71 -17.28 18.27
C LEU G 46 -33.82 -17.25 17.03
N ILE G 47 -34.25 -16.56 15.98
CA ILE G 47 -33.51 -16.44 14.73
C ILE G 47 -33.41 -14.97 14.37
N TYR G 48 -32.20 -14.50 14.07
CA TYR G 48 -31.98 -13.11 13.67
C TYR G 48 -31.28 -13.06 12.32
N SER G 49 -31.61 -12.02 11.54
CA SER G 49 -31.04 -11.80 10.22
C SER G 49 -31.25 -13.01 9.31
N THR G 50 -32.43 -13.62 9.42
CA THR G 50 -32.98 -14.61 8.50
C THR G 50 -32.31 -15.98 8.60
N SER G 51 -31.12 -16.07 9.19
CA SER G 51 -30.41 -17.34 9.15
C SER G 51 -29.62 -17.67 10.39
N ASN G 52 -29.52 -16.78 11.37
CA ASN G 52 -28.55 -16.92 12.45
C ASN G 52 -29.25 -17.34 13.73
N GLN G 53 -28.81 -18.45 14.31
CA GLN G 53 -29.36 -18.89 15.59
C GLN G 53 -28.89 -17.97 16.70
N ALA G 54 -29.81 -17.53 17.54
CA ALA G 54 -29.46 -16.68 18.67
C ALA G 54 -28.65 -17.47 19.69
N SER G 55 -28.12 -16.75 20.68
CA SER G 55 -27.27 -17.38 21.69
C SER G 55 -28.07 -18.38 22.51
N GLY G 56 -27.50 -19.57 22.70
CA GLY G 56 -28.18 -20.61 23.44
C GLY G 56 -29.43 -21.14 22.76
N VAL G 57 -29.35 -21.41 21.46
CA VAL G 57 -30.46 -21.92 20.68
C VAL G 57 -29.99 -23.20 19.99
N PRO G 58 -30.72 -24.30 20.10
CA PRO G 58 -30.30 -25.53 19.43
C PRO G 58 -30.29 -25.37 17.92
N SER G 59 -29.43 -26.13 17.26
CA SER G 59 -29.25 -26.03 15.82
C SER G 59 -30.40 -26.64 15.03
N ARG G 60 -31.42 -27.18 15.69
CA ARG G 60 -32.58 -27.69 14.98
C ARG G 60 -33.50 -26.60 14.47
N PHE G 61 -33.35 -25.37 14.97
CA PHE G 61 -34.04 -24.22 14.41
C PHE G 61 -33.19 -23.61 13.30
N SER G 62 -33.83 -23.30 12.19
CA SER G 62 -33.13 -22.69 11.07
C SER G 62 -34.10 -21.82 10.29
N GLY G 63 -33.57 -20.81 9.63
CA GLY G 63 -34.37 -19.89 8.85
C GLY G 63 -33.82 -19.68 7.47
N SER G 64 -34.71 -19.32 6.56
CA SER G 64 -34.33 -19.02 5.18
C SER G 64 -35.44 -18.20 4.54
N GLY G 65 -35.10 -17.54 3.45
CA GLY G 65 -36.08 -16.77 2.71
C GLY G 65 -35.45 -15.52 2.14
N SER G 66 -36.29 -14.73 1.48
CA SER G 66 -35.86 -13.49 0.84
C SER G 66 -37.11 -12.76 0.35
N GLY G 67 -36.91 -11.51 -0.06
CA GLY G 67 -37.97 -10.73 -0.67
C GLY G 67 -39.19 -10.53 0.20
N THR G 68 -40.27 -11.24 -0.13
CA THR G 68 -41.52 -11.14 0.61
C THR G 68 -41.94 -12.45 1.24
N PHE G 69 -41.10 -13.49 1.20
CA PHE G 69 -41.43 -14.78 1.77
C PHE G 69 -40.27 -15.30 2.60
N TYR G 70 -40.55 -15.66 3.85
CA TYR G 70 -39.55 -16.18 4.77
C TYR G 70 -40.15 -17.36 5.51
N SER G 71 -39.28 -18.18 6.09
CA SER G 71 -39.75 -19.38 6.75
C SER G 71 -38.79 -19.81 7.84
N LEU G 72 -39.35 -20.38 8.90
CA LEU G 72 -38.57 -20.93 10.01
C LEU G 72 -38.88 -22.42 10.11
N THR G 73 -37.84 -23.24 10.11
CA THR G 73 -37.96 -24.69 10.04
C THR G 73 -37.45 -25.32 11.31
N ILE G 74 -38.25 -26.20 11.90
CA ILE G 74 -37.88 -26.96 13.08
C ILE G 74 -37.76 -28.41 12.68
N SER G 75 -36.59 -29.01 12.95
CA SER G 75 -36.35 -30.41 12.66
C SER G 75 -36.20 -31.16 13.97
N SER G 76 -36.71 -32.40 14.00
CA SER G 76 -36.72 -33.22 15.21
C SER G 76 -37.47 -32.50 16.33
N VAL G 77 -38.77 -32.27 16.07
CA VAL G 77 -39.61 -31.53 17.01
C VAL G 77 -39.62 -32.23 18.37
N GLU G 78 -39.43 -31.46 19.42
CA GLU G 78 -39.44 -31.96 20.78
C GLU G 78 -40.61 -31.33 21.56
N ALA G 79 -40.92 -31.93 22.71
CA ALA G 79 -42.05 -31.47 23.50
C ALA G 79 -41.87 -30.06 24.01
N GLU G 80 -40.63 -29.56 24.08
CA GLU G 80 -40.35 -28.22 24.56
C GLU G 80 -40.76 -27.15 23.56
N ASP G 81 -41.15 -27.52 22.35
CA ASP G 81 -41.42 -26.57 21.27
C ASP G 81 -42.88 -26.15 21.20
N ALA G 82 -43.71 -26.56 22.15
CA ALA G 82 -45.10 -26.12 22.19
C ALA G 82 -45.14 -24.68 22.65
N ALA G 83 -45.22 -23.74 21.71
CA ALA G 83 -45.12 -22.33 22.02
C ALA G 83 -45.76 -21.53 20.90
N ASP G 84 -45.57 -20.21 20.93
CA ASP G 84 -46.04 -19.29 19.92
C ASP G 84 -44.84 -18.62 19.26
N TYR G 85 -44.90 -18.47 17.95
CA TYR G 85 -43.79 -17.94 17.17
C TYR G 85 -44.25 -16.69 16.41
N TYR G 86 -43.38 -15.69 16.36
CA TYR G 86 -43.69 -14.40 15.75
C TYR G 86 -42.54 -13.98 14.85
N CYS G 87 -42.86 -13.51 13.66
CA CYS G 87 -41.87 -12.93 12.77
C CYS G 87 -41.80 -11.42 12.99
N HIS G 88 -40.59 -10.86 12.91
CA HIS G 88 -40.36 -9.46 13.19
C HIS G 88 -39.43 -8.86 12.16
N GLN G 89 -39.72 -7.63 11.75
CA GLN G 89 -38.87 -6.91 10.81
C GLN G 89 -38.59 -5.52 11.34
N TRP G 90 -37.36 -5.04 11.12
CA TRP G 90 -37.04 -3.63 11.36
C TRP G 90 -36.46 -2.97 10.12
N SER G 91 -36.65 -3.56 8.94
CA SER G 91 -36.10 -2.97 7.73
C SER G 91 -36.84 -1.69 7.34
N SER G 92 -38.12 -1.61 7.66
CA SER G 92 -38.93 -0.44 7.36
C SER G 92 -39.44 0.16 8.66
N TYR G 93 -39.69 1.47 8.64
CA TYR G 93 -40.24 2.14 9.79
C TYR G 93 -41.73 2.39 9.60
N PRO G 94 -42.57 2.11 10.59
CA PRO G 94 -42.27 1.57 11.92
C PRO G 94 -42.05 0.07 11.90
N TRP G 95 -41.43 -0.48 12.93
CA TRP G 95 -41.20 -1.91 13.02
C TRP G 95 -42.46 -2.64 13.47
N THR G 96 -42.71 -3.81 12.88
CA THR G 96 -43.93 -4.55 13.15
C THR G 96 -43.61 -6.02 13.42
N PHE G 97 -44.56 -6.68 14.08
CA PHE G 97 -44.51 -8.10 14.35
C PHE G 97 -45.55 -8.83 13.51
N GLY G 98 -45.43 -10.16 13.50
CA GLY G 98 -46.41 -10.98 12.81
C GLY G 98 -47.61 -11.28 13.68
N GLY G 99 -48.59 -11.95 13.08
CA GLY G 99 -49.82 -12.25 13.79
C GLY G 99 -49.67 -13.35 14.82
N GLY G 100 -48.72 -14.26 14.62
CA GLY G 100 -48.49 -15.34 15.55
C GLY G 100 -48.93 -16.68 14.98
N THR G 101 -48.17 -17.72 15.34
CA THR G 101 -48.49 -19.09 14.93
C THR G 101 -48.21 -20.02 16.10
N LYS G 102 -49.25 -20.68 16.59
CA LYS G 102 -49.13 -21.62 17.69
C LYS G 102 -48.76 -23.00 17.16
N LEU G 103 -47.83 -23.65 17.86
CA LEU G 103 -47.41 -24.99 17.52
C LEU G 103 -48.00 -25.99 18.50
N GLU G 104 -48.66 -27.02 17.98
CA GLU G 104 -49.24 -28.07 18.78
C GLU G 104 -48.47 -29.37 18.55
N ILE G 105 -48.50 -30.25 19.55
CA ILE G 105 -47.75 -31.50 19.51
C ILE G 105 -48.74 -32.65 19.49
N LYS G 106 -48.69 -33.46 18.43
CA LYS G 106 -49.48 -34.68 18.37
C LYS G 106 -48.79 -35.78 19.17
N ARG G 107 -49.58 -36.60 19.83
CA ARG G 107 -49.04 -37.67 20.65
C ARG G 107 -50.10 -38.76 20.80
N ALA G 108 -49.71 -39.86 21.45
CA ALA G 108 -50.64 -40.96 21.68
C ALA G 108 -51.77 -40.52 22.60
N ASP G 109 -52.95 -41.08 22.36
CA ASP G 109 -54.12 -40.73 23.15
C ASP G 109 -53.97 -41.21 24.58
N ALA G 110 -54.67 -40.53 25.49
CA ALA G 110 -54.64 -40.87 26.90
C ALA G 110 -56.00 -40.54 27.52
N ALA G 111 -56.46 -41.43 28.39
CA ALA G 111 -57.72 -41.25 29.09
C ALA G 111 -57.58 -40.21 30.21
N PRO G 112 -58.65 -39.51 30.55
CA PRO G 112 -58.57 -38.51 31.61
C PRO G 112 -58.74 -39.12 32.99
N THR G 113 -58.00 -38.57 33.95
CA THR G 113 -58.16 -38.92 35.35
C THR G 113 -59.15 -37.97 35.99
N VAL G 114 -60.24 -38.51 36.54
CA VAL G 114 -61.38 -37.72 36.98
C VAL G 114 -61.44 -37.74 38.50
N SER G 115 -61.64 -36.57 39.09
CA SER G 115 -61.87 -36.42 40.51
C SER G 115 -63.10 -35.54 40.74
N ILE G 116 -63.84 -35.83 41.80
CA ILE G 116 -65.06 -35.10 42.14
C ILE G 116 -64.99 -34.67 43.59
N PHE G 117 -65.36 -33.41 43.85
CA PHE G 117 -65.25 -32.83 45.19
C PHE G 117 -66.61 -32.26 45.61
N PRO G 118 -67.14 -32.65 46.76
CA PRO G 118 -68.39 -32.05 47.24
C PRO G 118 -68.16 -30.62 47.68
N PRO G 119 -69.20 -29.81 47.74
CA PRO G 119 -69.03 -28.43 48.20
C PRO G 119 -68.50 -28.40 49.63
N SER G 120 -67.58 -27.47 49.89
CA SER G 120 -66.97 -27.38 51.20
C SER G 120 -67.95 -26.84 52.23
N SER G 121 -67.76 -27.26 53.48
CA SER G 121 -68.62 -26.78 54.56
C SER G 121 -68.47 -25.27 54.74
N GLU G 122 -67.24 -24.76 54.58
CA GLU G 122 -67.02 -23.32 54.70
C GLU G 122 -67.81 -22.55 53.65
N GLN G 123 -67.83 -23.04 52.41
CA GLN G 123 -68.61 -22.39 51.37
C GLN G 123 -70.10 -22.46 51.68
N LEU G 124 -70.58 -23.60 52.17
CA LEU G 124 -71.99 -23.73 52.51
C LEU G 124 -72.37 -22.81 53.66
N THR G 125 -71.41 -22.47 54.53
CA THR G 125 -71.67 -21.51 55.59
C THR G 125 -72.03 -20.14 55.01
N SER G 126 -71.33 -19.72 53.96
CA SER G 126 -71.59 -18.42 53.34
C SER G 126 -72.88 -18.39 52.55
N GLY G 127 -73.54 -19.53 52.33
CA GLY G 127 -74.77 -19.58 51.58
C GLY G 127 -74.65 -20.01 50.14
N GLY G 128 -73.44 -20.23 49.64
CA GLY G 128 -73.24 -20.67 48.28
C GLY G 128 -73.08 -22.18 48.17
N ALA G 129 -73.02 -22.65 46.93
CA ALA G 129 -72.84 -24.07 46.65
C ALA G 129 -72.29 -24.23 45.25
N SER G 130 -71.10 -24.83 45.14
CA SER G 130 -70.47 -25.08 43.85
C SER G 130 -69.65 -26.36 43.93
N VAL G 131 -69.86 -27.24 42.95
CA VAL G 131 -69.17 -28.53 42.88
C VAL G 131 -68.15 -28.45 41.75
N VAL G 132 -66.91 -28.81 42.06
CA VAL G 132 -65.80 -28.71 41.11
C VAL G 132 -65.36 -30.12 40.72
N CYS G 133 -65.26 -30.37 39.42
CA CYS G 133 -64.80 -31.64 38.89
C CYS G 133 -63.53 -31.41 38.09
N PHE G 134 -62.49 -32.18 38.42
CA PHE G 134 -61.18 -32.06 37.77
C PHE G 134 -60.98 -33.21 36.80
N LEU G 135 -60.67 -32.88 35.55
CA LEU G 135 -60.29 -33.86 34.54
C LEU G 135 -58.83 -33.56 34.19
N ASN G 136 -57.94 -34.49 34.51
CA ASN G 136 -56.52 -34.24 34.45
C ASN G 136 -55.83 -35.16 33.45
N ASN G 137 -54.85 -34.59 32.74
CA ASN G 137 -53.81 -35.35 32.06
C ASN G 137 -54.39 -36.26 30.97
N PHE G 138 -55.03 -35.65 29.98
CA PHE G 138 -55.60 -36.38 28.86
C PHE G 138 -55.11 -35.80 27.53
N TYR G 139 -55.55 -36.43 26.44
CA TYR G 139 -55.31 -36.01 25.06
C TYR G 139 -56.21 -36.84 24.16
N PRO G 140 -56.79 -36.27 23.09
CA PRO G 140 -56.67 -34.90 22.56
C PRO G 140 -57.39 -33.83 23.38
N LYS G 141 -57.29 -32.58 22.92
CA LYS G 141 -57.81 -31.45 23.68
C LYS G 141 -59.33 -31.48 23.77
N ASP G 142 -60.00 -31.68 22.64
CA ASP G 142 -61.46 -31.59 22.61
C ASP G 142 -62.07 -32.75 23.38
N ILE G 143 -62.97 -32.42 24.31
CA ILE G 143 -63.62 -33.42 25.15
C ILE G 143 -64.85 -32.75 25.77
N ASN G 144 -65.92 -33.52 25.90
CA ASN G 144 -67.17 -33.03 26.46
C ASN G 144 -67.36 -33.56 27.88
N VAL G 145 -68.07 -32.78 28.69
CA VAL G 145 -68.41 -33.19 30.05
C VAL G 145 -69.89 -32.92 30.28
N LYS G 146 -70.59 -33.92 30.80
CA LYS G 146 -71.99 -33.79 31.17
C LYS G 146 -72.14 -33.96 32.66
N TRP G 147 -72.90 -33.06 33.29
CA TRP G 147 -73.10 -33.06 34.73
C TRP G 147 -74.39 -33.78 35.09
N LYS G 148 -74.39 -34.39 36.28
CA LYS G 148 -75.54 -35.13 36.77
C LYS G 148 -75.70 -34.88 38.26
N ILE G 149 -76.59 -33.96 38.61
CA ILE G 149 -77.02 -33.75 39.99
C ILE G 149 -78.45 -34.26 40.11
N ASP G 150 -78.72 -34.97 41.19
CA ASP G 150 -79.96 -35.73 41.40
C ASP G 150 -80.22 -36.58 40.13
N GLY G 151 -81.48 -36.86 39.82
CA GLY G 151 -81.79 -37.67 38.66
C GLY G 151 -81.90 -36.92 37.34
N SER G 152 -81.93 -35.59 37.37
CA SER G 152 -82.17 -34.81 36.17
C SER G 152 -80.86 -34.42 35.50
N GLU G 153 -80.98 -33.91 34.27
CA GLU G 153 -79.84 -33.41 33.50
C GLU G 153 -79.73 -31.92 33.70
N ARG G 154 -78.90 -31.52 34.67
CA ARG G 154 -78.72 -30.11 35.02
C ARG G 154 -77.73 -29.49 34.02
N GLN G 155 -78.25 -29.13 32.85
CA GLN G 155 -77.43 -28.55 31.79
C GLN G 155 -77.46 -27.02 31.86
N ASN G 156 -76.94 -26.49 32.97
CA ASN G 156 -76.89 -25.05 33.18
C ASN G 156 -75.88 -24.75 34.27
N GLY G 157 -75.31 -23.55 34.22
CA GLY G 157 -74.39 -23.09 35.24
C GLY G 157 -73.11 -23.90 35.36
N VAL G 158 -72.46 -24.18 34.23
CA VAL G 158 -71.22 -24.93 34.20
C VAL G 158 -70.14 -24.07 33.57
N LEU G 159 -68.97 -24.03 34.21
CA LEU G 159 -67.80 -23.32 33.70
C LEU G 159 -66.67 -24.30 33.47
N ASN G 160 -66.13 -24.30 32.26
CA ASN G 160 -65.03 -25.17 31.89
C ASN G 160 -63.77 -24.34 31.64
N SER G 161 -62.63 -24.86 32.08
CA SER G 161 -61.36 -24.13 31.99
C SER G 161 -60.26 -25.09 31.55
N TRP G 162 -59.94 -25.08 30.27
CA TRP G 162 -58.82 -25.85 29.76
C TRP G 162 -57.51 -25.20 30.14
N THR G 163 -56.47 -26.01 30.27
CA THR G 163 -55.12 -25.52 30.50
C THR G 163 -54.32 -25.54 29.21
N ASP G 164 -53.16 -24.90 29.24
CA ASP G 164 -52.27 -24.95 28.10
C ASP G 164 -51.64 -26.34 27.98
N GLN G 165 -51.16 -26.64 26.78
CA GLN G 165 -50.51 -27.92 26.55
C GLN G 165 -49.30 -28.05 27.46
N ASP G 166 -49.16 -29.20 28.12
CA ASP G 166 -48.03 -29.42 28.99
C ASP G 166 -46.74 -29.44 28.18
N SER G 167 -45.66 -28.95 28.79
CA SER G 167 -44.37 -28.88 28.12
C SER G 167 -43.49 -30.09 28.40
N LYS G 168 -44.00 -31.10 29.09
CA LYS G 168 -43.21 -32.27 29.42
C LYS G 168 -43.79 -33.57 28.87
N ASP G 169 -45.12 -33.68 28.77
CA ASP G 169 -45.74 -34.88 28.24
C ASP G 169 -46.90 -34.59 27.30
N SER G 170 -47.11 -33.32 26.93
CA SER G 170 -48.01 -32.92 25.86
C SER G 170 -49.45 -33.30 26.14
N THR G 171 -49.89 -33.22 27.39
CA THR G 171 -51.26 -33.53 27.75
C THR G 171 -51.98 -32.28 28.23
N TYR G 172 -53.31 -32.33 28.19
CA TYR G 172 -54.16 -31.23 28.59
C TYR G 172 -54.83 -31.55 29.92
N SER G 173 -55.64 -30.60 30.38
CA SER G 173 -56.47 -30.79 31.58
C SER G 173 -57.65 -29.85 31.49
N MET G 174 -58.68 -30.11 32.30
CA MET G 174 -59.87 -29.29 32.31
C MET G 174 -60.44 -29.21 33.72
N SER G 175 -60.94 -28.04 34.08
CA SER G 175 -61.64 -27.83 35.34
C SER G 175 -63.09 -27.49 35.06
N SER G 176 -64.00 -28.37 35.44
CA SER G 176 -65.43 -28.18 35.24
C SER G 176 -66.10 -27.98 36.58
N THR G 177 -66.90 -26.93 36.70
CA THR G 177 -67.54 -26.58 37.97
C THR G 177 -69.01 -26.25 37.74
N LEU G 178 -69.83 -26.56 38.74
CA LEU G 178 -71.27 -26.34 38.69
C LEU G 178 -71.69 -25.56 39.93
N THR G 179 -72.19 -24.35 39.74
CA THR G 179 -72.51 -23.43 40.82
C THR G 179 -74.02 -23.27 40.94
N LEU G 180 -74.55 -23.48 42.14
CA LEU G 180 -75.98 -23.36 42.39
C LEU G 180 -76.16 -22.74 43.78
N THR G 181 -77.39 -22.79 44.29
CA THR G 181 -77.70 -22.34 45.64
C THR G 181 -78.09 -23.52 46.51
N LYS G 182 -77.67 -23.47 47.77
CA LYS G 182 -77.92 -24.56 48.71
C LYS G 182 -79.41 -24.69 49.00
#